data_2FG7
#
_entry.id   2FG7
#
_cell.length_a   156.424
_cell.length_b   156.424
_cell.length_c   120.645
_cell.angle_alpha   90.00
_cell.angle_beta   90.00
_cell.angle_gamma   90.00
#
_symmetry.space_group_name_H-M   'P 43'
#
loop_
_entity.id
_entity.type
_entity.pdbx_description
1 polymer 'putative ornithine carbamoyltransferase'
2 non-polymer 'SULFATE ION'
3 non-polymer N-(3-CARBOXYPROPANOYL)-L-NORVALINE
4 non-polymer 'PHOSPHORIC ACID MONO(FORMAMIDE)ESTER'
5 water water
#
_entity_poly.entity_id   1
_entity_poly.type   'polypeptide(L)'
_entity_poly.pdbx_seq_one_letter_code
;MGSSHHHHHHSSGLVPRGSHMKKFTCVQDIGDLKSALAESFEIKKDRFKYVELGRNKTLLMIFFNSSLRTRLSTQKAALN
LGMNVIVLDINQGAWKLETERGVIMDGDKPEHLLEAIPVMGCYCDIIGVRSFARFENREYDYNEVIINQFIQHSGRPVFS
MEAATRHPLQSFADLITIEEYKKTARPKVVMTWAPHPRPLPQAVPNSFAEWMNATDYEFVITHPEGYELDPKFVGNARVE
YDQMKAFEGADFIYAKNWAAYLGDNYGQILSTDRNWTVGDRQMAVTNNAYFMHCLPVRRNMIVTDDVIESPQSIVIPEAA
NREISATVVLKRLLENLP
;
_entity_poly.pdbx_strand_id   X,Y,Z,C,D,E
#
loop_
_chem_comp.id
_chem_comp.type
_chem_comp.name
_chem_comp.formula
CP non-polymer 'PHOSPHORIC ACID MONO(FORMAMIDE)ESTER' 'C H4 N O5 P'
SN0 non-polymer N-(3-CARBOXYPROPANOYL)-L-NORVALINE 'C9 H15 N O5'
SO4 non-polymer 'SULFATE ION' 'O4 S -2'
#
# COMPACT_ATOMS: atom_id res chain seq x y z
N GLY A 18 43.17 -23.40 15.22
CA GLY A 18 43.64 -24.54 14.39
C GLY A 18 42.58 -25.63 14.20
N SER A 19 42.79 -26.78 14.85
CA SER A 19 41.86 -27.91 14.78
C SER A 19 40.93 -27.88 15.99
N HIS A 20 40.84 -26.70 16.60
CA HIS A 20 40.01 -26.47 17.76
C HIS A 20 39.14 -25.26 17.46
N MET A 21 38.25 -25.42 16.49
CA MET A 21 37.36 -24.34 16.05
C MET A 21 36.23 -24.07 17.02
N LYS A 22 36.13 -22.83 17.48
CA LYS A 22 35.10 -22.43 18.43
C LYS A 22 34.13 -21.46 17.76
N LYS A 23 34.54 -20.95 16.62
CA LYS A 23 33.71 -20.02 15.84
C LYS A 23 34.30 -19.94 14.45
N PHE A 24 33.60 -19.27 13.55
CA PHE A 24 34.10 -19.11 12.19
C PHE A 24 33.67 -17.75 11.68
N THR A 25 34.54 -16.75 11.83
CA THR A 25 34.25 -15.41 11.37
C THR A 25 35.38 -14.80 10.55
N CYS A 26 36.63 -15.16 10.86
CA CYS A 26 37.78 -14.63 10.12
C CYS A 26 38.68 -15.78 9.68
N VAL A 27 39.49 -15.53 8.67
CA VAL A 27 40.38 -16.55 8.13
C VAL A 27 41.22 -17.28 9.19
N GLN A 28 41.50 -16.62 10.31
CA GLN A 28 42.31 -17.24 11.37
C GLN A 28 41.65 -18.51 11.85
N ASP A 29 40.34 -18.48 12.02
CA ASP A 29 39.58 -19.62 12.50
C ASP A 29 39.80 -20.92 11.73
N ILE A 30 40.15 -20.82 10.46
CA ILE A 30 40.33 -22.03 9.66
C ILE A 30 41.66 -22.74 9.91
N GLY A 31 42.62 -22.00 10.44
CA GLY A 31 43.92 -22.58 10.72
C GLY A 31 44.76 -22.71 9.47
N ASP A 32 45.50 -23.82 9.38
CA ASP A 32 46.37 -24.08 8.24
C ASP A 32 45.57 -24.20 6.94
N LEU A 33 45.83 -23.29 6.00
CA LEU A 33 45.11 -23.32 4.73
C LEU A 33 45.34 -24.61 3.95
N LYS A 34 46.57 -25.12 4.00
CA LYS A 34 46.90 -26.34 3.29
C LYS A 34 45.97 -27.49 3.65
N SER A 35 45.91 -27.84 4.93
CA SER A 35 45.06 -28.93 5.38
C SER A 35 43.58 -28.60 5.24
N ALA A 36 43.25 -27.31 5.29
CA ALA A 36 41.87 -26.87 5.13
C ALA A 36 41.45 -27.20 3.70
N LEU A 37 42.30 -26.85 2.73
CA LEU A 37 42.04 -27.14 1.31
C LEU A 37 42.01 -28.65 1.10
N ALA A 38 42.82 -29.37 1.87
CA ALA A 38 42.87 -30.82 1.78
C ALA A 38 41.48 -31.40 2.05
N GLU A 39 40.90 -31.06 3.20
CA GLU A 39 39.58 -31.54 3.56
C GLU A 39 38.58 -31.10 2.51
N SER A 40 38.71 -29.85 2.06
CA SER A 40 37.80 -29.31 1.06
C SER A 40 37.67 -30.25 -0.12
N PHE A 41 38.82 -30.57 -0.75
CA PHE A 41 38.80 -31.47 -1.90
C PHE A 41 38.45 -32.90 -1.52
N GLU A 42 38.69 -33.26 -0.27
CA GLU A 42 38.37 -34.60 0.19
C GLU A 42 36.86 -34.76 0.06
N ILE A 43 36.15 -33.76 0.56
CA ILE A 43 34.71 -33.72 0.57
C ILE A 43 34.10 -33.50 -0.80
N LYS A 44 34.79 -32.77 -1.67
CA LYS A 44 34.27 -32.56 -3.01
C LYS A 44 34.16 -33.94 -3.64
N LYS A 45 35.15 -34.78 -3.37
CA LYS A 45 35.22 -36.12 -3.92
C LYS A 45 34.20 -37.07 -3.31
N ASP A 46 34.10 -37.06 -1.98
CA ASP A 46 33.17 -37.95 -1.27
C ASP A 46 32.22 -37.09 -0.44
N ARG A 47 31.25 -36.48 -1.10
CA ARG A 47 30.29 -35.60 -0.43
C ARG A 47 29.66 -36.06 0.89
N PHE A 48 29.18 -37.29 0.97
CA PHE A 48 28.55 -37.75 2.20
C PHE A 48 29.43 -38.65 3.06
N LYS A 49 30.74 -38.48 2.96
CA LYS A 49 31.67 -39.28 3.73
C LYS A 49 31.48 -39.14 5.24
N TYR A 50 31.04 -37.97 5.70
CA TYR A 50 30.85 -37.76 7.13
C TYR A 50 29.38 -37.54 7.50
N VAL A 51 28.49 -38.12 6.69
CA VAL A 51 27.07 -37.97 6.91
C VAL A 51 26.61 -38.45 8.30
N GLU A 52 27.46 -39.22 8.98
CA GLU A 52 27.13 -39.74 10.30
C GLU A 52 27.61 -38.85 11.44
N LEU A 53 28.59 -38.00 11.15
CA LEU A 53 29.15 -37.12 12.15
C LEU A 53 28.17 -36.19 12.86
N GLY A 54 27.34 -35.50 12.10
CA GLY A 54 26.40 -34.57 12.70
C GLY A 54 25.04 -35.11 13.12
N ARG A 55 24.91 -36.43 13.16
CA ARG A 55 23.65 -37.05 13.56
C ARG A 55 23.19 -36.48 14.90
N ASN A 56 21.90 -36.19 15.00
CA ASN A 56 21.29 -35.63 16.20
C ASN A 56 21.91 -34.33 16.70
N LYS A 57 22.44 -33.55 15.76
CA LYS A 57 23.04 -32.25 16.04
C LYS A 57 22.20 -31.27 15.23
N THR A 58 21.83 -30.15 15.83
CA THR A 58 20.98 -29.19 15.14
C THR A 58 21.62 -27.86 14.83
N LEU A 59 21.52 -27.47 13.55
CA LEU A 59 22.05 -26.20 13.08
C LEU A 59 20.93 -25.18 12.94
N LEU A 60 21.15 -23.98 13.48
CA LEU A 60 20.16 -22.92 13.37
C LEU A 60 20.74 -21.81 12.52
N MET A 61 20.11 -21.57 11.36
CA MET A 61 20.56 -20.52 10.45
C MET A 61 19.67 -19.30 10.61
N ILE A 62 20.25 -18.18 11.01
CA ILE A 62 19.48 -16.96 11.23
C ILE A 62 19.82 -15.91 10.18
N PHE A 63 18.78 -15.35 9.57
CA PHE A 63 18.97 -14.33 8.53
C PHE A 63 18.39 -12.96 8.83
N PHE A 64 19.26 -11.96 8.90
CA PHE A 64 18.81 -10.59 9.11
C PHE A 64 18.71 -9.92 7.75
N ASN A 65 19.26 -10.57 6.72
CA ASN A 65 19.22 -10.07 5.35
C ASN A 65 18.89 -11.16 4.35
N SER A 66 18.67 -10.77 3.10
CA SER A 66 18.34 -11.71 2.03
C SER A 66 19.51 -12.64 1.71
N SER A 67 19.22 -13.72 0.98
CA SER A 67 20.24 -14.69 0.62
C SER A 67 19.70 -15.86 -0.22
N LEU A 68 20.48 -16.23 -1.23
CA LEU A 68 20.12 -17.34 -2.10
C LEU A 68 21.19 -18.41 -1.87
N ARG A 69 22.43 -18.08 -2.24
CA ARG A 69 23.55 -19.01 -2.10
C ARG A 69 23.80 -19.47 -0.66
N THR A 70 24.06 -18.53 0.25
CA THR A 70 24.33 -18.90 1.63
C THR A 70 23.16 -19.69 2.21
N ARG A 71 21.96 -19.23 1.92
CA ARG A 71 20.74 -19.88 2.38
C ARG A 71 20.68 -21.35 1.93
N LEU A 72 20.82 -21.57 0.63
CA LEU A 72 20.77 -22.90 0.07
C LEU A 72 21.98 -23.77 0.38
N SER A 73 23.16 -23.27 0.03
CA SER A 73 24.41 -24.00 0.24
C SER A 73 24.63 -24.47 1.67
N THR A 74 24.28 -23.64 2.66
CA THR A 74 24.50 -24.01 4.05
C THR A 74 23.58 -25.12 4.52
N GLN A 75 22.35 -25.17 4.02
CA GLN A 75 21.44 -26.24 4.43
C GLN A 75 22.00 -27.55 3.87
N LYS A 76 22.36 -27.53 2.58
CA LYS A 76 22.90 -28.71 1.92
C LYS A 76 24.12 -29.21 2.70
N ALA A 77 25.01 -28.30 3.03
CA ALA A 77 26.23 -28.64 3.77
C ALA A 77 25.85 -29.37 5.05
N ALA A 78 24.92 -28.80 5.81
CA ALA A 78 24.48 -29.40 7.06
C ALA A 78 23.95 -30.80 6.83
N LEU A 79 23.24 -30.97 5.71
CA LEU A 79 22.68 -32.27 5.36
C LEU A 79 23.77 -33.29 5.04
N ASN A 80 24.83 -32.82 4.38
CA ASN A 80 25.94 -33.72 4.05
C ASN A 80 26.51 -34.32 5.34
N LEU A 81 26.36 -33.59 6.44
CA LEU A 81 26.86 -34.04 7.72
C LEU A 81 25.80 -34.71 8.58
N GLY A 82 24.68 -35.08 7.98
CA GLY A 82 23.61 -35.72 8.72
C GLY A 82 22.99 -34.90 9.84
N MET A 83 23.14 -33.58 9.76
CA MET A 83 22.60 -32.69 10.78
C MET A 83 21.13 -32.35 10.58
N ASN A 84 20.58 -31.64 11.56
CA ASN A 84 19.22 -31.17 11.52
C ASN A 84 19.34 -29.70 11.19
N VAL A 85 18.44 -29.16 10.38
CA VAL A 85 18.52 -27.77 10.01
C VAL A 85 17.26 -26.98 10.25
N ILE A 86 17.40 -25.83 10.89
CA ILE A 86 16.26 -24.96 11.14
C ILE A 86 16.66 -23.60 10.59
N VAL A 87 15.93 -23.12 9.58
CA VAL A 87 16.24 -21.82 9.01
C VAL A 87 15.25 -20.81 9.55
N LEU A 88 15.78 -19.75 10.16
CA LEU A 88 14.95 -18.73 10.75
C LEU A 88 15.21 -17.39 10.09
N ASP A 89 14.14 -16.78 9.57
CA ASP A 89 14.24 -15.48 8.96
C ASP A 89 13.56 -14.53 9.93
N ILE A 90 14.35 -13.81 10.71
CA ILE A 90 13.77 -12.87 11.66
C ILE A 90 12.98 -11.89 10.80
N ASN A 91 12.14 -11.09 11.44
CA ASN A 91 11.35 -10.11 10.71
C ASN A 91 10.16 -10.76 10.04
N GLN A 92 10.38 -11.91 9.43
CA GLN A 92 9.28 -12.60 8.78
C GLN A 92 8.40 -13.33 9.81
N GLY A 93 8.81 -14.52 10.22
CA GLY A 93 8.03 -15.27 11.19
C GLY A 93 8.17 -14.87 12.65
N ALA A 94 9.26 -14.19 13.00
CA ALA A 94 9.51 -13.79 14.38
C ALA A 94 9.15 -12.34 14.69
N TRP A 95 9.52 -11.90 15.89
CA TRP A 95 9.26 -10.55 16.35
C TRP A 95 10.43 -9.63 16.06
N LYS A 96 10.15 -8.40 15.66
CA LYS A 96 11.20 -7.43 15.37
C LYS A 96 12.07 -7.25 16.62
N LEU A 97 13.38 -7.18 16.43
CA LEU A 97 14.28 -7.06 17.55
C LEU A 97 14.81 -5.66 17.85
N GLU A 98 14.81 -5.29 19.13
CA GLU A 98 15.36 -4.01 19.54
C GLU A 98 16.81 -4.29 19.80
N THR A 99 17.67 -3.59 19.08
CA THR A 99 19.10 -3.82 19.19
C THR A 99 19.83 -3.00 20.27
N GLU A 100 19.32 -1.81 20.56
CA GLU A 100 19.94 -0.94 21.56
C GLU A 100 19.51 -1.24 22.99
N ARG A 101 20.45 -1.18 23.92
CA ARG A 101 20.13 -1.46 25.32
C ARG A 101 19.74 -0.23 26.13
N GLY A 102 18.86 -0.43 27.10
CA GLY A 102 18.43 0.67 27.94
C GLY A 102 17.33 1.57 27.41
N VAL A 103 16.77 1.20 26.26
CA VAL A 103 15.70 1.99 25.65
C VAL A 103 14.37 1.52 26.24
N ILE A 104 13.33 2.34 26.14
CA ILE A 104 12.02 1.92 26.63
C ILE A 104 11.32 1.32 25.41
N MET A 105 11.21 0.00 25.40
CA MET A 105 10.60 -0.70 24.28
C MET A 105 9.10 -0.48 24.15
N ASP A 106 8.73 0.75 23.86
CA ASP A 106 7.34 1.10 23.70
C ASP A 106 7.00 1.43 22.25
N GLY A 107 7.45 0.60 21.33
CA GLY A 107 7.15 0.87 19.94
C GLY A 107 7.27 -0.32 18.99
N ASP A 108 7.93 -0.05 17.88
CA ASP A 108 8.16 -0.98 16.79
C ASP A 108 8.62 -2.39 17.20
N LYS A 109 9.54 -2.47 18.15
CA LYS A 109 10.11 -3.74 18.62
C LYS A 109 9.46 -4.41 19.82
N PRO A 110 8.97 -5.65 19.66
CA PRO A 110 8.33 -6.39 20.74
C PRO A 110 9.36 -7.17 21.56
N GLU A 111 10.49 -7.48 20.95
CA GLU A 111 11.54 -8.24 21.62
C GLU A 111 12.91 -7.60 21.53
N HIS A 112 13.75 -7.85 22.53
CA HIS A 112 15.08 -7.28 22.54
C HIS A 112 16.13 -8.34 22.18
N LEU A 113 17.13 -7.93 21.40
CA LEU A 113 18.19 -8.82 20.96
C LEU A 113 18.83 -9.55 22.14
N LEU A 114 18.91 -8.87 23.28
CA LEU A 114 19.52 -9.46 24.47
C LEU A 114 18.83 -10.72 24.98
N GLU A 115 17.54 -10.87 24.66
CA GLU A 115 16.83 -12.07 25.08
C GLU A 115 16.85 -13.04 23.91
N ALA A 116 16.61 -12.50 22.71
CA ALA A 116 16.56 -13.29 21.48
C ALA A 116 17.76 -14.22 21.29
N ILE A 117 18.96 -13.68 21.38
CA ILE A 117 20.16 -14.46 21.18
C ILE A 117 20.25 -15.67 22.13
N PRO A 118 20.19 -15.44 23.45
CA PRO A 118 20.28 -16.57 24.38
C PRO A 118 19.22 -17.61 24.06
N VAL A 119 18.00 -17.13 23.83
CA VAL A 119 16.88 -18.01 23.52
C VAL A 119 17.14 -18.89 22.31
N MET A 120 17.62 -18.28 21.22
CA MET A 120 17.88 -19.04 20.01
C MET A 120 18.93 -20.12 20.29
N GLY A 121 19.94 -19.77 21.08
CA GLY A 121 20.97 -20.73 21.41
C GLY A 121 20.43 -21.94 22.16
N CYS A 122 19.30 -21.78 22.82
CA CYS A 122 18.72 -22.88 23.58
C CYS A 122 18.29 -24.07 22.75
N TYR A 123 17.91 -23.85 21.50
CA TYR A 123 17.40 -24.94 20.69
C TYR A 123 18.27 -25.54 19.62
N CYS A 124 19.57 -25.24 19.63
CA CYS A 124 20.45 -25.80 18.62
C CYS A 124 21.84 -26.10 19.17
N ASP A 125 22.72 -26.62 18.32
CA ASP A 125 24.08 -26.94 18.71
C ASP A 125 25.05 -25.95 18.10
N ILE A 126 24.76 -25.55 16.87
CA ILE A 126 25.61 -24.60 16.15
C ILE A 126 24.74 -23.50 15.54
N ILE A 127 25.25 -22.28 15.51
CA ILE A 127 24.50 -21.15 14.95
C ILE A 127 25.20 -20.45 13.78
N GLY A 128 24.42 -20.12 12.77
CA GLY A 128 24.94 -19.41 11.63
C GLY A 128 24.18 -18.10 11.55
N VAL A 129 24.88 -16.98 11.42
CA VAL A 129 24.20 -15.70 11.36
C VAL A 129 24.59 -14.87 10.17
N ARG A 130 23.62 -14.13 9.63
CA ARG A 130 23.90 -13.21 8.53
C ARG A 130 23.37 -11.86 8.98
N SER A 131 24.27 -10.89 9.10
CA SER A 131 23.90 -9.54 9.53
C SER A 131 24.75 -8.50 8.81
N PHE A 132 24.22 -8.01 7.70
CA PHE A 132 24.89 -7.02 6.88
C PHE A 132 25.20 -5.76 7.67
N ALA A 133 26.24 -5.05 7.27
CA ALA A 133 26.61 -3.81 7.92
C ALA A 133 25.38 -2.90 7.80
N ARG A 134 25.09 -2.14 8.84
CA ARG A 134 23.92 -1.26 8.83
C ARG A 134 24.24 0.12 8.27
N PHE A 135 25.52 0.42 8.13
CA PHE A 135 25.97 1.71 7.62
C PHE A 135 25.36 2.88 8.38
N GLU A 136 25.10 2.69 9.66
CA GLU A 136 24.54 3.77 10.47
C GLU A 136 25.64 4.34 11.35
N ASN A 137 26.68 3.55 11.57
CA ASN A 137 27.81 3.94 12.42
C ASN A 137 28.98 2.99 12.18
N ARG A 138 30.05 3.52 11.59
CA ARG A 138 31.20 2.68 11.29
C ARG A 138 31.68 1.82 12.46
N GLU A 139 31.81 2.43 13.62
CA GLU A 139 32.27 1.68 14.79
C GLU A 139 31.39 0.48 15.10
N TYR A 140 30.09 0.71 15.14
CA TYR A 140 29.14 -0.37 15.43
C TYR A 140 29.35 -1.51 14.44
N ASP A 141 29.52 -1.17 13.18
CA ASP A 141 29.72 -2.18 12.16
C ASP A 141 31.08 -2.85 12.26
N TYR A 142 32.13 -2.05 12.24
CA TYR A 142 33.45 -2.63 12.30
C TYR A 142 33.84 -3.31 13.61
N ASN A 143 33.19 -2.95 14.70
CA ASN A 143 33.48 -3.62 15.96
C ASN A 143 32.64 -4.90 15.95
N GLU A 144 31.88 -5.07 14.87
CA GLU A 144 31.04 -6.24 14.69
C GLU A 144 30.23 -6.54 15.94
N VAL A 145 29.50 -5.53 16.41
CA VAL A 145 28.71 -5.66 17.63
C VAL A 145 27.71 -6.81 17.62
N ILE A 146 26.87 -6.88 16.59
CA ILE A 146 25.87 -7.94 16.54
C ILE A 146 26.44 -9.35 16.46
N ILE A 147 27.29 -9.61 15.47
CA ILE A 147 27.86 -10.94 15.32
C ILE A 147 28.57 -11.35 16.60
N ASN A 148 29.12 -10.38 17.32
CA ASN A 148 29.82 -10.66 18.58
C ASN A 148 28.87 -10.96 19.72
N GLN A 149 27.73 -10.27 19.76
CA GLN A 149 26.75 -10.52 20.80
C GLN A 149 26.24 -11.94 20.70
N PHE A 150 26.22 -12.47 19.47
CA PHE A 150 25.78 -13.83 19.27
C PHE A 150 26.83 -14.74 19.89
N ILE A 151 28.08 -14.44 19.57
CA ILE A 151 29.20 -15.21 20.08
C ILE A 151 29.19 -15.20 21.61
N GLN A 152 29.00 -14.02 22.18
CA GLN A 152 28.98 -13.86 23.63
C GLN A 152 27.81 -14.46 24.37
N HIS A 153 26.60 -14.26 23.84
CA HIS A 153 25.40 -14.75 24.53
C HIS A 153 24.59 -15.92 23.97
N SER A 154 24.94 -16.42 22.80
CA SER A 154 24.17 -17.54 22.24
C SER A 154 24.45 -18.82 23.02
N GLY A 155 25.68 -18.96 23.49
CA GLY A 155 26.03 -20.15 24.22
C GLY A 155 26.34 -21.29 23.29
N ARG A 156 26.54 -20.97 22.02
CA ARG A 156 26.84 -21.96 21.00
C ARG A 156 27.92 -21.47 20.05
N PRO A 157 28.52 -22.38 19.27
CA PRO A 157 29.56 -21.96 18.32
C PRO A 157 28.86 -21.14 17.24
N VAL A 158 29.44 -20.02 16.86
CA VAL A 158 28.81 -19.19 15.85
C VAL A 158 29.67 -19.04 14.62
N PHE A 159 29.07 -19.25 13.45
CA PHE A 159 29.81 -19.06 12.20
C PHE A 159 29.08 -18.00 11.40
N SER A 160 29.87 -17.17 10.73
CA SER A 160 29.36 -16.07 9.93
C SER A 160 28.80 -16.45 8.54
N MET A 161 27.65 -15.88 8.21
CA MET A 161 27.03 -16.10 6.90
C MET A 161 27.09 -14.75 6.23
N GLU A 162 28.06 -13.97 6.71
CA GLU A 162 28.38 -12.61 6.29
C GLU A 162 27.98 -11.66 7.39
N ALA A 163 28.99 -11.07 8.02
CA ALA A 163 28.79 -10.12 9.09
C ALA A 163 28.90 -8.74 8.49
N ALA A 164 29.23 -7.76 9.31
CA ALA A 164 29.34 -6.40 8.81
C ALA A 164 30.64 -6.15 8.04
N THR A 165 31.70 -6.87 8.39
CA THR A 165 32.98 -6.65 7.73
C THR A 165 33.65 -7.84 7.10
N ARG A 166 33.08 -9.03 7.25
CA ARG A 166 33.68 -10.23 6.64
C ARG A 166 32.64 -11.20 6.09
N HIS A 167 33.11 -12.22 5.38
CA HIS A 167 32.23 -13.23 4.82
C HIS A 167 33.11 -14.44 4.54
N PRO A 168 33.72 -14.99 5.60
CA PRO A 168 34.62 -16.15 5.51
C PRO A 168 34.11 -17.31 4.66
N LEU A 169 32.88 -17.74 4.89
CA LEU A 169 32.32 -18.85 4.12
C LEU A 169 32.50 -18.63 2.62
N GLN A 170 32.29 -17.39 2.18
CA GLN A 170 32.42 -17.04 0.76
C GLN A 170 33.89 -17.08 0.32
N SER A 171 34.73 -16.34 1.02
CA SER A 171 36.15 -16.28 0.72
C SER A 171 36.78 -17.66 0.71
N PHE A 172 36.54 -18.44 1.75
CA PHE A 172 37.09 -19.80 1.83
C PHE A 172 36.74 -20.53 0.52
N ALA A 173 35.51 -20.35 0.04
CA ALA A 173 35.07 -21.00 -1.20
C ALA A 173 35.86 -20.45 -2.39
N ASP A 174 36.04 -19.14 -2.42
CA ASP A 174 36.80 -18.51 -3.50
C ASP A 174 38.21 -19.12 -3.53
N LEU A 175 38.79 -19.32 -2.36
CA LEU A 175 40.13 -19.90 -2.27
C LEU A 175 40.08 -21.28 -2.92
N ILE A 176 39.13 -22.09 -2.48
CA ILE A 176 38.96 -23.43 -3.01
C ILE A 176 38.86 -23.45 -4.54
N THR A 177 38.10 -22.52 -5.11
CA THR A 177 37.95 -22.52 -6.56
C THR A 177 39.22 -22.03 -7.28
N ILE A 178 39.95 -21.09 -6.69
CA ILE A 178 41.17 -20.60 -7.31
C ILE A 178 42.19 -21.72 -7.31
N GLU A 179 42.30 -22.45 -6.21
CA GLU A 179 43.21 -23.57 -6.13
C GLU A 179 42.76 -24.58 -7.17
N GLU A 180 41.45 -24.79 -7.22
CA GLU A 180 40.82 -25.73 -8.12
C GLU A 180 41.07 -25.42 -9.60
N TYR A 181 41.18 -24.14 -9.95
CA TYR A 181 41.38 -23.75 -11.36
C TYR A 181 42.74 -23.16 -11.77
N LYS A 182 43.55 -22.72 -10.81
CA LYS A 182 44.83 -22.11 -11.16
C LYS A 182 45.70 -22.97 -12.05
N LYS A 183 46.44 -22.30 -12.94
CA LYS A 183 47.34 -22.93 -13.90
C LYS A 183 48.78 -22.92 -13.42
N THR A 184 49.04 -22.15 -12.36
CA THR A 184 50.38 -22.07 -11.79
C THR A 184 50.24 -22.03 -10.28
N ALA A 185 51.35 -22.26 -9.58
CA ALA A 185 51.34 -22.27 -8.12
C ALA A 185 50.92 -20.97 -7.47
N ARG A 186 51.41 -19.85 -7.98
CA ARG A 186 51.09 -18.56 -7.39
C ARG A 186 50.59 -17.58 -8.43
N PRO A 187 49.31 -17.71 -8.81
CA PRO A 187 48.69 -16.84 -9.81
C PRO A 187 48.52 -15.39 -9.38
N LYS A 188 48.26 -14.52 -10.35
CA LYS A 188 48.04 -13.12 -10.07
C LYS A 188 46.52 -12.99 -9.91
N VAL A 189 46.10 -12.66 -8.71
CA VAL A 189 44.69 -12.50 -8.42
C VAL A 189 44.41 -11.01 -8.20
N VAL A 190 43.51 -10.47 -9.00
CA VAL A 190 43.17 -9.06 -8.91
C VAL A 190 41.72 -8.84 -8.50
N MET A 191 41.52 -8.22 -7.35
CA MET A 191 40.16 -7.90 -6.90
C MET A 191 39.86 -6.51 -7.43
N THR A 192 38.77 -6.39 -8.20
CA THR A 192 38.41 -5.10 -8.76
C THR A 192 37.05 -4.58 -8.33
N TRP A 193 36.98 -3.28 -8.10
CA TRP A 193 35.74 -2.61 -7.73
C TRP A 193 34.94 -2.50 -9.03
N ALA A 194 33.64 -2.26 -8.92
CA ALA A 194 32.79 -2.10 -10.09
C ALA A 194 31.62 -1.23 -9.66
N PRO A 195 31.02 -0.48 -10.59
CA PRO A 195 29.89 0.41 -10.29
C PRO A 195 28.62 -0.33 -9.88
N HIS A 196 27.89 0.25 -8.93
CA HIS A 196 26.65 -0.35 -8.45
C HIS A 196 25.70 0.79 -8.07
N PRO A 197 24.38 0.58 -8.26
CA PRO A 197 23.39 1.61 -7.93
C PRO A 197 23.09 1.81 -6.45
N ARG A 198 23.44 0.83 -5.62
CA ARG A 198 23.16 0.95 -4.19
C ARG A 198 24.41 0.75 -3.33
N PRO A 199 24.44 1.36 -2.14
CA PRO A 199 25.59 1.24 -1.24
C PRO A 199 25.72 -0.15 -0.62
N LEU A 200 26.75 -0.89 -1.03
CA LEU A 200 26.95 -2.24 -0.52
C LEU A 200 28.03 -2.32 0.54
N PRO A 201 27.95 -3.32 1.44
CA PRO A 201 28.93 -3.51 2.51
C PRO A 201 30.31 -3.80 1.94
N GLN A 202 31.36 -3.64 2.73
CA GLN A 202 32.69 -3.94 2.23
C GLN A 202 33.13 -5.31 2.77
N ALA A 203 32.17 -6.04 3.32
CA ALA A 203 32.41 -7.37 3.89
C ALA A 203 33.08 -8.34 2.93
N VAL A 204 32.56 -8.43 1.72
CA VAL A 204 33.14 -9.34 0.74
C VAL A 204 34.56 -8.94 0.36
N PRO A 205 34.78 -7.67 -0.01
CA PRO A 205 36.12 -7.23 -0.38
C PRO A 205 37.07 -7.44 0.78
N ASN A 206 36.68 -6.96 1.96
CA ASN A 206 37.51 -7.11 3.17
C ASN A 206 37.91 -8.55 3.33
N SER A 207 36.90 -9.43 3.30
CA SER A 207 37.10 -10.86 3.46
C SER A 207 38.01 -11.47 2.39
N PHE A 208 37.78 -11.11 1.13
CA PHE A 208 38.60 -11.64 0.04
C PHE A 208 40.06 -11.25 0.25
N ALA A 209 40.29 -9.97 0.50
CA ALA A 209 41.63 -9.45 0.73
C ALA A 209 42.27 -10.24 1.86
N GLU A 210 41.52 -10.35 2.96
CA GLU A 210 42.00 -11.07 4.14
C GLU A 210 42.51 -12.46 3.80
N TRP A 211 41.71 -13.18 3.01
CA TRP A 211 42.10 -14.52 2.63
C TRP A 211 43.23 -14.53 1.60
N MET A 212 43.16 -13.67 0.59
CA MET A 212 44.22 -13.65 -0.41
C MET A 212 45.55 -13.31 0.23
N ASN A 213 45.55 -12.41 1.22
CA ASN A 213 46.78 -12.04 1.91
C ASN A 213 47.35 -13.23 2.66
N ALA A 214 46.51 -14.20 2.98
CA ALA A 214 46.93 -15.40 3.70
C ALA A 214 47.60 -16.39 2.77
N THR A 215 47.41 -16.20 1.46
CA THR A 215 48.02 -17.09 0.47
C THR A 215 49.32 -16.44 0.04
N ASP A 216 49.98 -17.05 -0.94
CA ASP A 216 51.23 -16.51 -1.45
C ASP A 216 51.05 -16.19 -2.93
N TYR A 217 49.80 -15.91 -3.30
CA TYR A 217 49.47 -15.53 -4.67
C TYR A 217 49.95 -14.09 -4.85
N GLU A 218 49.94 -13.60 -6.09
CA GLU A 218 50.31 -12.21 -6.32
C GLU A 218 48.98 -11.49 -6.25
N PHE A 219 48.69 -10.88 -5.10
CA PHE A 219 47.42 -10.20 -4.91
C PHE A 219 47.44 -8.70 -5.15
N VAL A 220 46.47 -8.24 -5.94
CA VAL A 220 46.36 -6.81 -6.27
C VAL A 220 44.93 -6.34 -6.11
N ILE A 221 44.77 -5.16 -5.52
CA ILE A 221 43.45 -4.57 -5.31
C ILE A 221 43.35 -3.30 -6.15
N THR A 222 42.29 -3.17 -6.93
CA THR A 222 42.12 -1.99 -7.77
C THR A 222 40.74 -1.37 -7.61
N HIS A 223 40.71 -0.09 -7.29
CA HIS A 223 39.45 0.61 -7.11
C HIS A 223 39.62 2.11 -7.31
N PRO A 224 38.51 2.83 -7.52
CA PRO A 224 38.61 4.27 -7.73
C PRO A 224 39.14 4.97 -6.49
N GLU A 225 39.58 6.21 -6.65
CA GLU A 225 40.08 7.00 -5.53
C GLU A 225 38.93 7.22 -4.57
N GLY A 226 39.20 7.08 -3.27
CA GLY A 226 38.15 7.27 -2.28
C GLY A 226 37.60 5.97 -1.71
N TYR A 227 37.72 4.91 -2.48
CA TYR A 227 37.20 3.61 -2.05
C TYR A 227 38.20 2.74 -1.31
N GLU A 228 39.17 3.35 -0.63
CA GLU A 228 40.16 2.56 0.09
C GLU A 228 39.50 1.75 1.20
N LEU A 229 39.84 0.47 1.28
CA LEU A 229 39.31 -0.40 2.31
C LEU A 229 40.14 -0.24 3.57
N ASP A 230 39.63 -0.69 4.71
CA ASP A 230 40.36 -0.57 5.95
C ASP A 230 41.74 -1.24 5.84
N PRO A 231 42.77 -0.56 6.34
CA PRO A 231 44.14 -1.10 6.31
C PRO A 231 44.27 -2.52 6.84
N LYS A 232 43.60 -2.79 7.96
CA LYS A 232 43.69 -4.12 8.56
C LYS A 232 43.27 -5.22 7.60
N PHE A 233 42.50 -4.86 6.57
CA PHE A 233 42.08 -5.86 5.60
C PHE A 233 42.98 -5.79 4.36
N VAL A 234 43.23 -4.56 3.90
CA VAL A 234 44.08 -4.34 2.74
C VAL A 234 45.41 -5.03 2.96
N GLY A 235 45.87 -5.00 4.21
CA GLY A 235 47.13 -5.61 4.55
C GLY A 235 48.22 -4.97 3.74
N ASN A 236 49.14 -5.78 3.23
CA ASN A 236 50.23 -5.25 2.43
C ASN A 236 50.03 -5.63 0.97
N ALA A 237 48.77 -5.65 0.54
CA ALA A 237 48.44 -5.98 -0.83
C ALA A 237 48.67 -4.74 -1.68
N ARG A 238 48.97 -4.94 -2.95
CA ARG A 238 49.23 -3.84 -3.87
C ARG A 238 47.91 -3.18 -4.28
N VAL A 239 47.82 -1.87 -4.11
CA VAL A 239 46.61 -1.16 -4.50
C VAL A 239 46.91 -0.34 -5.76
N GLU A 240 46.21 -0.64 -6.84
CA GLU A 240 46.38 0.05 -8.12
C GLU A 240 45.14 0.85 -8.49
N TYR A 241 45.27 2.18 -8.63
CA TYR A 241 44.12 3.00 -8.98
C TYR A 241 43.79 2.98 -10.46
N ASP A 242 44.67 2.39 -11.26
CA ASP A 242 44.44 2.27 -12.70
C ASP A 242 43.97 0.85 -12.97
N GLN A 243 42.67 0.69 -13.17
CA GLN A 243 42.10 -0.62 -13.40
C GLN A 243 42.83 -1.38 -14.51
N MET A 244 42.94 -0.77 -15.68
CA MET A 244 43.61 -1.43 -16.79
C MET A 244 45.00 -1.93 -16.42
N LYS A 245 45.72 -1.17 -15.61
CA LYS A 245 47.06 -1.56 -15.20
C LYS A 245 47.03 -2.78 -14.32
N ALA A 246 46.08 -2.79 -13.38
CA ALA A 246 45.95 -3.89 -12.46
C ALA A 246 45.65 -5.19 -13.22
N PHE A 247 44.69 -5.11 -14.13
CA PHE A 247 44.29 -6.28 -14.92
C PHE A 247 45.40 -6.92 -15.74
N GLU A 248 46.39 -6.13 -16.13
CA GLU A 248 47.48 -6.64 -16.94
C GLU A 248 48.06 -7.98 -16.48
N GLY A 249 47.93 -8.99 -17.34
CA GLY A 249 48.47 -10.31 -17.05
C GLY A 249 47.91 -11.05 -15.84
N ALA A 250 46.71 -10.67 -15.41
CA ALA A 250 46.10 -11.31 -14.27
C ALA A 250 45.63 -12.71 -14.65
N ASP A 251 45.53 -13.59 -13.66
CA ASP A 251 45.08 -14.96 -13.86
C ASP A 251 43.65 -15.13 -13.33
N PHE A 252 43.28 -14.26 -12.40
CA PHE A 252 41.95 -14.28 -11.81
C PHE A 252 41.46 -12.88 -11.55
N ILE A 253 40.22 -12.62 -11.94
CA ILE A 253 39.61 -11.32 -11.71
C ILE A 253 38.45 -11.55 -10.75
N TYR A 254 38.51 -10.89 -9.60
CA TYR A 254 37.47 -11.00 -8.59
C TYR A 254 36.78 -9.64 -8.50
N ALA A 255 35.68 -9.49 -9.21
CA ALA A 255 34.96 -8.23 -9.21
C ALA A 255 33.93 -8.19 -8.11
N LYS A 256 33.78 -7.02 -7.50
CA LYS A 256 32.82 -6.82 -6.42
C LYS A 256 32.70 -5.35 -6.06
N ASN A 257 31.48 -4.86 -5.93
CA ASN A 257 31.30 -3.46 -5.57
C ASN A 257 31.22 -3.31 -4.07
N TRP A 258 31.51 -2.12 -3.58
CA TRP A 258 31.44 -1.82 -2.17
C TRP A 258 31.36 -0.30 -1.98
N ALA A 259 30.52 0.14 -1.06
CA ALA A 259 30.37 1.55 -0.78
C ALA A 259 31.63 2.05 -0.10
N ALA A 260 31.83 3.37 -0.10
CA ALA A 260 33.01 3.97 0.51
C ALA A 260 33.19 3.56 1.96
N TYR A 261 34.36 3.84 2.51
CA TYR A 261 34.66 3.48 3.89
C TYR A 261 35.34 4.59 4.70
N LEU A 262 36.22 5.34 4.05
CA LEU A 262 36.95 6.41 4.71
C LEU A 262 36.25 7.71 5.04
N GLY A 263 36.70 8.31 6.13
CA GLY A 263 36.16 9.59 6.56
C GLY A 263 34.66 9.81 6.49
N ASP A 264 34.27 10.95 5.93
CA ASP A 264 32.87 11.33 5.85
C ASP A 264 32.03 10.58 4.83
N ASN A 265 32.59 9.56 4.21
CA ASN A 265 31.82 8.81 3.22
C ASN A 265 31.49 7.38 3.59
N TYR A 266 31.61 7.03 4.87
CA TYR A 266 31.30 5.67 5.26
C TYR A 266 29.93 5.26 4.72
N GLY A 267 29.90 4.14 4.00
CA GLY A 267 28.67 3.61 3.43
C GLY A 267 28.01 4.46 2.37
N GLN A 268 28.80 5.23 1.62
CA GLN A 268 28.24 6.07 0.57
C GLN A 268 28.78 5.80 -0.81
N ILE A 269 27.96 6.10 -1.82
CA ILE A 269 28.34 5.90 -3.20
C ILE A 269 29.09 7.12 -3.68
N LEU A 270 30.40 6.97 -3.92
CA LEU A 270 31.21 8.08 -4.39
C LEU A 270 31.10 8.22 -5.90
N SER A 271 30.88 7.10 -6.59
CA SER A 271 30.73 7.14 -8.03
C SER A 271 30.07 5.89 -8.60
N THR A 272 29.64 6.00 -9.85
CA THR A 272 29.03 4.88 -10.54
C THR A 272 29.66 4.88 -11.93
N ASP A 273 30.94 5.24 -11.96
CA ASP A 273 31.73 5.30 -13.19
C ASP A 273 31.65 3.95 -13.89
N ARG A 274 30.87 3.88 -14.95
CA ARG A 274 30.71 2.62 -15.65
C ARG A 274 31.93 2.16 -16.44
N ASN A 275 33.02 2.92 -16.40
CA ASN A 275 34.23 2.51 -17.10
C ASN A 275 34.88 1.38 -16.35
N TRP A 276 34.43 1.17 -15.11
CA TRP A 276 34.97 0.10 -14.28
C TRP A 276 34.19 -1.19 -14.49
N THR A 277 33.06 -1.13 -15.17
CA THR A 277 32.28 -2.35 -15.40
C THR A 277 33.18 -3.34 -16.10
N VAL A 278 33.51 -4.43 -15.43
CA VAL A 278 34.39 -5.41 -16.02
C VAL A 278 33.79 -5.90 -17.31
N GLY A 279 34.35 -5.41 -18.41
CA GLY A 279 33.88 -5.79 -19.72
C GLY A 279 34.98 -6.50 -20.48
N ASP A 280 34.74 -6.71 -21.78
CA ASP A 280 35.71 -7.39 -22.62
C ASP A 280 37.01 -6.60 -22.74
N ARG A 281 36.89 -5.28 -22.71
CA ARG A 281 38.04 -4.39 -22.80
C ARG A 281 39.14 -4.72 -21.79
N GLN A 282 38.76 -4.80 -20.52
CA GLN A 282 39.72 -5.08 -19.45
C GLN A 282 40.19 -6.53 -19.47
N MET A 283 39.28 -7.45 -19.73
CA MET A 283 39.65 -8.86 -19.74
C MET A 283 40.75 -9.13 -20.75
N ALA A 284 40.65 -8.48 -21.91
CA ALA A 284 41.62 -8.63 -22.98
C ALA A 284 43.06 -8.48 -22.51
N VAL A 285 43.27 -7.53 -21.61
CA VAL A 285 44.60 -7.22 -21.06
C VAL A 285 45.11 -8.26 -20.07
N THR A 286 44.24 -9.15 -19.59
CA THR A 286 44.67 -10.16 -18.63
C THR A 286 45.24 -11.36 -19.37
N ASN A 287 45.93 -12.22 -18.62
CA ASN A 287 46.50 -13.44 -19.18
C ASN A 287 45.37 -14.46 -19.34
N ASN A 288 44.37 -14.09 -20.13
CA ASN A 288 43.21 -14.96 -20.35
C ASN A 288 42.75 -15.42 -18.98
N ALA A 289 42.59 -14.46 -18.07
CA ALA A 289 42.19 -14.74 -16.69
C ALA A 289 40.75 -15.21 -16.54
N TYR A 290 40.49 -15.88 -15.42
CA TYR A 290 39.17 -16.38 -15.10
C TYR A 290 38.40 -15.23 -14.47
N PHE A 291 37.08 -15.25 -14.61
CA PHE A 291 36.27 -14.21 -13.99
C PHE A 291 35.52 -14.82 -12.82
N MET A 292 35.59 -14.14 -11.67
CA MET A 292 34.92 -14.60 -10.47
C MET A 292 34.05 -13.52 -9.83
N HIS A 293 33.02 -13.96 -9.13
CA HIS A 293 32.11 -13.07 -8.42
C HIS A 293 31.29 -13.91 -7.45
N CYS A 294 31.12 -13.40 -6.23
CA CYS A 294 30.38 -14.12 -5.20
C CYS A 294 28.88 -14.24 -5.48
N LEU A 295 28.34 -13.32 -6.28
CA LEU A 295 26.91 -13.31 -6.60
C LEU A 295 26.14 -12.90 -5.34
N PRO A 296 24.99 -12.22 -5.49
CA PRO A 296 24.31 -11.77 -6.70
C PRO A 296 25.16 -10.84 -7.54
N VAL A 297 24.88 -10.76 -8.83
CA VAL A 297 25.64 -9.88 -9.72
C VAL A 297 24.70 -9.12 -10.62
N ARG A 298 24.87 -7.81 -10.70
CA ARG A 298 24.03 -7.02 -11.59
C ARG A 298 24.73 -6.95 -12.93
N ARG A 299 24.15 -7.61 -13.94
CA ARG A 299 24.73 -7.65 -15.26
C ARG A 299 24.78 -6.27 -15.88
N ASN A 300 25.88 -6.00 -16.60
CA ASN A 300 26.08 -4.73 -17.28
C ASN A 300 26.19 -3.56 -16.29
N MET A 301 26.70 -3.87 -15.11
CA MET A 301 26.92 -2.91 -14.05
C MET A 301 28.26 -3.33 -13.47
N ILE A 302 28.29 -4.57 -12.98
CA ILE A 302 29.49 -5.12 -12.42
C ILE A 302 30.28 -5.78 -13.54
N VAL A 303 29.60 -6.55 -14.36
CA VAL A 303 30.25 -7.25 -15.45
C VAL A 303 29.35 -7.38 -16.67
N THR A 304 29.97 -7.38 -17.85
CA THR A 304 29.30 -7.52 -19.13
C THR A 304 28.58 -8.86 -19.26
N ASP A 305 27.50 -8.89 -20.03
CA ASP A 305 26.78 -10.14 -20.25
C ASP A 305 27.77 -11.13 -20.84
N ASP A 306 28.51 -10.68 -21.84
CA ASP A 306 29.50 -11.51 -22.53
C ASP A 306 30.60 -12.07 -21.65
N VAL A 307 31.15 -11.25 -20.76
CA VAL A 307 32.21 -11.71 -19.89
C VAL A 307 31.73 -12.79 -18.95
N ILE A 308 30.61 -12.53 -18.27
CA ILE A 308 30.07 -13.48 -17.32
C ILE A 308 29.64 -14.76 -18.02
N GLU A 309 29.26 -14.64 -19.29
CA GLU A 309 28.83 -15.80 -20.06
C GLU A 309 30.00 -16.47 -20.77
N SER A 310 31.14 -15.80 -20.80
CA SER A 310 32.31 -16.37 -21.47
C SER A 310 32.76 -17.63 -20.75
N PRO A 311 33.58 -18.47 -21.42
CA PRO A 311 34.05 -19.69 -20.79
C PRO A 311 35.08 -19.48 -19.69
N GLN A 312 35.63 -18.27 -19.60
CA GLN A 312 36.62 -17.98 -18.56
C GLN A 312 35.89 -17.64 -17.26
N SER A 313 34.57 -17.53 -17.34
CA SER A 313 33.75 -17.21 -16.18
C SER A 313 33.46 -18.48 -15.39
N ILE A 314 34.03 -18.57 -14.19
CA ILE A 314 33.83 -19.74 -13.33
C ILE A 314 32.89 -19.39 -12.17
N VAL A 315 32.04 -18.39 -12.41
CA VAL A 315 31.08 -17.92 -11.42
C VAL A 315 30.26 -19.04 -10.75
N ILE A 316 29.74 -19.97 -11.54
CA ILE A 316 28.95 -21.05 -10.99
C ILE A 316 29.81 -22.05 -10.22
N PRO A 317 30.90 -22.54 -10.82
CA PRO A 317 31.77 -23.50 -10.13
C PRO A 317 32.13 -22.94 -8.76
N GLU A 318 32.35 -21.63 -8.75
CA GLU A 318 32.69 -20.89 -7.55
C GLU A 318 31.53 -21.04 -6.57
N ALA A 319 30.36 -20.60 -6.99
CA ALA A 319 29.16 -20.71 -6.15
C ALA A 319 28.98 -22.12 -5.61
N ALA A 320 29.20 -23.10 -6.48
CA ALA A 320 29.07 -24.49 -6.09
C ALA A 320 29.96 -24.83 -4.90
N ASN A 321 31.18 -24.29 -4.90
CA ASN A 321 32.14 -24.55 -3.83
C ASN A 321 31.68 -24.01 -2.47
N ARG A 322 30.66 -23.17 -2.48
CA ARG A 322 30.14 -22.64 -1.24
C ARG A 322 29.64 -23.80 -0.38
N GLU A 323 29.21 -24.87 -1.03
CA GLU A 323 28.72 -26.05 -0.32
C GLU A 323 29.88 -26.74 0.40
N ILE A 324 31.04 -26.75 -0.24
CA ILE A 324 32.21 -27.37 0.33
C ILE A 324 32.75 -26.59 1.53
N SER A 325 33.03 -25.30 1.33
CA SER A 325 33.54 -24.48 2.42
C SER A 325 32.62 -24.59 3.65
N ALA A 326 31.30 -24.62 3.41
CA ALA A 326 30.33 -24.74 4.48
C ALA A 326 30.39 -26.12 5.13
N THR A 327 30.53 -27.16 4.33
CA THR A 327 30.62 -28.51 4.89
C THR A 327 31.89 -28.68 5.71
N VAL A 328 32.99 -28.10 5.26
CA VAL A 328 34.24 -28.18 5.99
C VAL A 328 34.13 -27.45 7.31
N VAL A 329 33.69 -26.19 7.27
CA VAL A 329 33.53 -25.41 8.49
C VAL A 329 32.56 -26.08 9.47
N LEU A 330 31.41 -26.50 8.95
CA LEU A 330 30.40 -27.17 9.77
C LEU A 330 30.99 -28.44 10.37
N LYS A 331 31.80 -29.16 9.61
CA LYS A 331 32.39 -30.38 10.11
C LYS A 331 33.32 -30.07 11.27
N ARG A 332 34.25 -29.15 11.05
CA ARG A 332 35.20 -28.76 12.08
C ARG A 332 34.47 -28.37 13.36
N LEU A 333 33.40 -27.58 13.23
CA LEU A 333 32.62 -27.14 14.38
C LEU A 333 32.04 -28.33 15.12
N LEU A 334 31.50 -29.28 14.37
CA LEU A 334 30.94 -30.47 14.98
C LEU A 334 32.01 -31.21 15.76
N GLU A 335 33.12 -31.46 15.09
CA GLU A 335 34.23 -32.19 15.69
C GLU A 335 34.70 -31.57 17.01
N ASN A 336 34.39 -30.31 17.21
CA ASN A 336 34.81 -29.65 18.42
C ASN A 336 33.67 -29.41 19.43
N LEU A 337 32.49 -29.93 19.14
CA LEU A 337 31.37 -29.77 20.04
C LEU A 337 31.64 -30.53 21.32
N PRO A 338 31.21 -29.98 22.46
CA PRO A 338 31.44 -30.66 23.74
C PRO A 338 30.59 -31.92 23.84
N GLY B 18 -5.17 -39.75 30.53
CA GLY B 18 -3.80 -39.31 30.92
C GLY B 18 -2.73 -39.82 29.96
N SER B 19 -2.90 -41.07 29.51
CA SER B 19 -1.97 -41.69 28.55
C SER B 19 -2.76 -41.85 27.26
N HIS B 20 -3.90 -41.17 27.23
CA HIS B 20 -4.80 -41.18 26.10
C HIS B 20 -4.88 -39.76 25.54
N MET B 21 -3.73 -39.15 25.27
CA MET B 21 -3.76 -37.79 24.76
C MET B 21 -4.27 -37.74 23.32
N LYS B 22 -5.35 -37.00 23.11
CA LYS B 22 -5.95 -36.86 21.78
C LYS B 22 -5.75 -35.45 21.25
N LYS B 23 -5.40 -34.54 22.15
CA LYS B 23 -5.15 -33.15 21.82
C LYS B 23 -4.39 -32.52 22.98
N PHE B 24 -3.95 -31.28 22.81
CA PHE B 24 -3.25 -30.60 23.89
C PHE B 24 -3.59 -29.11 23.81
N THR B 25 -4.60 -28.72 24.57
CA THR B 25 -4.99 -27.32 24.58
C THR B 25 -5.17 -26.76 25.99
N CYS B 26 -5.56 -27.62 26.93
CA CYS B 26 -5.72 -27.19 28.32
C CYS B 26 -4.98 -28.13 29.26
N VAL B 27 -4.68 -27.65 30.46
CA VAL B 27 -3.96 -28.44 31.45
C VAL B 27 -4.54 -29.84 31.68
N GLN B 28 -5.84 -30.01 31.47
CA GLN B 28 -6.47 -31.32 31.67
C GLN B 28 -5.82 -32.36 30.78
N ASP B 29 -5.52 -31.99 29.53
CA ASP B 29 -4.90 -32.90 28.58
C ASP B 29 -3.61 -33.57 29.04
N ILE B 30 -2.87 -32.93 29.94
CA ILE B 30 -1.61 -33.51 30.40
C ILE B 30 -1.77 -34.62 31.44
N GLY B 31 -2.92 -34.65 32.08
CA GLY B 31 -3.16 -35.68 33.08
C GLY B 31 -2.47 -35.37 34.39
N ASP B 32 -1.95 -36.42 35.04
CA ASP B 32 -1.27 -36.28 36.32
C ASP B 32 -0.02 -35.41 36.18
N LEU B 33 0.00 -34.28 36.90
CA LEU B 33 1.15 -33.39 36.84
C LEU B 33 2.43 -34.06 37.32
N LYS B 34 2.31 -34.88 38.35
CA LYS B 34 3.48 -35.55 38.90
C LYS B 34 4.25 -36.34 37.84
N SER B 35 3.56 -37.28 37.18
CA SER B 35 4.19 -38.10 36.15
C SER B 35 4.58 -37.28 34.93
N ALA B 36 3.84 -36.20 34.69
CA ALA B 36 4.13 -35.34 33.56
C ALA B 36 5.51 -34.71 33.81
N LEU B 37 5.69 -34.18 35.02
CA LEU B 37 6.94 -33.56 35.41
C LEU B 37 8.04 -34.60 35.39
N ALA B 38 7.70 -35.83 35.73
CA ALA B 38 8.67 -36.91 35.74
C ALA B 38 9.27 -37.07 34.34
N GLU B 39 8.40 -37.24 33.33
CA GLU B 39 8.88 -37.39 31.95
C GLU B 39 9.68 -36.17 31.56
N SER B 40 9.19 -35.00 31.96
CA SER B 40 9.86 -33.75 31.64
C SER B 40 11.33 -33.83 32.02
N PHE B 41 11.61 -34.09 33.29
CA PHE B 41 12.99 -34.17 33.75
C PHE B 41 13.72 -35.37 33.19
N GLU B 42 12.98 -36.41 32.82
CA GLU B 42 13.60 -37.60 32.24
C GLU B 42 14.28 -37.19 30.93
N ILE B 43 13.52 -36.43 30.13
CA ILE B 43 13.96 -35.94 28.84
C ILE B 43 14.99 -34.83 28.94
N LYS B 44 14.93 -34.02 30.00
CA LYS B 44 15.92 -32.97 30.14
C LYS B 44 17.27 -33.65 30.26
N LYS B 45 17.29 -34.77 30.97
CA LYS B 45 18.49 -35.56 31.20
C LYS B 45 18.97 -36.31 29.96
N ASP B 46 18.05 -36.98 29.27
CA ASP B 46 18.40 -37.76 28.08
C ASP B 46 17.58 -37.23 26.90
N ARG B 47 17.98 -36.09 26.36
CA ARG B 47 17.25 -35.46 25.26
C ARG B 47 16.80 -36.31 24.08
N PHE B 48 17.66 -37.16 23.55
CA PHE B 48 17.27 -37.99 22.41
C PHE B 48 16.94 -39.44 22.74
N LYS B 49 16.49 -39.67 23.97
CA LYS B 49 16.15 -41.00 24.41
C LYS B 49 15.05 -41.64 23.58
N TYR B 50 14.13 -40.82 23.05
CA TYR B 50 13.04 -41.36 22.24
C TYR B 50 13.12 -40.93 20.78
N VAL B 51 14.33 -40.66 20.31
CA VAL B 51 14.56 -40.23 18.95
C VAL B 51 14.01 -41.21 17.92
N GLU B 52 13.75 -42.44 18.32
CA GLU B 52 13.22 -43.44 17.40
C GLU B 52 11.71 -43.53 17.35
N LEU B 53 11.06 -43.01 18.38
CA LEU B 53 9.60 -43.05 18.49
C LEU B 53 8.85 -42.39 17.34
N GLY B 54 9.23 -41.17 16.99
CA GLY B 54 8.51 -40.46 15.94
C GLY B 54 9.00 -40.68 14.52
N ARG B 55 9.83 -41.69 14.30
CA ARG B 55 10.34 -41.97 12.96
C ARG B 55 9.18 -42.12 11.97
N ASN B 56 9.34 -41.52 10.79
CA ASN B 56 8.33 -41.54 9.74
C ASN B 56 6.96 -40.99 10.15
N LYS B 57 6.98 -40.06 11.09
CA LYS B 57 5.79 -39.37 11.57
C LYS B 57 6.03 -37.89 11.25
N THR B 58 5.03 -37.23 10.69
CA THR B 58 5.19 -35.84 10.30
C THR B 58 4.37 -34.84 11.09
N LEU B 59 5.06 -33.82 11.59
CA LEU B 59 4.43 -32.76 12.35
C LEU B 59 4.26 -31.52 11.47
N LEU B 60 3.05 -30.95 11.48
CA LEU B 60 2.79 -29.75 10.71
C LEU B 60 2.53 -28.60 11.68
N MET B 61 3.40 -27.59 11.66
CA MET B 61 3.24 -26.43 12.53
C MET B 61 2.64 -25.29 11.71
N ILE B 62 1.48 -24.81 12.12
CA ILE B 62 0.81 -23.73 11.40
C ILE B 62 0.80 -22.45 12.21
N PHE B 63 1.22 -21.34 11.60
CA PHE B 63 1.26 -20.06 12.30
C PHE B 63 0.38 -18.98 11.71
N PHE B 64 -0.57 -18.49 12.51
CA PHE B 64 -1.42 -17.41 12.07
C PHE B 64 -0.84 -16.11 12.65
N ASN B 65 0.12 -16.23 13.56
CA ASN B 65 0.78 -15.08 14.18
C ASN B 65 2.28 -15.28 14.27
N SER B 66 2.99 -14.25 14.69
CA SER B 66 4.45 -14.32 14.82
C SER B 66 4.89 -15.25 15.95
N SER B 67 6.16 -15.63 15.94
CA SER B 67 6.72 -16.50 16.97
C SER B 67 8.20 -16.79 16.81
N LEU B 68 8.91 -16.78 17.94
CA LEU B 68 10.34 -17.08 17.95
C LEU B 68 10.51 -18.38 18.73
N ARG B 69 10.16 -18.33 20.02
CA ARG B 69 10.29 -19.48 20.91
C ARG B 69 9.46 -20.67 20.47
N THR B 70 8.15 -20.50 20.33
CA THR B 70 7.30 -21.62 19.93
C THR B 70 7.75 -22.17 18.59
N ARG B 71 8.07 -21.27 17.68
CA ARG B 71 8.53 -21.65 16.35
C ARG B 71 9.79 -22.52 16.41
N LEU B 72 10.81 -22.04 17.11
CA LEU B 72 12.06 -22.78 17.23
C LEU B 72 12.00 -24.01 18.13
N SER B 73 11.53 -23.81 19.36
CA SER B 73 11.46 -24.88 20.34
C SER B 73 10.65 -26.10 19.89
N THR B 74 9.56 -25.87 19.16
CA THR B 74 8.72 -26.99 18.74
C THR B 74 9.37 -27.82 17.66
N GLN B 75 10.13 -27.18 16.77
CA GLN B 75 10.81 -27.94 15.72
C GLN B 75 11.86 -28.84 16.38
N LYS B 76 12.66 -28.24 17.26
CA LYS B 76 13.68 -28.98 17.98
C LYS B 76 13.05 -30.18 18.71
N ALA B 77 11.93 -29.93 19.39
CA ALA B 77 11.23 -30.98 20.11
C ALA B 77 10.91 -32.12 19.18
N ALA B 78 10.30 -31.79 18.05
CA ALA B 78 9.92 -32.79 17.07
C ALA B 78 11.14 -33.58 16.61
N LEU B 79 12.28 -32.90 16.46
CA LEU B 79 13.50 -33.55 16.04
C LEU B 79 14.01 -34.51 17.11
N ASN B 80 13.83 -34.15 18.38
CA ASN B 80 14.28 -35.01 19.47
C ASN B 80 13.57 -36.34 19.38
N LEU B 81 12.39 -36.32 18.77
CA LEU B 81 11.58 -37.53 18.62
C LEU B 81 11.72 -38.18 17.25
N GLY B 82 12.74 -37.78 16.50
CA GLY B 82 12.96 -38.35 15.18
C GLY B 82 11.85 -38.09 14.17
N MET B 83 11.02 -37.08 14.43
CA MET B 83 9.93 -36.74 13.53
C MET B 83 10.34 -35.92 12.32
N ASN B 84 9.38 -35.70 11.45
CA ASN B 84 9.57 -34.89 10.25
C ASN B 84 8.85 -33.60 10.59
N VAL B 85 9.40 -32.46 10.18
CA VAL B 85 8.75 -31.20 10.51
C VAL B 85 8.48 -30.30 9.32
N ILE B 86 7.26 -29.80 9.22
CA ILE B 86 6.92 -28.90 8.14
C ILE B 86 6.33 -27.67 8.80
N VAL B 87 7.00 -26.52 8.64
CA VAL B 87 6.48 -25.29 9.24
C VAL B 87 5.77 -24.46 8.17
N LEU B 88 4.51 -24.13 8.42
CA LEU B 88 3.72 -23.38 7.46
C LEU B 88 3.27 -22.08 8.08
N ASP B 89 3.60 -21.00 7.40
CA ASP B 89 3.18 -19.68 7.84
C ASP B 89 2.13 -19.25 6.85
N ILE B 90 0.87 -19.37 7.24
CA ILE B 90 -0.19 -18.95 6.35
C ILE B 90 0.06 -17.48 6.07
N ASN B 91 -0.62 -16.92 5.08
CA ASN B 91 -0.45 -15.50 4.77
C ASN B 91 0.81 -15.27 3.98
N GLN B 92 1.90 -15.92 4.38
CA GLN B 92 3.14 -15.76 3.64
C GLN B 92 3.16 -16.60 2.36
N GLY B 93 3.46 -17.88 2.48
CA GLY B 93 3.49 -18.72 1.30
C GLY B 93 2.14 -19.24 0.80
N ALA B 94 1.12 -19.24 1.65
CA ALA B 94 -0.19 -19.77 1.26
C ALA B 94 -1.20 -18.69 0.90
N TRP B 95 -2.45 -19.11 0.70
CA TRP B 95 -3.54 -18.22 0.32
C TRP B 95 -4.28 -17.72 1.55
N LYS B 96 -4.66 -16.45 1.55
CA LYS B 96 -5.40 -15.89 2.68
C LYS B 96 -6.68 -16.70 2.91
N LEU B 97 -7.01 -16.96 4.16
CA LEU B 97 -8.18 -17.75 4.47
C LEU B 97 -9.43 -17.00 4.87
N GLU B 98 -10.58 -17.41 4.32
CA GLU B 98 -11.86 -16.79 4.68
C GLU B 98 -12.33 -17.62 5.85
N THR B 99 -12.52 -16.96 6.98
CA THR B 99 -12.91 -17.65 8.19
C THR B 99 -14.42 -17.82 8.40
N GLU B 100 -15.22 -16.87 7.90
CA GLU B 100 -16.68 -16.94 8.03
C GLU B 100 -17.37 -17.80 6.98
N ARG B 101 -18.38 -18.56 7.40
CA ARG B 101 -19.09 -19.43 6.48
C ARG B 101 -20.31 -18.78 5.83
N GLY B 102 -20.58 -19.17 4.58
CA GLY B 102 -21.72 -18.63 3.88
C GLY B 102 -21.54 -17.29 3.21
N VAL B 103 -20.32 -16.78 3.19
CA VAL B 103 -20.04 -15.50 2.56
C VAL B 103 -19.73 -15.75 1.10
N ILE B 104 -19.85 -14.73 0.26
CA ILE B 104 -19.51 -14.91 -1.15
C ILE B 104 -18.05 -14.51 -1.26
N MET B 105 -17.18 -15.48 -1.44
CA MET B 105 -15.75 -15.24 -1.52
C MET B 105 -15.31 -14.52 -2.78
N ASP B 106 -15.76 -13.28 -2.92
CA ASP B 106 -15.42 -12.48 -4.08
C ASP B 106 -14.48 -11.34 -3.69
N GLY B 107 -13.44 -11.65 -2.91
CA GLY B 107 -12.53 -10.59 -2.53
C GLY B 107 -11.15 -11.02 -2.08
N ASP B 108 -10.74 -10.43 -0.98
CA ASP B 108 -9.46 -10.64 -0.32
C ASP B 108 -9.00 -12.11 -0.18
N LYS B 109 -9.92 -12.98 0.21
CA LYS B 109 -9.65 -14.40 0.45
C LYS B 109 -9.89 -15.35 -0.71
N PRO B 110 -8.84 -16.08 -1.14
CA PRO B 110 -8.94 -17.04 -2.25
C PRO B 110 -9.36 -18.43 -1.76
N GLU B 111 -9.11 -18.70 -0.48
CA GLU B 111 -9.45 -19.99 0.10
C GLU B 111 -10.24 -19.88 1.39
N HIS B 112 -11.06 -20.87 1.68
CA HIS B 112 -11.84 -20.86 2.90
C HIS B 112 -11.25 -21.82 3.94
N LEU B 113 -11.30 -21.41 5.20
CA LEU B 113 -10.78 -22.21 6.31
C LEU B 113 -11.37 -23.62 6.30
N LEU B 114 -12.63 -23.73 5.92
CA LEU B 114 -13.31 -25.00 5.89
C LEU B 114 -12.66 -26.03 4.97
N GLU B 115 -11.91 -25.56 3.97
CA GLU B 115 -11.24 -26.51 3.06
C GLU B 115 -9.81 -26.64 3.56
N ALA B 116 -9.23 -25.50 3.92
CA ALA B 116 -7.84 -25.45 4.39
C ALA B 116 -7.49 -26.45 5.48
N ILE B 117 -8.30 -26.45 6.55
CA ILE B 117 -8.05 -27.36 7.66
C ILE B 117 -8.00 -28.84 7.24
N PRO B 118 -9.07 -29.36 6.63
CA PRO B 118 -9.06 -30.76 6.20
C PRO B 118 -7.83 -31.06 5.34
N VAL B 119 -7.56 -30.18 4.38
CA VAL B 119 -6.44 -30.33 3.48
C VAL B 119 -5.10 -30.45 4.21
N MET B 120 -4.86 -29.54 5.14
CA MET B 120 -3.61 -29.56 5.89
C MET B 120 -3.48 -30.88 6.65
N GLY B 121 -4.59 -31.37 7.18
CA GLY B 121 -4.58 -32.62 7.91
C GLY B 121 -4.18 -33.80 7.05
N CYS B 122 -4.40 -33.67 5.75
CA CYS B 122 -4.05 -34.74 4.82
C CYS B 122 -2.57 -35.09 4.76
N TYR B 123 -1.70 -34.13 5.00
CA TYR B 123 -0.27 -34.37 4.84
C TYR B 123 0.59 -34.55 6.06
N CYS B 124 -0.03 -34.74 7.23
CA CYS B 124 0.75 -34.91 8.45
C CYS B 124 0.09 -35.89 9.41
N ASP B 125 0.75 -36.12 10.55
CA ASP B 125 0.24 -37.01 11.58
C ASP B 125 -0.26 -36.23 12.78
N ILE B 126 0.45 -35.15 13.09
CA ILE B 126 0.10 -34.28 14.21
C ILE B 126 0.14 -32.82 13.77
N ILE B 127 -0.76 -32.01 14.32
CA ILE B 127 -0.83 -30.60 13.96
C ILE B 127 -0.65 -29.67 15.15
N GLY B 128 0.11 -28.61 14.93
CA GLY B 128 0.32 -27.60 15.95
C GLY B 128 -0.19 -26.29 15.37
N VAL B 129 -1.04 -25.59 16.11
CA VAL B 129 -1.58 -24.33 15.61
C VAL B 129 -1.38 -23.15 16.55
N ARG B 130 -1.15 -21.98 15.97
CA ARG B 130 -1.02 -20.76 16.76
C ARG B 130 -2.02 -19.79 16.16
N SER B 131 -2.99 -19.38 16.96
CA SER B 131 -4.00 -18.45 16.49
C SER B 131 -4.42 -17.52 17.63
N PHE B 132 -3.76 -16.36 17.68
CA PHE B 132 -4.03 -15.36 18.71
C PHE B 132 -5.47 -14.91 18.71
N ALA B 133 -5.96 -14.48 19.87
CA ALA B 133 -7.32 -13.98 19.96
C ALA B 133 -7.40 -12.82 18.95
N ARG B 134 -8.54 -12.67 18.29
CA ARG B 134 -8.69 -11.61 17.29
C ARG B 134 -9.26 -10.34 17.88
N PHE B 135 -9.76 -10.44 19.11
CA PHE B 135 -10.33 -9.31 19.82
C PHE B 135 -11.43 -8.61 19.02
N GLU B 136 -12.12 -9.37 18.17
CA GLU B 136 -13.20 -8.79 17.38
C GLU B 136 -14.54 -9.17 17.99
N ASN B 137 -14.54 -10.24 18.78
CA ASN B 137 -15.76 -10.73 19.41
C ASN B 137 -15.37 -11.71 20.51
N ARG B 138 -15.62 -11.35 21.77
CA ARG B 138 -15.25 -12.19 22.89
C ARG B 138 -15.69 -13.64 22.76
N GLU B 139 -16.95 -13.86 22.38
CA GLU B 139 -17.46 -15.22 22.22
C GLU B 139 -16.65 -16.03 21.22
N TYR B 140 -16.43 -15.47 20.04
CA TYR B 140 -15.64 -16.14 19.00
C TYR B 140 -14.29 -16.57 19.56
N ASP B 141 -13.66 -15.68 20.32
CA ASP B 141 -12.37 -15.98 20.91
C ASP B 141 -12.46 -16.99 22.03
N TYR B 142 -13.29 -16.69 23.03
CA TYR B 142 -13.40 -17.59 24.16
C TYR B 142 -14.02 -18.95 23.87
N ASN B 143 -14.82 -19.06 22.81
CA ASN B 143 -15.38 -20.36 22.46
C ASN B 143 -14.32 -21.08 21.65
N GLU B 144 -13.19 -20.40 21.46
CA GLU B 144 -12.06 -20.94 20.72
C GLU B 144 -12.51 -21.59 19.42
N VAL B 145 -13.24 -20.83 18.63
CA VAL B 145 -13.77 -21.32 17.36
C VAL B 145 -12.72 -21.89 16.40
N ILE B 146 -11.66 -21.13 16.12
CA ILE B 146 -10.66 -21.59 15.18
C ILE B 146 -9.91 -22.84 15.65
N ILE B 147 -9.30 -22.77 16.84
CA ILE B 147 -8.55 -23.92 17.34
C ILE B 147 -9.45 -25.16 17.35
N ASN B 148 -10.75 -24.97 17.61
CA ASN B 148 -11.68 -26.08 17.64
C ASN B 148 -12.00 -26.62 16.26
N GLN B 149 -12.08 -25.75 15.27
CA GLN B 149 -12.36 -26.18 13.91
C GLN B 149 -11.23 -27.06 13.43
N PHE B 150 -10.03 -26.81 13.93
CA PHE B 150 -8.89 -27.63 13.55
C PHE B 150 -9.10 -29.01 14.17
N ILE B 151 -9.47 -29.01 15.44
CA ILE B 151 -9.72 -30.25 16.17
C ILE B 151 -10.80 -31.06 15.47
N GLN B 152 -11.88 -30.40 15.10
CA GLN B 152 -13.01 -31.04 14.44
C GLN B 152 -12.79 -31.50 13.02
N HIS B 153 -12.12 -30.71 12.20
CA HIS B 153 -11.96 -31.08 10.81
C HIS B 153 -10.57 -31.43 10.27
N SER B 154 -9.53 -31.29 11.08
CA SER B 154 -8.19 -31.60 10.59
C SER B 154 -8.02 -33.10 10.41
N GLY B 155 -8.66 -33.86 11.29
CA GLY B 155 -8.55 -35.31 11.23
C GLY B 155 -7.27 -35.81 11.86
N ARG B 156 -6.63 -34.93 12.62
CA ARG B 156 -5.38 -35.25 13.28
C ARG B 156 -5.37 -34.69 14.70
N PRO B 157 -4.46 -35.17 15.54
CA PRO B 157 -4.38 -34.67 16.90
C PRO B 157 -3.90 -33.23 16.79
N VAL B 158 -4.51 -32.32 17.55
CA VAL B 158 -4.09 -30.93 17.49
C VAL B 158 -3.58 -30.43 18.83
N PHE B 159 -2.43 -29.76 18.81
CA PHE B 159 -1.90 -29.19 20.04
C PHE B 159 -1.75 -27.69 19.81
N SER B 160 -2.05 -26.93 20.85
CA SER B 160 -2.01 -25.48 20.79
C SER B 160 -0.62 -24.86 20.92
N MET B 161 -0.35 -23.87 20.07
CA MET B 161 0.93 -23.15 20.10
C MET B 161 0.55 -21.74 20.55
N GLU B 162 -0.59 -21.71 21.23
CA GLU B 162 -1.25 -20.53 21.79
C GLU B 162 -2.50 -20.26 20.98
N ALA B 163 -3.64 -20.45 21.64
CA ALA B 163 -4.93 -20.22 21.01
C ALA B 163 -5.39 -18.86 21.47
N ALA B 164 -6.69 -18.64 21.46
CA ALA B 164 -7.24 -17.36 21.85
C ALA B 164 -7.26 -17.17 23.35
N THR B 165 -7.41 -18.25 24.11
CA THR B 165 -7.49 -18.13 25.56
C THR B 165 -6.50 -18.93 26.38
N ARG B 166 -5.68 -19.75 25.74
CA ARG B 166 -4.69 -20.55 26.47
C ARG B 166 -3.36 -20.67 25.74
N HIS B 167 -2.36 -21.25 26.41
CA HIS B 167 -1.05 -21.46 25.84
C HIS B 167 -0.38 -22.54 26.71
N PRO B 168 -0.99 -23.74 26.73
CA PRO B 168 -0.49 -24.88 27.51
C PRO B 168 1.00 -25.17 27.37
N LEU B 169 1.49 -25.23 26.15
CA LEU B 169 2.91 -25.49 25.93
C LEU B 169 3.81 -24.57 26.78
N GLN B 170 3.43 -23.30 26.87
CA GLN B 170 4.17 -22.31 27.65
C GLN B 170 4.03 -22.56 29.14
N SER B 171 2.78 -22.65 29.61
CA SER B 171 2.51 -22.88 31.02
C SER B 171 3.18 -24.16 31.52
N PHE B 172 3.00 -25.25 30.80
CA PHE B 172 3.62 -26.52 31.18
C PHE B 172 5.13 -26.29 31.40
N ALA B 173 5.76 -25.50 30.53
CA ALA B 173 7.18 -25.20 30.67
C ALA B 173 7.43 -24.37 31.93
N ASP B 174 6.56 -23.39 32.19
CA ASP B 174 6.70 -22.56 33.37
C ASP B 174 6.65 -23.45 34.62
N LEU B 175 5.78 -24.45 34.60
CA LEU B 175 5.63 -25.36 35.72
C LEU B 175 6.95 -26.07 35.90
N ILE B 176 7.45 -26.62 34.80
CA ILE B 176 8.71 -27.34 34.82
C ILE B 176 9.83 -26.50 35.42
N THR B 177 9.92 -25.23 35.05
CA THR B 177 10.99 -24.40 35.57
C THR B 177 10.80 -24.03 37.05
N ILE B 178 9.56 -23.88 37.49
CA ILE B 178 9.30 -23.53 38.88
C ILE B 178 9.68 -24.73 39.74
N GLU B 179 9.33 -25.92 39.27
CA GLU B 179 9.67 -27.15 39.98
C GLU B 179 11.19 -27.25 40.00
N GLU B 180 11.76 -26.95 38.84
CA GLU B 180 13.20 -26.99 38.66
C GLU B 180 13.96 -26.03 39.56
N TYR B 181 13.38 -24.87 39.87
CA TYR B 181 14.07 -23.88 40.70
C TYR B 181 13.57 -23.64 42.12
N LYS B 182 12.36 -24.07 42.44
CA LYS B 182 11.81 -23.82 43.77
C LYS B 182 12.69 -24.28 44.92
N LYS B 183 12.68 -23.50 46.00
CA LYS B 183 13.47 -23.79 47.19
C LYS B 183 12.65 -24.51 48.24
N THR B 184 11.35 -24.55 48.06
CA THR B 184 10.44 -25.22 49.00
C THR B 184 9.40 -25.96 48.21
N ALA B 185 8.67 -26.86 48.86
CA ALA B 185 7.66 -27.66 48.19
C ALA B 185 6.52 -26.84 47.59
N ARG B 186 6.01 -25.88 48.34
CA ARG B 186 4.88 -25.08 47.85
C ARG B 186 5.19 -23.60 47.94
N PRO B 187 5.94 -23.08 46.95
CA PRO B 187 6.32 -21.66 46.90
C PRO B 187 5.17 -20.71 46.64
N LYS B 188 5.41 -19.43 46.90
CA LYS B 188 4.41 -18.42 46.65
C LYS B 188 4.70 -17.92 45.24
N VAL B 189 3.78 -18.18 44.33
CA VAL B 189 3.93 -17.75 42.95
C VAL B 189 2.95 -16.61 42.68
N VAL B 190 3.47 -15.46 42.27
CA VAL B 190 2.63 -14.32 42.00
C VAL B 190 2.65 -13.90 40.54
N MET B 191 1.51 -13.96 39.86
CA MET B 191 1.44 -13.54 38.48
C MET B 191 1.05 -12.07 38.52
N THR B 192 1.85 -11.21 37.90
CA THR B 192 1.55 -9.78 37.91
C THR B 192 1.36 -9.17 36.53
N TRP B 193 0.40 -8.27 36.44
CA TRP B 193 0.12 -7.55 35.21
C TRP B 193 1.23 -6.51 35.10
N ALA B 194 1.44 -5.96 33.90
CA ALA B 194 2.45 -4.93 33.67
C ALA B 194 1.98 -4.11 32.48
N PRO B 195 2.37 -2.82 32.42
CA PRO B 195 1.95 -1.94 31.32
C PRO B 195 2.53 -2.32 29.96
N HIS B 196 1.72 -2.14 28.91
CA HIS B 196 2.17 -2.47 27.56
C HIS B 196 1.50 -1.50 26.61
N PRO B 197 2.17 -1.15 25.51
CA PRO B 197 1.62 -0.21 24.54
C PRO B 197 0.54 -0.74 23.61
N ARG B 198 0.44 -2.07 23.48
CA ARG B 198 -0.54 -2.66 22.60
C ARG B 198 -1.43 -3.67 23.31
N PRO B 199 -2.68 -3.84 22.85
CA PRO B 199 -3.62 -4.78 23.46
C PRO B 199 -3.22 -6.23 23.21
N LEU B 200 -2.84 -6.93 24.28
CA LEU B 200 -2.41 -8.32 24.15
C LEU B 200 -3.48 -9.29 24.63
N PRO B 201 -3.46 -10.53 24.10
CA PRO B 201 -4.43 -11.58 24.47
C PRO B 201 -4.26 -11.94 25.95
N GLN B 202 -5.25 -12.58 26.55
CA GLN B 202 -5.14 -12.98 27.95
C GLN B 202 -4.81 -14.47 28.02
N ALA B 203 -4.44 -15.03 26.86
CA ALA B 203 -4.11 -16.45 26.74
C ALA B 203 -3.04 -16.90 27.72
N VAL B 204 -1.94 -16.16 27.80
CA VAL B 204 -0.86 -16.52 28.70
C VAL B 204 -1.30 -16.45 30.18
N PRO B 205 -1.89 -15.32 30.60
CA PRO B 205 -2.33 -15.21 31.99
C PRO B 205 -3.33 -16.31 32.31
N ASN B 206 -4.34 -16.45 31.44
CA ASN B 206 -5.38 -17.47 31.63
C ASN B 206 -4.70 -18.80 31.84
N SER B 207 -3.84 -19.16 30.89
CA SER B 207 -3.13 -20.43 30.92
C SER B 207 -2.27 -20.61 32.17
N PHE B 208 -1.54 -19.57 32.57
CA PHE B 208 -0.69 -19.68 33.76
C PHE B 208 -1.56 -19.94 34.98
N ALA B 209 -2.61 -19.15 35.15
CA ALA B 209 -3.52 -19.31 36.28
C ALA B 209 -4.06 -20.73 36.30
N GLU B 210 -4.54 -21.18 35.15
CA GLU B 210 -5.08 -22.53 34.99
C GLU B 210 -4.12 -23.58 35.51
N TRP B 211 -2.85 -23.49 35.11
CA TRP B 211 -1.86 -24.44 35.56
C TRP B 211 -1.48 -24.26 37.03
N MET B 212 -1.27 -23.02 37.46
CA MET B 212 -0.91 -22.81 38.86
C MET B 212 -2.02 -23.32 39.79
N ASN B 213 -3.28 -23.15 39.37
CA ASN B 213 -4.39 -23.62 40.18
C ASN B 213 -4.38 -25.14 40.28
N ALA B 214 -3.72 -25.78 39.33
CA ALA B 214 -3.62 -27.24 39.32
C ALA B 214 -2.58 -27.73 40.29
N THR B 215 -1.67 -26.84 40.70
CA THR B 215 -0.63 -27.19 41.66
C THR B 215 -1.14 -26.88 43.06
N ASP B 216 -0.28 -27.03 44.05
CA ASP B 216 -0.66 -26.74 45.42
C ASP B 216 0.26 -25.62 45.94
N TYR B 217 0.73 -24.79 45.02
CA TYR B 217 1.59 -23.66 45.36
C TYR B 217 0.66 -22.59 45.93
N GLU B 218 1.24 -21.55 46.52
CA GLU B 218 0.42 -20.46 47.04
C GLU B 218 0.35 -19.51 45.86
N PHE B 219 -0.73 -19.57 45.10
CA PHE B 219 -0.88 -18.74 43.92
C PHE B 219 -1.65 -17.43 44.14
N VAL B 220 -1.08 -16.33 43.67
CA VAL B 220 -1.70 -15.01 43.80
C VAL B 220 -1.65 -14.28 42.47
N ILE B 221 -2.75 -13.62 42.13
CA ILE B 221 -2.85 -12.84 40.89
C ILE B 221 -3.00 -11.37 41.25
N THR B 222 -2.17 -10.51 40.67
CA THR B 222 -2.26 -9.08 40.97
C THR B 222 -2.31 -8.24 39.70
N HIS B 223 -3.35 -7.41 39.59
CA HIS B 223 -3.51 -6.55 38.42
C HIS B 223 -4.36 -5.33 38.76
N PRO B 224 -4.30 -4.29 37.91
CA PRO B 224 -5.08 -3.09 38.18
C PRO B 224 -6.56 -3.40 38.13
N GLU B 225 -7.38 -2.50 38.67
CA GLU B 225 -8.83 -2.67 38.65
C GLU B 225 -9.27 -2.63 37.20
N GLY B 226 -10.20 -3.52 36.83
CA GLY B 226 -10.69 -3.54 35.47
C GLY B 226 -10.11 -4.67 34.64
N TYR B 227 -8.92 -5.14 35.02
CA TYR B 227 -8.26 -6.20 34.29
C TYR B 227 -8.56 -7.62 34.80
N GLU B 228 -9.72 -7.82 35.41
CA GLU B 228 -10.07 -9.14 35.92
C GLU B 228 -10.16 -10.14 34.77
N LEU B 229 -9.51 -11.29 34.96
CA LEU B 229 -9.53 -12.36 33.97
C LEU B 229 -10.81 -13.17 34.16
N ASP B 230 -11.17 -13.97 33.16
CA ASP B 230 -12.38 -14.79 33.27
C ASP B 230 -12.32 -15.69 34.50
N PRO B 231 -13.43 -15.76 35.26
CA PRO B 231 -13.51 -16.59 36.46
C PRO B 231 -13.04 -18.03 36.25
N LYS B 232 -13.46 -18.64 35.14
CA LYS B 232 -13.08 -20.02 34.87
C LYS B 232 -11.58 -20.23 34.87
N PHE B 233 -10.82 -19.15 34.67
CA PHE B 233 -9.37 -19.28 34.68
C PHE B 233 -8.84 -18.84 36.03
N VAL B 234 -9.36 -17.73 36.54
CA VAL B 234 -8.93 -17.21 37.81
C VAL B 234 -9.09 -18.29 38.86
N GLY B 235 -10.14 -19.08 38.70
CA GLY B 235 -10.38 -20.14 39.66
C GLY B 235 -10.57 -19.54 41.03
N ASN B 236 -10.01 -20.19 42.04
CA ASN B 236 -10.12 -19.70 43.41
C ASN B 236 -8.77 -19.14 43.86
N ALA B 237 -8.06 -18.53 42.91
CA ALA B 237 -6.77 -17.94 43.23
C ALA B 237 -7.02 -16.58 43.89
N ARG B 238 -6.08 -16.16 44.74
CA ARG B 238 -6.19 -14.89 45.43
C ARG B 238 -5.87 -13.75 44.48
N VAL B 239 -6.79 -12.78 44.38
CA VAL B 239 -6.57 -11.63 43.51
C VAL B 239 -6.28 -10.41 44.38
N GLU B 240 -5.09 -9.82 44.22
CA GLU B 240 -4.68 -8.67 45.00
C GLU B 240 -4.51 -7.45 44.10
N TYR B 241 -5.26 -6.39 44.38
CA TYR B 241 -5.17 -5.18 43.56
C TYR B 241 -3.98 -4.30 43.94
N ASP B 242 -3.34 -4.62 45.06
CA ASP B 242 -2.17 -3.85 45.49
C ASP B 242 -0.94 -4.65 45.09
N GLN B 243 -0.27 -4.24 44.01
CA GLN B 243 0.90 -4.98 43.54
C GLN B 243 1.92 -5.21 44.64
N MET B 244 2.35 -4.14 45.31
CA MET B 244 3.33 -4.27 46.37
C MET B 244 2.92 -5.29 47.43
N LYS B 245 1.63 -5.36 47.74
CA LYS B 245 1.17 -6.31 48.73
C LYS B 245 1.29 -7.76 48.24
N ALA B 246 0.95 -7.95 46.97
CA ALA B 246 1.02 -9.27 46.37
C ALA B 246 2.47 -9.76 46.37
N PHE B 247 3.38 -8.90 45.93
CA PHE B 247 4.79 -9.26 45.88
C PHE B 247 5.42 -9.67 47.20
N GLU B 248 4.88 -9.17 48.30
CA GLU B 248 5.45 -9.48 49.62
C GLU B 248 5.77 -10.97 49.82
N GLY B 249 7.04 -11.24 50.06
CA GLY B 249 7.48 -12.59 50.32
C GLY B 249 7.27 -13.65 49.25
N ALA B 250 7.09 -13.20 48.01
CA ALA B 250 6.90 -14.13 46.91
C ALA B 250 8.20 -14.87 46.58
N ASP B 251 8.07 -16.05 46.01
CA ASP B 251 9.23 -16.85 45.62
C ASP B 251 9.41 -16.82 44.11
N PHE B 252 8.33 -16.50 43.40
CA PHE B 252 8.36 -16.42 41.96
C PHE B 252 7.46 -15.31 41.49
N ILE B 253 7.96 -14.51 40.56
CA ILE B 253 7.18 -13.43 39.98
C ILE B 253 6.99 -13.76 38.50
N TYR B 254 5.75 -13.87 38.06
CA TYR B 254 5.44 -14.19 36.67
C TYR B 254 4.75 -12.96 36.10
N ALA B 255 5.51 -12.10 35.45
CA ALA B 255 4.92 -10.89 34.90
C ALA B 255 4.44 -11.12 33.48
N LYS B 256 3.32 -10.49 33.15
CA LYS B 256 2.76 -10.60 31.81
C LYS B 256 1.64 -9.60 31.61
N ASN B 257 1.64 -8.91 30.49
CA ASN B 257 0.56 -7.95 30.25
C ASN B 257 -0.57 -8.61 29.51
N TRP B 258 -1.76 -8.04 29.62
CA TRP B 258 -2.93 -8.55 28.92
C TRP B 258 -3.98 -7.45 28.85
N ALA B 259 -4.65 -7.34 27.70
CA ALA B 259 -5.68 -6.32 27.51
C ALA B 259 -6.89 -6.69 28.37
N ALA B 260 -7.76 -5.72 28.63
CA ALA B 260 -8.95 -5.97 29.44
C ALA B 260 -9.79 -7.11 28.90
N TYR B 261 -10.73 -7.56 29.71
CA TYR B 261 -11.59 -8.68 29.33
C TYR B 261 -13.07 -8.46 29.63
N LEU B 262 -13.36 -7.83 30.77
CA LEU B 262 -14.73 -7.57 31.19
C LEU B 262 -15.55 -6.52 30.48
N GLY B 263 -16.85 -6.77 30.42
CA GLY B 263 -17.78 -5.83 29.82
C GLY B 263 -17.39 -5.15 28.52
N ASP B 264 -17.58 -3.84 28.48
CA ASP B 264 -17.31 -3.06 27.27
C ASP B 264 -15.84 -2.86 26.94
N ASN B 265 -14.92 -3.48 27.69
CA ASN B 265 -13.51 -3.29 27.42
C ASN B 265 -12.78 -4.50 26.88
N TYR B 266 -13.51 -5.49 26.37
CA TYR B 266 -12.85 -6.66 25.85
C TYR B 266 -11.77 -6.25 24.86
N GLY B 267 -10.55 -6.73 25.10
CA GLY B 267 -9.44 -6.43 24.22
C GLY B 267 -8.98 -5.00 24.16
N GLN B 268 -9.18 -4.24 25.23
CA GLN B 268 -8.77 -2.84 25.25
C GLN B 268 -7.78 -2.49 26.34
N ILE B 269 -7.00 -1.45 26.09
CA ILE B 269 -6.01 -0.98 27.05
C ILE B 269 -6.67 -0.02 28.01
N LEU B 270 -6.80 -0.42 29.26
CA LEU B 270 -7.42 0.42 30.27
C LEU B 270 -6.42 1.41 30.83
N SER B 271 -5.16 1.01 30.86
CA SER B 271 -4.10 1.88 31.38
C SER B 271 -2.71 1.41 30.98
N THR B 272 -1.75 2.28 31.17
CA THR B 272 -0.35 1.94 30.89
C THR B 272 0.42 2.47 32.09
N ASP B 273 -0.20 2.37 33.26
CA ASP B 273 0.38 2.82 34.52
C ASP B 273 1.74 2.18 34.71
N ARG B 274 2.79 2.95 34.49
CA ARG B 274 4.14 2.41 34.60
C ARG B 274 4.59 2.08 36.02
N ASN B 275 3.72 2.31 37.00
CA ASN B 275 4.09 1.98 38.37
C ASN B 275 4.04 0.49 38.55
N TRP B 276 3.46 -0.21 37.58
CA TRP B 276 3.38 -1.66 37.62
C TRP B 276 4.57 -2.32 36.95
N THR B 277 5.38 -1.53 36.25
CA THR B 277 6.55 -2.11 35.59
C THR B 277 7.35 -2.78 36.67
N VAL B 278 7.48 -4.11 36.59
CA VAL B 278 8.24 -4.85 37.58
C VAL B 278 9.66 -4.35 37.62
N GLY B 279 9.95 -3.54 38.63
CA GLY B 279 11.27 -2.98 38.79
C GLY B 279 11.91 -3.46 40.07
N ASP B 280 13.02 -2.85 40.43
CA ASP B 280 13.74 -3.24 41.64
C ASP B 280 12.91 -2.98 42.90
N ARG B 281 12.10 -1.93 42.84
CA ARG B 281 11.25 -1.55 43.96
C ARG B 281 10.37 -2.70 44.45
N GLN B 282 9.64 -3.34 43.53
CA GLN B 282 8.76 -4.44 43.89
C GLN B 282 9.51 -5.71 44.22
N MET B 283 10.58 -5.99 43.49
CA MET B 283 11.35 -7.20 43.76
C MET B 283 11.87 -7.23 45.19
N ALA B 284 12.34 -6.08 45.66
CA ALA B 284 12.88 -5.93 47.00
C ALA B 284 11.97 -6.53 48.08
N VAL B 285 10.67 -6.32 47.91
CA VAL B 285 9.67 -6.79 48.85
C VAL B 285 9.44 -8.31 48.82
N THR B 286 9.94 -8.97 47.78
CA THR B 286 9.77 -10.41 47.67
C THR B 286 10.86 -11.13 48.45
N ASN B 287 10.64 -12.42 48.67
CA ASN B 287 11.60 -13.25 49.38
C ASN B 287 12.72 -13.59 48.38
N ASN B 288 13.36 -12.56 47.85
CA ASN B 288 14.42 -12.74 46.87
C ASN B 288 13.90 -13.70 45.80
N ALA B 289 12.69 -13.40 45.31
CA ALA B 289 12.03 -14.22 44.32
C ALA B 289 12.69 -14.22 42.95
N TYR B 290 12.38 -15.26 42.18
CA TYR B 290 12.90 -15.39 40.83
C TYR B 290 11.96 -14.61 39.92
N PHE B 291 12.50 -14.11 38.81
CA PHE B 291 11.66 -13.39 37.87
C PHE B 291 11.44 -14.26 36.64
N MET B 292 10.18 -14.39 36.22
CA MET B 292 9.84 -15.18 35.05
C MET B 292 8.99 -14.39 34.05
N HIS B 293 9.10 -14.79 32.79
CA HIS B 293 8.32 -14.18 31.71
C HIS B 293 8.41 -15.08 30.50
N CYS B 294 7.28 -15.29 29.82
CA CYS B 294 7.23 -16.17 28.66
C CYS B 294 7.98 -15.63 27.44
N LEU B 295 8.15 -14.31 27.38
CA LEU B 295 8.84 -13.67 26.26
C LEU B 295 7.94 -13.79 25.01
N PRO B 296 8.00 -12.80 24.09
CA PRO B 296 8.81 -11.58 24.05
C PRO B 296 8.53 -10.69 25.24
N VAL B 297 9.49 -9.83 25.57
CA VAL B 297 9.32 -8.90 26.69
C VAL B 297 9.81 -7.53 26.29
N ARG B 298 9.01 -6.52 26.58
CA ARG B 298 9.41 -5.16 26.27
C ARG B 298 10.11 -4.61 27.51
N ARG B 299 11.42 -4.42 27.41
CA ARG B 299 12.19 -3.91 28.54
C ARG B 299 11.74 -2.51 28.93
N ASN B 300 11.74 -2.25 30.22
CA ASN B 300 11.37 -0.96 30.77
C ASN B 300 9.91 -0.62 30.49
N MET B 301 9.10 -1.67 30.38
CA MET B 301 7.67 -1.56 30.18
C MET B 301 7.09 -2.61 31.10
N ILE B 302 7.49 -3.85 30.84
CA ILE B 302 7.05 -4.98 31.62
C ILE B 302 8.01 -5.13 32.80
N VAL B 303 9.30 -5.07 32.51
CA VAL B 303 10.30 -5.24 33.55
C VAL B 303 11.54 -4.41 33.29
N THR B 304 12.19 -3.98 34.37
CA THR B 304 13.40 -3.16 34.33
C THR B 304 14.54 -3.92 33.68
N ASP B 305 15.46 -3.19 33.07
CA ASP B 305 16.63 -3.81 32.46
C ASP B 305 17.35 -4.57 33.56
N ASP B 306 17.54 -3.92 34.70
CA ASP B 306 18.23 -4.52 35.83
C ASP B 306 17.60 -5.78 36.37
N VAL B 307 16.28 -5.78 36.50
CA VAL B 307 15.61 -6.96 37.03
C VAL B 307 15.78 -8.15 36.11
N ILE B 308 15.48 -7.95 34.83
CA ILE B 308 15.57 -9.05 33.88
C ILE B 308 17.00 -9.52 33.74
N GLU B 309 17.96 -8.63 33.97
CA GLU B 309 19.37 -8.98 33.87
C GLU B 309 19.92 -9.51 35.21
N SER B 310 19.17 -9.33 36.29
CA SER B 310 19.63 -9.80 37.59
C SER B 310 19.76 -11.31 37.60
N PRO B 311 20.49 -11.84 38.57
CA PRO B 311 20.65 -13.30 38.63
C PRO B 311 19.39 -14.03 39.05
N GLN B 312 18.40 -13.32 39.59
CA GLN B 312 17.16 -13.97 40.01
C GLN B 312 16.27 -14.18 38.80
N SER B 313 16.68 -13.62 37.67
CA SER B 313 15.92 -13.74 36.44
C SER B 313 16.23 -15.06 35.74
N ILE B 314 15.25 -15.97 35.72
CA ILE B 314 15.42 -17.27 35.09
C ILE B 314 14.66 -17.31 33.76
N VAL B 315 14.51 -16.14 33.15
CA VAL B 315 13.82 -16.00 31.88
C VAL B 315 14.30 -16.96 30.79
N ILE B 316 15.61 -17.09 30.63
CA ILE B 316 16.15 -17.98 29.62
C ILE B 316 15.95 -19.46 29.97
N PRO B 317 16.34 -19.87 31.21
CA PRO B 317 16.16 -21.27 31.61
C PRO B 317 14.71 -21.68 31.34
N GLU B 318 13.82 -20.73 31.60
CA GLU B 318 12.40 -20.89 31.41
C GLU B 318 12.15 -21.19 29.94
N ALA B 319 12.56 -20.25 29.08
CA ALA B 319 12.41 -20.40 27.65
C ALA B 319 12.96 -21.74 27.16
N ALA B 320 14.12 -22.10 27.69
CA ALA B 320 14.76 -23.35 27.34
C ALA B 320 13.83 -24.54 27.57
N ASN B 321 13.12 -24.52 28.71
CA ASN B 321 12.20 -25.61 29.06
C ASN B 321 11.04 -25.76 28.07
N ARG B 322 10.85 -24.77 27.21
CA ARG B 322 9.80 -24.86 26.20
C ARG B 322 10.07 -26.08 25.31
N GLU B 323 11.35 -26.43 25.15
CA GLU B 323 11.74 -27.58 24.34
C GLU B 323 11.27 -28.86 24.99
N ILE B 324 11.38 -28.90 26.32
CA ILE B 324 10.98 -30.08 27.07
C ILE B 324 9.46 -30.27 27.03
N SER B 325 8.71 -29.25 27.45
CA SER B 325 7.26 -29.34 27.45
C SER B 325 6.74 -29.81 26.10
N ALA B 326 7.35 -29.29 25.04
CA ALA B 326 6.97 -29.65 23.67
C ALA B 326 7.35 -31.11 23.36
N THR B 327 8.53 -31.53 23.78
CA THR B 327 8.95 -32.89 23.54
C THR B 327 8.05 -33.88 24.29
N VAL B 328 7.68 -33.54 25.51
CA VAL B 328 6.80 -34.40 26.30
C VAL B 328 5.43 -34.51 25.63
N VAL B 329 4.83 -33.36 25.31
CA VAL B 329 3.52 -33.34 24.66
C VAL B 329 3.55 -34.09 23.33
N LEU B 330 4.53 -33.75 22.51
CA LEU B 330 4.68 -34.40 21.20
C LEU B 330 4.86 -35.92 21.38
N LYS B 331 5.62 -36.32 22.41
CA LYS B 331 5.83 -37.73 22.66
C LYS B 331 4.50 -38.41 22.99
N ARG B 332 3.80 -37.88 23.98
CA ARG B 332 2.51 -38.42 24.38
C ARG B 332 1.60 -38.56 23.15
N LEU B 333 1.53 -37.52 22.33
CA LEU B 333 0.69 -37.56 21.14
C LEU B 333 1.09 -38.71 20.23
N LEU B 334 2.39 -38.86 19.99
CA LEU B 334 2.88 -39.94 19.15
C LEU B 334 2.44 -41.28 19.73
N GLU B 335 2.72 -41.48 21.01
CA GLU B 335 2.38 -42.73 21.69
C GLU B 335 0.91 -43.10 21.53
N ASN B 336 0.07 -42.12 21.26
CA ASN B 336 -1.34 -42.38 21.11
C ASN B 336 -1.84 -42.37 19.66
N LEU B 337 -0.91 -42.25 18.71
CA LEU B 337 -1.29 -42.25 17.30
C LEU B 337 -1.83 -43.62 16.93
N PRO B 338 -2.85 -43.68 16.08
CA PRO B 338 -3.42 -44.96 15.67
C PRO B 338 -2.46 -45.75 14.79
N SER C 19 9.93 -45.48 -18.89
CA SER C 19 10.22 -45.41 -17.42
C SER C 19 11.57 -44.77 -17.13
N HIS C 20 11.99 -43.85 -18.01
CA HIS C 20 13.25 -43.13 -17.83
C HIS C 20 12.94 -41.65 -17.71
N MET C 21 12.09 -41.30 -16.74
CA MET C 21 11.66 -39.93 -16.50
C MET C 21 12.82 -38.96 -16.30
N LYS C 22 12.87 -37.92 -17.12
CA LYS C 22 13.93 -36.92 -17.05
C LYS C 22 13.36 -35.59 -16.57
N LYS C 23 12.03 -35.48 -16.62
CA LYS C 23 11.34 -34.28 -16.17
C LYS C 23 9.88 -34.65 -15.99
N PHE C 24 9.08 -33.73 -15.46
CA PHE C 24 7.66 -34.00 -15.28
C PHE C 24 6.92 -32.70 -15.47
N THR C 25 6.44 -32.46 -16.68
CA THR C 25 5.71 -31.24 -16.96
C THR C 25 4.41 -31.49 -17.70
N CYS C 26 4.38 -32.53 -18.54
CA CYS C 26 3.17 -32.88 -19.29
C CYS C 26 2.84 -34.35 -19.12
N VAL C 27 1.59 -34.72 -19.35
CA VAL C 27 1.14 -36.10 -19.20
C VAL C 27 2.02 -37.14 -19.89
N GLN C 28 2.70 -36.75 -20.97
CA GLN C 28 3.56 -37.68 -21.68
C GLN C 28 4.64 -38.25 -20.75
N ASP C 29 5.21 -37.38 -19.92
CA ASP C 29 6.26 -37.80 -18.99
C ASP C 29 5.92 -38.97 -18.10
N ILE C 30 4.63 -39.17 -17.80
CA ILE C 30 4.25 -40.25 -16.91
C ILE C 30 4.24 -41.63 -17.58
N GLY C 31 4.17 -41.63 -18.91
CA GLY C 31 4.18 -42.88 -19.65
C GLY C 31 2.83 -43.58 -19.60
N ASP C 32 2.84 -44.90 -19.49
CA ASP C 32 1.62 -45.70 -19.42
C ASP C 32 0.77 -45.35 -18.19
N LEU C 33 -0.44 -44.85 -18.43
CA LEU C 33 -1.31 -44.47 -17.32
C LEU C 33 -1.66 -45.65 -16.43
N LYS C 34 -1.84 -46.81 -17.04
CA LYS C 34 -2.21 -48.02 -16.31
C LYS C 34 -1.21 -48.32 -15.18
N SER C 35 0.05 -48.46 -15.55
CA SER C 35 1.09 -48.77 -14.58
C SER C 35 1.36 -47.59 -13.65
N ALA C 36 1.09 -46.38 -14.13
CA ALA C 36 1.28 -45.19 -13.31
C ALA C 36 0.25 -45.27 -12.18
N LEU C 37 -1.00 -45.55 -12.53
CA LEU C 37 -2.07 -45.68 -11.54
C LEU C 37 -1.77 -46.85 -10.61
N ALA C 38 -1.11 -47.88 -11.13
CA ALA C 38 -0.75 -49.04 -10.34
C ALA C 38 0.14 -48.61 -9.19
N GLU C 39 1.23 -47.93 -9.51
CA GLU C 39 2.15 -47.46 -8.47
C GLU C 39 1.42 -46.54 -7.51
N SER C 40 0.57 -45.68 -8.08
CA SER C 40 -0.19 -44.75 -7.26
C SER C 40 -0.88 -45.49 -6.12
N PHE C 41 -1.73 -46.46 -6.47
CA PHE C 41 -2.45 -47.21 -5.44
C PHE C 41 -1.55 -48.09 -4.60
N GLU C 42 -0.39 -48.46 -5.15
CA GLU C 42 0.56 -49.28 -4.41
C GLU C 42 1.01 -48.46 -3.20
N ILE C 43 1.37 -47.21 -3.48
CA ILE C 43 1.83 -46.28 -2.48
C ILE C 43 0.75 -45.79 -1.53
N LYS C 44 -0.49 -45.71 -2.01
CA LYS C 44 -1.57 -45.29 -1.14
C LYS C 44 -1.67 -46.31 -0.03
N LYS C 45 -1.47 -47.57 -0.40
CA LYS C 45 -1.54 -48.68 0.51
C LYS C 45 -0.34 -48.77 1.47
N ASP C 46 0.86 -48.64 0.92
CA ASP C 46 2.08 -48.73 1.71
C ASP C 46 2.87 -47.41 1.55
N ARG C 47 2.42 -46.36 2.22
CA ARG C 47 3.04 -45.05 2.11
C ARG C 47 4.55 -44.94 2.19
N PHE C 48 5.18 -45.61 3.15
CA PHE C 48 6.65 -45.51 3.27
C PHE C 48 7.41 -46.71 2.73
N LYS C 49 6.81 -47.42 1.78
CA LYS C 49 7.44 -48.59 1.20
C LYS C 49 8.79 -48.28 0.57
N TYR C 50 8.96 -47.08 0.04
CA TYR C 50 10.22 -46.72 -0.60
C TYR C 50 10.97 -45.64 0.14
N VAL C 51 10.74 -45.57 1.45
CA VAL C 51 11.38 -44.57 2.28
C VAL C 51 12.91 -44.60 2.22
N GLU C 52 13.47 -45.70 1.73
CA GLU C 52 14.92 -45.83 1.62
C GLU C 52 15.49 -45.39 0.27
N LEU C 53 14.63 -45.32 -0.73
CA LEU C 53 15.05 -44.95 -2.07
C LEU C 53 15.72 -43.60 -2.19
N GLY C 54 15.08 -42.57 -1.62
CA GLY C 54 15.63 -41.23 -1.73
C GLY C 54 16.63 -40.79 -0.67
N ARG C 55 17.15 -41.73 0.10
CA ARG C 55 18.12 -41.41 1.13
C ARG C 55 19.28 -40.61 0.53
N ASN C 56 19.71 -39.58 1.25
CA ASN C 56 20.80 -38.70 0.82
C ASN C 56 20.61 -38.05 -0.53
N LYS C 57 19.36 -37.82 -0.89
CA LYS C 57 19.00 -37.16 -2.15
C LYS C 57 18.25 -35.92 -1.71
N THR C 58 18.55 -34.79 -2.32
CA THR C 58 17.91 -33.55 -1.93
C THR C 58 16.99 -32.90 -2.95
N LEU C 59 15.78 -32.60 -2.51
CA LEU C 59 14.78 -31.97 -3.36
C LEU C 59 14.71 -30.49 -3.04
N LEU C 60 14.74 -29.66 -4.09
CA LEU C 60 14.63 -28.21 -3.91
C LEU C 60 13.33 -27.75 -4.52
N MET C 61 12.43 -27.21 -3.69
CA MET C 61 11.14 -26.72 -4.15
C MET C 61 11.20 -25.21 -4.24
N ILE C 62 10.99 -24.67 -5.45
CA ILE C 62 11.05 -23.23 -5.66
C ILE C 62 9.69 -22.67 -5.98
N PHE C 63 9.29 -21.61 -5.26
CA PHE C 63 7.99 -20.98 -5.47
C PHE C 63 8.02 -19.54 -5.92
N PHE C 64 7.46 -19.28 -7.10
CA PHE C 64 7.39 -17.92 -7.61
C PHE C 64 5.99 -17.40 -7.28
N ASN C 65 5.11 -18.29 -6.82
CA ASN C 65 3.73 -17.93 -6.46
C ASN C 65 3.31 -18.63 -5.17
N SER C 66 2.13 -18.26 -4.67
CA SER C 66 1.60 -18.83 -3.44
C SER C 66 1.22 -20.30 -3.61
N SER C 67 1.04 -21.00 -2.48
CA SER C 67 0.68 -22.42 -2.50
C SER C 67 0.48 -23.02 -1.13
N LEU C 68 -0.56 -23.84 -1.00
CA LEU C 68 -0.84 -24.53 0.25
C LEU C 68 -0.65 -26.03 -0.04
N ARG C 69 -1.50 -26.56 -0.92
CA ARG C 69 -1.45 -27.97 -1.28
C ARG C 69 -0.13 -28.42 -1.87
N THR C 70 0.29 -27.80 -2.97
CA THR C 70 1.54 -28.20 -3.60
C THR C 70 2.68 -28.08 -2.62
N ARG C 71 2.67 -26.98 -1.88
CA ARG C 71 3.72 -26.70 -0.88
C ARG C 71 3.82 -27.82 0.16
N LEU C 72 2.69 -28.13 0.78
CA LEU C 72 2.64 -29.16 1.80
C LEU C 72 2.79 -30.60 1.27
N SER C 73 1.92 -30.96 0.32
CA SER C 73 1.90 -32.30 -0.27
C SER C 73 3.24 -32.74 -0.85
N THR C 74 3.96 -31.82 -1.49
CA THR C 74 5.24 -32.19 -2.09
C THR C 74 6.33 -32.49 -1.07
N GLN C 75 6.34 -31.78 0.06
CA GLN C 75 7.33 -32.03 1.10
C GLN C 75 7.07 -33.40 1.68
N LYS C 76 5.80 -33.67 2.01
CA LYS C 76 5.41 -34.96 2.55
C LYS C 76 5.84 -36.08 1.60
N ALA C 77 5.55 -35.90 0.32
CA ALA C 77 5.90 -36.88 -0.69
C ALA C 77 7.39 -37.17 -0.63
N ALA C 78 8.20 -36.12 -0.64
CA ALA C 78 9.65 -36.26 -0.58
C ALA C 78 10.07 -37.02 0.66
N LEU C 79 9.35 -36.79 1.76
CA LEU C 79 9.67 -37.45 3.02
C LEU C 79 9.34 -38.93 2.94
N ASN C 80 8.26 -39.28 2.23
CA ASN C 80 7.87 -40.66 2.09
C ASN C 80 9.00 -41.43 1.41
N LEU C 81 9.81 -40.72 0.64
CA LEU C 81 10.91 -41.33 -0.07
C LEU C 81 12.25 -41.14 0.64
N GLY C 82 12.20 -40.77 1.92
CA GLY C 82 13.43 -40.58 2.67
C GLY C 82 14.36 -39.49 2.14
N MET C 83 13.80 -38.56 1.36
CA MET C 83 14.60 -37.47 0.81
C MET C 83 14.82 -36.30 1.76
N ASN C 84 15.65 -35.37 1.31
CA ASN C 84 15.94 -34.15 2.06
C ASN C 84 15.13 -33.09 1.33
N VAL C 85 14.56 -32.15 2.05
CA VAL C 85 13.76 -31.14 1.38
C VAL C 85 14.12 -29.73 1.75
N ILE C 86 14.28 -28.89 0.74
CA ILE C 86 14.60 -27.49 0.96
C ILE C 86 13.55 -26.70 0.21
N VAL C 87 12.74 -25.93 0.92
CA VAL C 87 11.72 -25.12 0.27
C VAL C 87 12.21 -23.68 0.17
N LEU C 88 12.25 -23.16 -1.05
CA LEU C 88 12.73 -21.80 -1.29
C LEU C 88 11.63 -20.95 -1.87
N ASP C 89 11.34 -19.85 -1.21
CA ASP C 89 10.34 -18.93 -1.70
C ASP C 89 11.11 -17.72 -2.18
N ILE C 90 11.32 -17.62 -3.48
CA ILE C 90 12.04 -16.47 -4.00
C ILE C 90 11.24 -15.25 -3.59
N ASN C 91 11.83 -14.07 -3.71
CA ASN C 91 11.14 -12.84 -3.35
C ASN C 91 11.13 -12.64 -1.84
N GLN C 92 10.90 -13.71 -1.10
CA GLN C 92 10.92 -13.58 0.35
C GLN C 92 12.37 -13.56 0.90
N GLY C 93 12.97 -14.75 1.04
CA GLY C 93 14.32 -14.79 1.55
C GLY C 93 15.43 -14.49 0.55
N ALA C 94 15.15 -14.63 -0.75
CA ALA C 94 16.17 -14.41 -1.76
C ALA C 94 16.10 -13.04 -2.44
N TRP C 95 16.92 -12.87 -3.49
CA TRP C 95 16.98 -11.63 -4.24
C TRP C 95 16.05 -11.67 -5.44
N LYS C 96 15.38 -10.55 -5.71
CA LYS C 96 14.46 -10.47 -6.84
C LYS C 96 15.23 -10.81 -8.11
N LEU C 97 14.60 -11.58 -8.99
CA LEU C 97 15.25 -12.00 -10.22
C LEU C 97 14.89 -11.22 -11.48
N GLU C 98 15.91 -10.89 -12.27
CA GLU C 98 15.68 -10.20 -13.53
C GLU C 98 15.51 -11.33 -14.52
N THR C 99 14.36 -11.35 -15.18
CA THR C 99 14.05 -12.41 -16.11
C THR C 99 14.51 -12.18 -17.55
N GLU C 100 14.53 -10.92 -17.99
CA GLU C 100 14.94 -10.57 -19.36
C GLU C 100 16.46 -10.48 -19.53
N ARG C 101 16.95 -10.96 -20.66
CA ARG C 101 18.39 -10.92 -20.93
C ARG C 101 18.84 -9.69 -21.71
N GLY C 102 20.06 -9.25 -21.41
CA GLY C 102 20.62 -8.10 -22.07
C GLY C 102 20.22 -6.75 -21.52
N VAL C 103 19.51 -6.73 -20.40
CA VAL C 103 19.08 -5.47 -19.80
C VAL C 103 20.18 -4.98 -18.88
N ILE C 104 20.17 -3.70 -18.55
CA ILE C 104 21.18 -3.19 -17.62
C ILE C 104 20.53 -3.27 -16.26
N MET C 105 20.99 -4.22 -15.46
CA MET C 105 20.43 -4.45 -14.13
C MET C 105 20.74 -3.34 -13.14
N ASP C 106 20.22 -2.16 -13.41
CA ASP C 106 20.45 -1.02 -12.53
C ASP C 106 19.17 -0.62 -11.80
N GLY C 107 18.47 -1.61 -11.24
CA GLY C 107 17.25 -1.28 -10.54
C GLY C 107 16.75 -2.30 -9.53
N ASP C 108 15.46 -2.54 -9.64
CA ASP C 108 14.69 -3.47 -8.81
C ASP C 108 15.35 -4.84 -8.56
N LYS C 109 15.90 -5.44 -9.61
CA LYS C 109 16.52 -6.77 -9.55
C LYS C 109 18.03 -6.82 -9.28
N PRO C 110 18.44 -7.50 -8.19
CA PRO C 110 19.86 -7.63 -7.82
C PRO C 110 20.50 -8.84 -8.50
N GLU C 111 19.68 -9.80 -8.89
CA GLU C 111 20.18 -11.03 -9.51
C GLU C 111 19.43 -11.38 -10.79
N HIS C 112 20.11 -12.07 -11.71
CA HIS C 112 19.48 -12.46 -12.96
C HIS C 112 19.14 -13.94 -12.96
N LEU C 113 17.98 -14.27 -13.54
CA LEU C 113 17.53 -15.65 -13.62
C LEU C 113 18.59 -16.57 -14.21
N LEU C 114 19.35 -16.04 -15.16
CA LEU C 114 20.40 -16.82 -15.83
C LEU C 114 21.47 -17.35 -14.90
N GLU C 115 21.66 -16.70 -13.76
CA GLU C 115 22.66 -17.16 -12.79
C GLU C 115 21.92 -17.98 -11.73
N ALA C 116 20.77 -17.46 -11.31
CA ALA C 116 19.96 -18.10 -10.28
C ALA C 116 19.68 -19.58 -10.55
N ILE C 117 19.20 -19.89 -11.74
CA ILE C 117 18.87 -21.26 -12.08
C ILE C 117 20.05 -22.22 -11.92
N PRO C 118 21.16 -21.95 -12.60
CA PRO C 118 22.32 -22.85 -12.49
C PRO C 118 22.73 -23.03 -11.03
N VAL C 119 22.80 -21.91 -10.32
CA VAL C 119 23.18 -21.90 -8.91
C VAL C 119 22.30 -22.81 -8.04
N MET C 120 20.98 -22.66 -8.17
CA MET C 120 20.05 -23.48 -7.41
C MET C 120 20.28 -24.97 -7.71
N GLY C 121 20.54 -25.27 -8.97
CA GLY C 121 20.78 -26.64 -9.36
C GLY C 121 22.00 -27.24 -8.67
N CYS C 122 22.92 -26.37 -8.26
CA CYS C 122 24.14 -26.81 -7.61
C CYS C 122 23.96 -27.52 -6.28
N TYR C 123 22.90 -27.18 -5.56
CA TYR C 123 22.70 -27.75 -4.24
C TYR C 123 21.63 -28.82 -4.04
N CYS C 124 21.12 -29.39 -5.12
CA CYS C 124 20.10 -30.42 -4.99
C CYS C 124 20.23 -31.51 -6.06
N ASP C 125 19.35 -32.49 -6.00
CA ASP C 125 19.34 -33.57 -6.98
C ASP C 125 18.13 -33.44 -7.91
N ILE C 126 17.01 -32.98 -7.37
CA ILE C 126 15.79 -32.79 -8.15
C ILE C 126 15.20 -31.42 -7.84
N ILE C 127 14.61 -30.78 -8.85
CA ILE C 127 14.00 -29.46 -8.66
C ILE C 127 12.51 -29.41 -8.99
N GLY C 128 11.77 -28.70 -8.14
CA GLY C 128 10.34 -28.53 -8.33
C GLY C 128 10.11 -27.04 -8.47
N VAL C 129 9.41 -26.62 -9.52
CA VAL C 129 9.16 -25.19 -9.71
C VAL C 129 7.71 -24.83 -9.90
N ARG C 130 7.32 -23.68 -9.36
CA ARG C 130 5.97 -23.19 -9.54
C ARG C 130 6.12 -21.79 -10.11
N SER C 131 5.59 -21.59 -11.32
CA SER C 131 5.68 -20.30 -11.96
C SER C 131 4.44 -20.04 -12.79
N PHE C 132 3.47 -19.37 -12.16
CA PHE C 132 2.20 -19.04 -12.79
C PHE C 132 2.42 -18.22 -14.06
N ALA C 133 1.48 -18.33 -14.99
CA ALA C 133 1.53 -17.56 -16.22
C ALA C 133 1.55 -16.11 -15.79
N ARG C 134 2.32 -15.27 -16.48
CA ARG C 134 2.42 -13.86 -16.12
C ARG C 134 1.38 -13.01 -16.82
N PHE C 135 0.73 -13.59 -17.83
CA PHE C 135 -0.29 -12.87 -18.59
C PHE C 135 0.19 -11.55 -19.17
N GLU C 136 1.49 -11.46 -19.45
CA GLU C 136 2.05 -10.25 -20.02
C GLU C 136 2.30 -10.45 -21.51
N ASN C 137 2.40 -11.72 -21.91
CA ASN C 137 2.64 -12.05 -23.30
C ASN C 137 2.34 -13.54 -23.50
N ARG C 138 1.28 -13.83 -24.27
CA ARG C 138 0.89 -15.21 -24.51
C ARG C 138 2.03 -16.13 -24.93
N GLU C 139 2.84 -15.69 -25.89
CA GLU C 139 3.95 -16.51 -26.33
C GLU C 139 4.91 -16.88 -25.22
N TYR C 140 5.32 -15.88 -24.44
CA TYR C 140 6.23 -16.12 -23.32
C TYR C 140 5.66 -17.18 -22.40
N ASP C 141 4.36 -17.08 -22.11
CA ASP C 141 3.71 -18.04 -21.23
C ASP C 141 3.57 -19.40 -21.88
N TYR C 142 2.93 -19.45 -23.05
CA TYR C 142 2.73 -20.73 -23.71
C TYR C 142 3.97 -21.42 -24.22
N ASN C 143 5.04 -20.68 -24.44
CA ASN C 143 6.27 -21.34 -24.87
C ASN C 143 6.96 -21.82 -23.60
N GLU C 144 6.32 -21.54 -22.47
CA GLU C 144 6.81 -21.94 -21.16
C GLU C 144 8.29 -21.61 -21.01
N VAL C 145 8.63 -20.35 -21.26
CA VAL C 145 10.01 -19.90 -21.19
C VAL C 145 10.73 -20.17 -19.85
N ILE C 146 10.11 -19.77 -18.75
CA ILE C 146 10.73 -19.94 -17.43
C ILE C 146 10.92 -21.40 -17.05
N ILE C 147 9.84 -22.17 -17.03
CA ILE C 147 9.95 -23.58 -16.68
C ILE C 147 10.98 -24.29 -17.55
N ASN C 148 11.11 -23.85 -18.80
CA ASN C 148 12.08 -24.44 -19.71
C ASN C 148 13.51 -24.03 -19.43
N GLN C 149 13.71 -22.78 -19.01
CA GLN C 149 15.04 -22.33 -18.68
C GLN C 149 15.57 -23.11 -17.49
N PHE C 150 14.66 -23.57 -16.63
CA PHE C 150 15.06 -24.37 -15.48
C PHE C 150 15.53 -25.71 -16.03
N ILE C 151 14.73 -26.28 -16.91
CA ILE C 151 15.06 -27.55 -17.52
C ILE C 151 16.41 -27.47 -18.23
N GLN C 152 16.61 -26.41 -18.99
CA GLN C 152 17.86 -26.21 -19.74
C GLN C 152 19.09 -25.89 -18.93
N HIS C 153 18.98 -25.02 -17.93
CA HIS C 153 20.15 -24.62 -17.16
C HIS C 153 20.30 -25.05 -15.71
N SER C 154 19.30 -25.70 -15.12
CA SER C 154 19.42 -26.11 -13.72
C SER C 154 20.42 -27.25 -13.58
N GLY C 155 20.48 -28.11 -14.60
CA GLY C 155 21.38 -29.24 -14.53
C GLY C 155 20.82 -30.37 -13.70
N ARG C 156 19.51 -30.29 -13.43
CA ARG C 156 18.83 -31.30 -12.64
C ARG C 156 17.46 -31.63 -13.25
N PRO C 157 16.88 -32.76 -12.82
CA PRO C 157 15.56 -33.11 -13.35
C PRO C 157 14.59 -32.06 -12.80
N VAL C 158 13.66 -31.59 -13.63
CA VAL C 158 12.72 -30.59 -13.16
C VAL C 158 11.30 -31.07 -13.27
N PHE C 159 10.52 -30.89 -12.22
CA PHE C 159 9.12 -31.26 -12.26
C PHE C 159 8.30 -30.02 -11.96
N SER C 160 7.17 -29.90 -12.63
CA SER C 160 6.31 -28.74 -12.50
C SER C 160 5.39 -28.76 -11.28
N MET C 161 5.30 -27.63 -10.59
CA MET C 161 4.42 -27.48 -9.44
C MET C 161 3.35 -26.48 -9.89
N GLU C 162 3.20 -26.45 -11.21
CA GLU C 162 2.28 -25.62 -11.99
C GLU C 162 3.10 -24.59 -12.73
N ALA C 163 3.13 -24.72 -14.05
CA ALA C 163 3.85 -23.79 -14.91
C ALA C 163 2.83 -22.81 -15.45
N ALA C 164 3.14 -22.22 -16.59
CA ALA C 164 2.25 -21.25 -17.19
C ALA C 164 1.05 -21.89 -17.87
N THR C 165 1.22 -23.09 -18.41
CA THR C 165 0.14 -23.75 -19.12
C THR C 165 -0.28 -25.16 -18.65
N ARG C 166 0.43 -25.73 -17.68
CA ARG C 166 0.08 -27.05 -17.18
C ARG C 166 0.26 -27.18 -15.66
N HIS C 167 -0.22 -28.29 -15.11
CA HIS C 167 -0.11 -28.58 -13.69
C HIS C 167 -0.27 -30.09 -13.55
N PRO C 168 0.64 -30.85 -14.16
CA PRO C 168 0.63 -32.31 -14.14
C PRO C 168 0.42 -32.95 -12.75
N LEU C 169 1.18 -32.51 -11.76
CA LEU C 169 1.03 -33.06 -10.41
C LEU C 169 -0.43 -33.04 -9.97
N GLN C 170 -1.14 -31.97 -10.29
CA GLN C 170 -2.54 -31.84 -9.91
C GLN C 170 -3.42 -32.80 -10.72
N SER C 171 -3.30 -32.73 -12.03
CA SER C 171 -4.08 -33.58 -12.93
C SER C 171 -3.89 -35.06 -12.62
N PHE C 172 -2.63 -35.48 -12.52
CA PHE C 172 -2.31 -36.87 -12.21
C PHE C 172 -3.11 -37.28 -10.97
N ALA C 173 -3.17 -36.39 -9.98
CA ALA C 173 -3.92 -36.67 -8.75
C ALA C 173 -5.42 -36.77 -9.04
N ASP C 174 -5.92 -35.87 -9.87
CA ASP C 174 -7.33 -35.90 -10.23
C ASP C 174 -7.66 -37.25 -10.89
N LEU C 175 -6.74 -37.73 -11.73
CA LEU C 175 -6.92 -39.01 -12.41
C LEU C 175 -7.05 -40.08 -11.34
N ILE C 176 -6.08 -40.10 -10.44
CA ILE C 176 -6.06 -41.07 -9.36
C ILE C 176 -7.38 -41.08 -8.58
N THR C 177 -7.92 -39.90 -8.27
CA THR C 177 -9.15 -39.88 -7.49
C THR C 177 -10.36 -40.32 -8.31
N ILE C 178 -10.36 -40.04 -9.61
CA ILE C 178 -11.50 -40.43 -10.45
C ILE C 178 -11.50 -41.95 -10.57
N GLU C 179 -10.32 -42.52 -10.74
CA GLU C 179 -10.19 -43.97 -10.82
C GLU C 179 -10.64 -44.53 -9.49
N GLU C 180 -10.17 -43.89 -8.43
CA GLU C 180 -10.48 -44.27 -7.07
C GLU C 180 -11.99 -44.23 -6.74
N TYR C 181 -12.72 -43.29 -7.31
CA TYR C 181 -14.15 -43.18 -7.04
C TYR C 181 -15.15 -43.57 -8.11
N LYS C 182 -14.73 -43.69 -9.36
CA LYS C 182 -15.66 -44.05 -10.43
C LYS C 182 -16.50 -45.29 -10.18
N LYS C 183 -17.75 -45.25 -10.62
CA LYS C 183 -18.69 -46.36 -10.49
C LYS C 183 -18.74 -47.23 -11.74
N THR C 184 -18.14 -46.75 -12.84
CA THR C 184 -18.11 -47.50 -14.07
C THR C 184 -16.74 -47.34 -14.69
N ALA C 185 -16.44 -48.15 -15.69
CA ALA C 185 -15.14 -48.11 -16.34
C ALA C 185 -14.83 -46.79 -17.05
N ARG C 186 -15.81 -46.27 -17.77
CA ARG C 186 -15.59 -45.04 -18.51
C ARG C 186 -16.66 -44.01 -18.19
N PRO C 187 -16.52 -43.31 -17.04
CA PRO C 187 -17.48 -42.29 -16.60
C PRO C 187 -17.49 -41.04 -17.46
N LYS C 188 -18.55 -40.25 -17.28
CA LYS C 188 -18.67 -39.00 -18.02
C LYS C 188 -18.07 -37.93 -17.10
N VAL C 189 -16.95 -37.37 -17.52
CA VAL C 189 -16.26 -36.34 -16.75
C VAL C 189 -16.45 -35.00 -17.46
N VAL C 190 -17.04 -34.05 -16.75
CA VAL C 190 -17.29 -32.73 -17.30
C VAL C 190 -16.53 -31.63 -16.60
N MET C 191 -15.60 -30.98 -17.30
CA MET C 191 -14.85 -29.87 -16.72
C MET C 191 -15.67 -28.61 -17.00
N THR C 192 -16.01 -27.87 -15.96
CA THR C 192 -16.81 -26.66 -16.15
C THR C 192 -16.14 -25.39 -15.67
N TRP C 193 -16.33 -24.32 -16.43
CA TRP C 193 -15.79 -23.01 -16.08
C TRP C 193 -16.72 -22.48 -14.97
N ALA C 194 -16.25 -21.50 -14.22
CA ALA C 194 -17.06 -20.88 -13.18
C ALA C 194 -16.56 -19.45 -13.02
N PRO C 195 -17.43 -18.54 -12.57
CA PRO C 195 -17.06 -17.13 -12.38
C PRO C 195 -16.03 -16.89 -11.28
N HIS C 196 -15.13 -15.95 -11.52
CA HIS C 196 -14.09 -15.61 -10.56
C HIS C 196 -13.79 -14.11 -10.67
N PRO C 197 -13.45 -13.47 -9.55
CA PRO C 197 -13.17 -12.04 -9.54
C PRO C 197 -11.81 -11.62 -10.13
N ARG C 198 -10.88 -12.56 -10.23
CA ARG C 198 -9.56 -12.23 -10.75
C ARG C 198 -9.15 -13.14 -11.90
N PRO C 199 -8.31 -12.62 -12.82
CA PRO C 199 -7.87 -13.39 -13.98
C PRO C 199 -6.93 -14.52 -13.59
N LEU C 200 -7.39 -15.76 -13.75
CA LEU C 200 -6.57 -16.92 -13.40
C LEU C 200 -5.95 -17.61 -14.63
N PRO C 201 -4.83 -18.30 -14.44
CA PRO C 201 -4.14 -19.01 -15.52
C PRO C 201 -5.03 -20.12 -16.06
N GLN C 202 -4.74 -20.62 -17.26
CA GLN C 202 -5.53 -21.72 -17.80
C GLN C 202 -4.75 -23.03 -17.63
N ALA C 203 -3.71 -22.98 -16.81
CA ALA C 203 -2.86 -24.13 -16.55
C ALA C 203 -3.62 -25.35 -16.04
N VAL C 204 -4.50 -25.16 -15.08
CA VAL C 204 -5.26 -26.27 -14.54
C VAL C 204 -6.20 -26.86 -15.58
N PRO C 205 -7.02 -26.01 -16.24
CA PRO C 205 -7.94 -26.52 -17.26
C PRO C 205 -7.18 -27.23 -18.36
N ASN C 206 -6.14 -26.58 -18.87
CA ASN C 206 -5.32 -27.14 -19.94
C ASN C 206 -4.84 -28.52 -19.51
N SER C 207 -4.26 -28.58 -18.32
CA SER C 207 -3.72 -29.82 -17.78
C SER C 207 -4.78 -30.90 -17.59
N PHE C 208 -5.93 -30.54 -17.03
CA PHE C 208 -7.00 -31.51 -16.82
C PHE C 208 -7.42 -32.09 -18.16
N ALA C 209 -7.71 -31.23 -19.13
CA ALA C 209 -8.11 -31.66 -20.46
C ALA C 209 -7.05 -32.60 -21.02
N GLU C 210 -5.80 -32.18 -20.95
CA GLU C 210 -4.69 -32.98 -21.45
C GLU C 210 -4.73 -34.39 -20.89
N TRP C 211 -4.93 -34.51 -19.58
CA TRP C 211 -4.97 -35.82 -18.96
C TRP C 211 -6.25 -36.57 -19.27
N MET C 212 -7.40 -35.90 -19.20
CA MET C 212 -8.64 -36.59 -19.51
C MET C 212 -8.64 -37.14 -20.92
N ASN C 213 -8.05 -36.39 -21.85
CA ASN C 213 -7.97 -36.84 -23.24
C ASN C 213 -7.11 -38.10 -23.35
N ALA C 214 -6.24 -38.31 -22.38
CA ALA C 214 -5.36 -39.47 -22.37
C ALA C 214 -6.09 -40.70 -21.89
N THR C 215 -7.24 -40.51 -21.24
CA THR C 215 -8.04 -41.62 -20.75
C THR C 215 -9.06 -41.96 -21.82
N ASP C 216 -9.96 -42.87 -21.50
CA ASP C 216 -11.00 -43.26 -22.42
C ASP C 216 -12.36 -42.95 -21.79
N TYR C 217 -12.37 -41.96 -20.90
CA TYR C 217 -13.59 -41.52 -20.25
C TYR C 217 -14.37 -40.69 -21.27
N GLU C 218 -15.61 -40.37 -20.95
CA GLU C 218 -16.38 -39.54 -21.85
C GLU C 218 -16.10 -38.14 -21.34
N PHE C 219 -15.17 -37.44 -21.97
CA PHE C 219 -14.80 -36.11 -21.53
C PHE C 219 -15.52 -34.96 -22.23
N VAL C 220 -16.05 -34.03 -21.44
CA VAL C 220 -16.75 -32.87 -21.99
C VAL C 220 -16.28 -31.58 -21.31
N ILE C 221 -16.07 -30.53 -22.10
CA ILE C 221 -15.64 -29.23 -21.58
C ILE C 221 -16.75 -28.23 -21.79
N THR C 222 -17.13 -27.51 -20.76
CA THR C 222 -18.20 -26.52 -20.90
C THR C 222 -17.79 -25.17 -20.32
N HIS C 223 -17.90 -24.12 -21.14
CA HIS C 223 -17.52 -22.78 -20.71
C HIS C 223 -18.25 -21.74 -21.53
N PRO C 224 -18.28 -20.49 -21.05
CA PRO C 224 -18.96 -19.43 -21.79
C PRO C 224 -18.25 -19.15 -23.12
N GLU C 225 -18.96 -18.47 -24.02
CA GLU C 225 -18.38 -18.13 -25.32
C GLU C 225 -17.19 -17.20 -25.05
N GLY C 226 -16.10 -17.41 -25.78
CA GLY C 226 -14.94 -16.56 -25.61
C GLY C 226 -13.85 -17.21 -24.79
N TYR C 227 -14.24 -18.15 -23.94
CA TYR C 227 -13.26 -18.81 -23.09
C TYR C 227 -12.65 -20.08 -23.66
N GLU C 228 -12.57 -20.19 -24.98
CA GLU C 228 -12.01 -21.40 -25.58
C GLU C 228 -10.56 -21.57 -25.19
N LEU C 229 -10.19 -22.78 -24.80
CA LEU C 229 -8.82 -23.08 -24.44
C LEU C 229 -8.03 -23.42 -25.69
N ASP C 230 -6.71 -23.39 -25.60
CA ASP C 230 -5.89 -23.70 -26.77
C ASP C 230 -6.24 -25.07 -27.31
N PRO C 231 -6.35 -25.19 -28.65
CA PRO C 231 -6.68 -26.45 -29.29
C PRO C 231 -5.79 -27.62 -28.86
N LYS C 232 -4.49 -27.39 -28.79
CA LYS C 232 -3.57 -28.44 -28.41
C LYS C 232 -3.92 -29.09 -27.09
N PHE C 233 -4.69 -28.38 -26.26
CA PHE C 233 -5.09 -28.93 -24.96
C PHE C 233 -6.51 -29.46 -25.07
N VAL C 234 -7.38 -28.68 -25.69
CA VAL C 234 -8.77 -29.10 -25.85
C VAL C 234 -8.81 -30.46 -26.52
N GLY C 235 -7.85 -30.68 -27.43
CA GLY C 235 -7.79 -31.93 -28.14
C GLY C 235 -9.08 -32.14 -28.91
N ASN C 236 -9.60 -33.36 -28.88
CA ASN C 236 -10.84 -33.65 -29.58
C ASN C 236 -11.94 -33.88 -28.56
N ALA C 237 -11.89 -33.14 -27.46
CA ALA C 237 -12.89 -33.25 -26.42
C ALA C 237 -14.12 -32.47 -26.86
N ARG C 238 -15.29 -32.88 -26.38
CA ARG C 238 -16.54 -32.22 -26.74
C ARG C 238 -16.68 -30.92 -25.98
N VAL C 239 -16.92 -29.82 -26.69
CA VAL C 239 -17.08 -28.53 -26.03
C VAL C 239 -18.55 -28.12 -26.10
N GLU C 240 -19.16 -27.96 -24.93
CA GLU C 240 -20.56 -27.58 -24.84
C GLU C 240 -20.73 -26.21 -24.21
N TYR C 241 -21.34 -25.28 -24.94
CA TYR C 241 -21.52 -23.92 -24.42
C TYR C 241 -22.71 -23.80 -23.51
N ASP C 242 -23.53 -24.85 -23.44
CA ASP C 242 -24.69 -24.84 -22.56
C ASP C 242 -24.31 -25.66 -21.33
N GLN C 243 -24.02 -24.98 -20.23
CA GLN C 243 -23.61 -25.68 -19.02
C GLN C 243 -24.58 -26.78 -18.61
N MET C 244 -25.86 -26.42 -18.48
CA MET C 244 -26.85 -27.41 -18.08
C MET C 244 -26.86 -28.66 -18.96
N LYS C 245 -26.61 -28.48 -20.26
CA LYS C 245 -26.57 -29.60 -21.19
C LYS C 245 -25.38 -30.49 -20.92
N ALA C 246 -24.22 -29.86 -20.68
CA ALA C 246 -23.01 -30.60 -20.41
C ALA C 246 -23.17 -31.46 -19.16
N PHE C 247 -23.70 -30.84 -18.10
CA PHE C 247 -23.89 -31.52 -16.82
C PHE C 247 -24.79 -32.74 -16.88
N GLU C 248 -25.73 -32.76 -17.81
CA GLU C 248 -26.65 -33.90 -17.91
C GLU C 248 -26.00 -35.27 -17.83
N GLY C 249 -26.41 -36.03 -16.82
CA GLY C 249 -25.90 -37.37 -16.62
C GLY C 249 -24.40 -37.54 -16.38
N ALA C 250 -23.73 -36.49 -15.94
CA ALA C 250 -22.30 -36.56 -15.68
C ALA C 250 -22.03 -37.37 -14.43
N ASP C 251 -20.83 -37.94 -14.35
CA ASP C 251 -20.43 -38.73 -13.19
C ASP C 251 -19.43 -37.97 -12.35
N PHE C 252 -18.77 -37.00 -12.97
CA PHE C 252 -17.79 -36.18 -12.29
C PHE C 252 -17.83 -34.76 -12.82
N ILE C 253 -17.83 -33.81 -11.90
CA ILE C 253 -17.84 -32.40 -12.28
C ILE C 253 -16.52 -31.82 -11.79
N TYR C 254 -15.74 -31.29 -12.70
CA TYR C 254 -14.45 -30.69 -12.37
C TYR C 254 -14.58 -29.21 -12.66
N ALA C 255 -14.89 -28.42 -11.66
CA ALA C 255 -15.05 -26.98 -11.85
C ALA C 255 -13.74 -26.26 -11.64
N LYS C 256 -13.52 -25.23 -12.45
CA LYS C 256 -12.31 -24.43 -12.38
C LYS C 256 -12.44 -23.19 -13.25
N ASN C 257 -12.06 -22.03 -12.71
CA ASN C 257 -12.11 -20.81 -13.50
C ASN C 257 -10.80 -20.59 -14.22
N TRP C 258 -10.86 -19.81 -15.28
CA TRP C 258 -9.66 -19.47 -16.05
C TRP C 258 -9.95 -18.23 -16.89
N ALA C 259 -8.98 -17.33 -16.96
CA ALA C 259 -9.14 -16.11 -17.72
C ALA C 259 -9.13 -16.47 -19.20
N ALA C 260 -9.65 -15.59 -20.05
CA ALA C 260 -9.69 -15.83 -21.48
C ALA C 260 -8.32 -16.18 -22.06
N TYR C 261 -8.32 -16.68 -23.29
CA TYR C 261 -7.09 -17.09 -23.95
C TYR C 261 -6.95 -16.61 -25.39
N LEU C 262 -8.06 -16.60 -26.13
CA LEU C 262 -8.06 -16.19 -27.53
C LEU C 262 -7.95 -14.72 -27.88
N GLY C 263 -7.32 -14.47 -29.03
CA GLY C 263 -7.17 -13.12 -29.53
C GLY C 263 -6.80 -12.02 -28.57
N ASP C 264 -7.53 -10.91 -28.65
CA ASP C 264 -7.25 -9.74 -27.81
C ASP C 264 -7.61 -9.86 -26.35
N ASN C 265 -8.04 -11.04 -25.91
CA ASN C 265 -8.43 -11.19 -24.51
C ASN C 265 -7.52 -12.06 -23.67
N TYR C 266 -6.33 -12.37 -24.16
CA TYR C 266 -5.43 -13.22 -23.39
C TYR C 266 -5.34 -12.72 -21.96
N GLY C 267 -5.60 -13.61 -21.02
CA GLY C 267 -5.53 -13.27 -19.61
C GLY C 267 -6.52 -12.24 -19.10
N GLN C 268 -7.68 -12.16 -19.73
CA GLN C 268 -8.69 -11.20 -19.30
C GLN C 268 -10.01 -11.81 -18.89
N ILE C 269 -10.72 -11.10 -18.01
CA ILE C 269 -12.01 -11.56 -17.52
C ILE C 269 -13.08 -11.10 -18.49
N LEU C 270 -13.67 -12.04 -19.23
CA LEU C 270 -14.73 -11.70 -20.17
C LEU C 270 -16.07 -11.61 -19.47
N SER C 271 -16.23 -12.37 -18.39
CA SER C 271 -17.47 -12.31 -17.64
C SER C 271 -17.36 -12.90 -16.23
N THR C 272 -18.35 -12.59 -15.40
CA THR C 272 -18.40 -13.12 -14.06
C THR C 272 -19.83 -13.57 -13.87
N ASP C 273 -20.41 -14.10 -14.96
CA ASP C 273 -21.79 -14.59 -14.97
C ASP C 273 -21.96 -15.63 -13.87
N ARG C 274 -22.63 -15.24 -12.79
CA ARG C 274 -22.79 -16.15 -11.68
C ARG C 274 -23.77 -17.31 -11.92
N ASN C 275 -24.34 -17.39 -13.12
CA ASN C 275 -25.25 -18.49 -13.41
C ASN C 275 -24.42 -19.75 -13.63
N TRP C 276 -23.11 -19.58 -13.77
CA TRP C 276 -22.23 -20.71 -13.95
C TRP C 276 -21.72 -21.25 -12.62
N THR C 277 -21.96 -20.52 -11.54
CA THR C 277 -21.51 -20.99 -10.24
C THR C 277 -22.13 -22.35 -10.03
N VAL C 278 -21.28 -23.38 -9.98
CA VAL C 278 -21.79 -24.73 -9.78
C VAL C 278 -22.58 -24.81 -8.50
N GLY C 279 -23.90 -24.79 -8.64
CA GLY C 279 -24.78 -24.87 -7.50
C GLY C 279 -25.60 -26.13 -7.56
N ASP C 280 -26.60 -26.21 -6.69
CA ASP C 280 -27.46 -27.38 -6.61
C ASP C 280 -28.27 -27.58 -7.91
N ARG C 281 -28.61 -26.48 -8.55
CA ARG C 281 -29.36 -26.50 -9.78
C ARG C 281 -28.71 -27.39 -10.84
N GLN C 282 -27.43 -27.15 -11.11
CA GLN C 282 -26.72 -27.93 -12.12
C GLN C 282 -26.42 -29.36 -11.69
N MET C 283 -26.07 -29.53 -10.42
CA MET C 283 -25.76 -30.87 -9.92
C MET C 283 -26.94 -31.81 -10.09
N ALA C 284 -28.14 -31.30 -9.83
CA ALA C 284 -29.37 -32.08 -9.94
C ALA C 284 -29.47 -32.83 -11.28
N VAL C 285 -29.07 -32.17 -12.36
CA VAL C 285 -29.13 -32.74 -13.68
C VAL C 285 -28.08 -33.83 -13.95
N THR C 286 -27.09 -33.94 -13.07
CA THR C 286 -26.06 -34.95 -13.28
C THR C 286 -26.53 -36.27 -12.70
N ASN C 287 -25.82 -37.34 -13.05
CA ASN C 287 -26.12 -38.68 -12.55
C ASN C 287 -25.55 -38.77 -11.12
N ASN C 288 -26.03 -37.89 -10.25
CA ASN C 288 -25.56 -37.83 -8.88
C ASN C 288 -24.04 -37.84 -8.92
N ALA C 289 -23.48 -36.99 -9.76
CA ALA C 289 -22.03 -36.90 -9.95
C ALA C 289 -21.29 -36.37 -8.75
N TYR C 290 -19.98 -36.67 -8.73
CA TYR C 290 -19.11 -36.22 -7.67
C TYR C 290 -18.64 -34.83 -8.04
N PHE C 291 -18.32 -34.01 -7.06
CA PHE C 291 -17.82 -32.67 -7.33
C PHE C 291 -16.34 -32.63 -7.03
N MET C 292 -15.56 -32.10 -7.96
CA MET C 292 -14.11 -32.00 -7.79
C MET C 292 -13.61 -30.58 -8.06
N HIS C 293 -12.49 -30.25 -7.42
CA HIS C 293 -11.83 -28.95 -7.59
C HIS C 293 -10.43 -29.04 -7.02
N CYS C 294 -9.45 -28.50 -7.73
CA CYS C 294 -8.07 -28.55 -7.29
C CYS C 294 -7.77 -27.73 -6.05
N LEU C 295 -8.60 -26.72 -5.78
CA LEU C 295 -8.40 -25.82 -4.63
C LEU C 295 -7.15 -24.96 -4.88
N PRO C 296 -7.12 -23.73 -4.37
CA PRO C 296 -8.12 -23.00 -3.57
C PRO C 296 -9.43 -22.85 -4.29
N VAL C 297 -10.51 -22.64 -3.53
CA VAL C 297 -11.83 -22.47 -4.14
C VAL C 297 -12.56 -21.33 -3.46
N ARG C 298 -13.12 -20.43 -4.24
CA ARG C 298 -13.87 -19.34 -3.65
C ARG C 298 -15.31 -19.80 -3.55
N ARG C 299 -15.79 -20.01 -2.34
CA ARG C 299 -17.15 -20.45 -2.13
C ARG C 299 -18.15 -19.42 -2.64
N ASN C 300 -19.25 -19.92 -3.19
CA ASN C 300 -20.30 -19.07 -3.72
C ASN C 300 -19.85 -18.19 -4.87
N MET C 301 -18.88 -18.70 -5.60
CA MET C 301 -18.32 -18.04 -6.77
C MET C 301 -18.13 -19.18 -7.76
N ILE C 302 -17.30 -20.12 -7.36
CA ILE C 302 -17.03 -21.29 -8.18
C ILE C 302 -18.09 -22.33 -7.86
N VAL C 303 -18.34 -22.56 -6.57
CA VAL C 303 -19.31 -23.55 -6.17
C VAL C 303 -20.06 -23.17 -4.89
N THR C 304 -21.30 -23.61 -4.78
CA THR C 304 -22.15 -23.34 -3.63
C THR C 304 -21.58 -23.93 -2.36
N ASP C 305 -21.92 -23.33 -1.22
CA ASP C 305 -21.45 -23.86 0.06
C ASP C 305 -22.00 -25.29 0.17
N ASP C 306 -23.30 -25.43 -0.11
CA ASP C 306 -23.96 -26.73 -0.04
C ASP C 306 -23.36 -27.81 -0.93
N VAL C 307 -23.03 -27.47 -2.17
CA VAL C 307 -22.46 -28.46 -3.08
C VAL C 307 -21.13 -28.96 -2.59
N ILE C 308 -20.24 -28.02 -2.26
CA ILE C 308 -18.91 -28.39 -1.81
C ILE C 308 -18.98 -29.15 -0.49
N GLU C 309 -20.02 -28.87 0.30
CA GLU C 309 -20.17 -29.55 1.58
C GLU C 309 -20.97 -30.85 1.46
N SER C 310 -21.62 -31.04 0.30
CA SER C 310 -22.42 -32.24 0.10
C SER C 310 -21.52 -33.48 0.13
N PRO C 311 -22.13 -34.64 0.32
CA PRO C 311 -21.34 -35.87 0.35
C PRO C 311 -20.78 -36.29 -1.00
N GLN C 312 -21.29 -35.69 -2.09
CA GLN C 312 -20.79 -36.02 -3.43
C GLN C 312 -19.50 -35.25 -3.70
N SER C 313 -19.17 -34.32 -2.79
CA SER C 313 -17.96 -33.53 -2.93
C SER C 313 -16.74 -34.31 -2.41
N ILE C 314 -15.85 -34.68 -3.32
CA ILE C 314 -14.65 -35.42 -2.94
C ILE C 314 -13.42 -34.51 -3.02
N VAL C 315 -13.66 -33.23 -2.83
CA VAL C 315 -12.61 -32.22 -2.86
C VAL C 315 -11.38 -32.55 -2.00
N ILE C 316 -11.61 -32.97 -0.75
CA ILE C 316 -10.51 -33.32 0.14
C ILE C 316 -9.78 -34.60 -0.29
N PRO C 317 -10.53 -35.70 -0.51
CA PRO C 317 -9.90 -36.96 -0.93
C PRO C 317 -9.00 -36.69 -2.12
N GLU C 318 -9.49 -35.80 -2.98
CA GLU C 318 -8.78 -35.38 -4.18
C GLU C 318 -7.47 -34.74 -3.73
N ALA C 319 -7.58 -33.68 -2.94
CA ALA C 319 -6.42 -32.95 -2.44
C ALA C 319 -5.42 -33.93 -1.82
N ALA C 320 -5.95 -34.87 -1.04
CA ALA C 320 -5.12 -35.85 -0.38
C ALA C 320 -4.25 -36.62 -1.39
N ASN C 321 -4.84 -36.97 -2.52
CA ASN C 321 -4.13 -37.72 -3.55
C ASN C 321 -2.95 -36.97 -4.14
N ARG C 322 -2.87 -35.67 -3.88
CA ARG C 322 -1.76 -34.87 -4.37
C ARG C 322 -0.47 -35.43 -3.79
N GLU C 323 -0.55 -36.02 -2.61
CA GLU C 323 0.62 -36.61 -1.96
C GLU C 323 1.09 -37.84 -2.73
N ILE C 324 0.13 -38.61 -3.24
CA ILE C 324 0.44 -39.80 -4.01
C ILE C 324 1.08 -39.45 -5.36
N SER C 325 0.39 -38.65 -6.16
CA SER C 325 0.93 -38.26 -7.47
C SER C 325 2.34 -37.74 -7.33
N ALA C 326 2.59 -36.95 -6.27
CA ALA C 326 3.91 -36.39 -6.03
C ALA C 326 4.91 -37.46 -5.64
N THR C 327 4.49 -38.40 -4.80
CA THR C 327 5.38 -39.47 -4.38
C THR C 327 5.75 -40.35 -5.57
N VAL C 328 4.78 -40.63 -6.44
CA VAL C 328 5.03 -41.46 -7.62
C VAL C 328 6.02 -40.75 -8.56
N VAL C 329 5.73 -39.49 -8.88
CA VAL C 329 6.61 -38.70 -9.76
C VAL C 329 8.01 -38.59 -9.17
N LEU C 330 8.07 -38.22 -7.90
CA LEU C 330 9.34 -38.07 -7.20
C LEU C 330 10.10 -39.40 -7.21
N LYS C 331 9.38 -40.50 -7.03
CA LYS C 331 9.99 -41.82 -7.04
C LYS C 331 10.62 -42.10 -8.38
N ARG C 332 9.81 -41.97 -9.44
CA ARG C 332 10.28 -42.21 -10.81
C ARG C 332 11.54 -41.38 -11.07
N LEU C 333 11.51 -40.10 -10.71
CA LEU C 333 12.65 -39.24 -10.92
C LEU C 333 13.89 -39.77 -10.22
N LEU C 334 13.73 -40.18 -8.97
CA LEU C 334 14.86 -40.73 -8.22
C LEU C 334 15.41 -41.94 -8.95
N GLU C 335 14.52 -42.88 -9.27
CA GLU C 335 14.90 -44.13 -9.94
C GLU C 335 15.72 -43.88 -11.19
N ASN C 336 15.60 -42.69 -11.76
CA ASN C 336 16.33 -42.38 -12.97
C ASN C 336 17.53 -41.47 -12.76
N LEU C 337 17.82 -41.15 -11.50
CA LEU C 337 18.96 -40.28 -11.21
C LEU C 337 20.23 -40.99 -11.59
N PRO C 338 21.20 -40.25 -12.13
CA PRO C 338 22.48 -40.86 -12.51
C PRO C 338 23.26 -41.31 -11.28
N SER D 19 -2.23 42.09 -29.87
CA SER D 19 -3.63 42.60 -30.00
C SER D 19 -4.64 41.48 -30.21
N HIS D 20 -4.60 40.86 -31.39
CA HIS D 20 -5.52 39.78 -31.71
C HIS D 20 -4.97 38.42 -31.33
N MET D 21 -4.99 38.17 -30.02
CA MET D 21 -4.52 36.93 -29.43
C MET D 21 -5.59 35.84 -29.52
N LYS D 22 -5.21 34.72 -30.13
CA LYS D 22 -6.13 33.59 -30.30
C LYS D 22 -5.68 32.43 -29.43
N LYS D 23 -4.45 32.51 -28.95
CA LYS D 23 -3.87 31.49 -28.09
C LYS D 23 -2.63 32.09 -27.44
N PHE D 24 -2.04 31.36 -26.48
CA PHE D 24 -0.84 31.84 -25.82
C PHE D 24 0.04 30.63 -25.50
N THR D 25 0.97 30.33 -26.39
CA THR D 25 1.86 29.20 -26.19
C THR D 25 3.33 29.56 -26.43
N CYS D 26 3.59 30.48 -27.35
CA CYS D 26 4.95 30.91 -27.63
C CYS D 26 5.05 32.43 -27.60
N VAL D 27 6.26 32.94 -27.39
CA VAL D 27 6.49 34.39 -27.30
C VAL D 27 5.86 35.22 -28.43
N GLN D 28 5.70 34.61 -29.60
CA GLN D 28 5.10 35.31 -30.73
C GLN D 28 3.71 35.82 -30.38
N ASP D 29 2.93 34.98 -29.70
CA ASP D 29 1.57 35.34 -29.31
C ASP D 29 1.42 36.65 -28.55
N ILE D 30 2.45 37.07 -27.83
CA ILE D 30 2.35 38.29 -27.05
C ILE D 30 2.50 39.56 -27.88
N GLY D 31 3.10 39.42 -29.05
CA GLY D 31 3.28 40.57 -29.93
C GLY D 31 4.44 41.45 -29.49
N ASP D 32 4.24 42.76 -29.60
CA ASP D 32 5.26 43.72 -29.21
C ASP D 32 5.59 43.64 -27.73
N LEU D 33 6.84 43.30 -27.40
CA LEU D 33 7.25 43.19 -26.01
C LEU D 33 7.11 44.50 -25.26
N LYS D 34 7.43 45.60 -25.93
CA LYS D 34 7.35 46.91 -25.31
C LYS D 34 5.98 47.20 -24.72
N SER D 35 4.95 47.12 -25.54
CA SER D 35 3.58 47.39 -25.09
C SER D 35 3.07 46.30 -24.15
N ALA D 36 3.62 45.10 -24.30
CA ALA D 36 3.22 43.99 -23.44
C ALA D 36 3.70 44.34 -22.03
N LEU D 37 4.97 44.76 -21.92
CA LEU D 37 5.56 45.15 -20.64
C LEU D 37 4.81 46.36 -20.08
N ALA D 38 4.33 47.21 -20.98
CA ALA D 38 3.59 48.39 -20.58
C ALA D 38 2.35 47.98 -19.78
N GLU D 39 1.52 47.13 -20.38
CA GLU D 39 0.31 46.65 -19.71
C GLU D 39 0.69 45.96 -18.41
N SER D 40 1.76 45.16 -18.47
CA SER D 40 2.22 44.44 -17.28
C SER D 40 2.36 45.39 -16.10
N PHE D 41 3.17 46.43 -16.26
CA PHE D 41 3.36 47.38 -15.17
C PHE D 41 2.13 48.21 -14.89
N GLU D 42 1.27 48.35 -15.88
CA GLU D 42 0.05 49.11 -15.70
C GLU D 42 -0.77 48.39 -14.64
N ILE D 43 -0.89 47.08 -14.82
CA ILE D 43 -1.65 46.22 -13.93
C ILE D 43 -0.98 46.01 -12.58
N LYS D 44 0.35 46.04 -12.54
CA LYS D 44 1.04 45.87 -11.28
C LYS D 44 0.60 47.02 -10.39
N LYS D 45 0.46 48.19 -11.01
CA LYS D 45 0.06 49.40 -10.32
C LYS D 45 -1.41 49.42 -9.91
N ASP D 46 -2.28 49.06 -10.85
CA ASP D 46 -3.72 49.05 -10.59
C ASP D 46 -4.26 47.63 -10.83
N ARG D 47 -4.03 46.74 -9.88
CA ARG D 47 -4.44 45.34 -10.00
C ARG D 47 -5.85 45.04 -10.49
N PHE D 48 -6.87 45.70 -9.95
CA PHE D 48 -8.23 45.42 -10.38
C PHE D 48 -8.83 46.43 -11.34
N LYS D 49 -7.97 47.08 -12.11
CA LYS D 49 -8.41 48.08 -13.08
C LYS D 49 -9.37 47.53 -14.12
N TYR D 50 -9.22 46.26 -14.48
CA TYR D 50 -10.09 45.66 -15.47
C TYR D 50 -10.98 44.56 -14.90
N VAL D 51 -11.28 44.67 -13.61
CA VAL D 51 -12.10 43.68 -12.92
C VAL D 51 -13.47 43.48 -13.57
N GLU D 52 -13.88 44.43 -14.41
CA GLU D 52 -15.18 44.35 -15.06
C GLU D 52 -15.13 43.67 -16.44
N LEU D 53 -13.95 43.63 -17.02
CA LEU D 53 -13.76 43.04 -18.34
C LEU D 53 -14.21 41.59 -18.49
N GLY D 54 -13.76 40.73 -17.57
CA GLY D 54 -14.10 39.32 -17.65
C GLY D 54 -15.39 38.87 -17.00
N ARG D 55 -16.25 39.82 -16.64
CA ARG D 55 -17.52 39.48 -16.01
C ARG D 55 -18.28 38.47 -16.87
N ASN D 56 -18.85 37.46 -16.21
CA ASN D 56 -19.61 36.40 -16.86
C ASN D 56 -18.85 35.64 -17.94
N LYS D 57 -17.54 35.55 -17.75
CA LYS D 57 -16.65 34.82 -18.65
C LYS D 57 -16.03 33.75 -17.76
N THR D 58 -15.97 32.52 -18.26
CA THR D 58 -15.44 31.43 -17.46
C THR D 58 -14.14 30.81 -17.94
N LEU D 59 -13.17 30.74 -17.03
CA LEU D 59 -11.86 30.16 -17.30
C LEU D 59 -11.78 28.75 -16.76
N LEU D 60 -11.31 27.82 -17.59
CA LEU D 60 -11.17 26.43 -17.16
C LEU D 60 -9.68 26.09 -17.15
N MET D 61 -9.16 25.81 -15.96
CA MET D 61 -7.74 25.45 -15.81
C MET D 61 -7.65 23.94 -15.69
N ILE D 62 -6.93 23.32 -16.62
CA ILE D 62 -6.77 21.87 -16.61
C ILE D 62 -5.33 21.46 -16.29
N PHE D 63 -5.18 20.57 -15.31
CA PHE D 63 -3.86 20.11 -14.90
C PHE D 63 -3.57 18.63 -15.10
N PHE D 64 -2.56 18.34 -15.91
CA PHE D 64 -2.17 16.94 -16.13
C PHE D 64 -0.97 16.68 -15.24
N ASN D 65 -0.43 17.74 -14.62
CA ASN D 65 0.71 17.62 -13.72
C ASN D 65 0.54 18.51 -12.49
N SER D 66 1.45 18.37 -11.53
CA SER D 66 1.39 19.16 -10.30
C SER D 66 1.67 20.62 -10.54
N SER D 67 1.32 21.47 -9.57
CA SER D 67 1.55 22.90 -9.68
C SER D 67 1.13 23.70 -8.45
N LEU D 68 1.97 24.66 -8.08
CA LEU D 68 1.67 25.53 -6.94
C LEU D 68 1.48 26.94 -7.50
N ARG D 69 2.56 27.48 -8.08
CA ARG D 69 2.54 28.82 -8.66
C ARG D 69 1.50 28.99 -9.77
N THR D 70 1.64 28.23 -10.84
CA THR D 70 0.69 28.35 -11.94
C THR D 70 -0.74 28.17 -11.46
N ARG D 71 -0.95 27.17 -10.61
CA ARG D 71 -2.25 26.87 -10.06
C ARG D 71 -2.83 28.09 -9.32
N LEU D 72 -2.08 28.62 -8.37
CA LEU D 72 -2.53 29.76 -7.59
C LEU D 72 -2.57 31.08 -8.35
N SER D 73 -1.45 31.44 -8.96
CA SER D 73 -1.33 32.69 -9.70
C SER D 73 -2.36 32.88 -10.80
N THR D 74 -2.68 31.81 -11.51
CA THR D 74 -3.65 31.91 -12.60
C THR D 74 -5.08 32.14 -12.13
N GLN D 75 -5.44 31.59 -10.97
CA GLN D 75 -6.78 31.81 -10.45
C GLN D 75 -6.91 33.27 -10.04
N LYS D 76 -5.91 33.75 -9.30
CA LYS D 76 -5.89 35.15 -8.86
C LYS D 76 -6.01 36.07 -10.07
N ALA D 77 -5.20 35.80 -11.09
CA ALA D 77 -5.23 36.60 -12.32
C ALA D 77 -6.65 36.67 -12.88
N ALA D 78 -7.28 35.51 -13.03
CA ALA D 78 -8.64 35.44 -13.55
C ALA D 78 -9.59 36.26 -12.69
N LEU D 79 -9.35 36.26 -11.38
CA LEU D 79 -10.19 37.02 -10.45
C LEU D 79 -9.99 38.52 -10.62
N ASN D 80 -8.75 38.92 -10.93
CA ASN D 80 -8.45 40.34 -11.14
C ASN D 80 -9.29 40.86 -12.31
N LEU D 81 -9.65 39.95 -13.21
CA LEU D 81 -10.46 40.30 -14.38
C LEU D 81 -11.95 40.00 -14.20
N GLY D 82 -12.37 39.79 -12.96
CA GLY D 82 -13.77 39.52 -12.69
C GLY D 82 -14.31 38.25 -13.35
N MET D 83 -13.42 37.33 -13.69
CA MET D 83 -13.83 36.08 -14.33
C MET D 83 -14.30 35.02 -13.36
N ASN D 84 -14.79 33.92 -13.93
CA ASN D 84 -15.24 32.76 -13.17
C ASN D 84 -14.13 31.75 -13.37
N VAL D 85 -13.79 31.01 -12.33
CA VAL D 85 -12.71 30.04 -12.45
C VAL D 85 -13.09 28.64 -12.03
N ILE D 86 -12.74 27.68 -12.88
CA ILE D 86 -12.99 26.28 -12.59
C ILE D 86 -11.66 25.56 -12.77
N VAL D 87 -11.14 25.01 -11.68
CA VAL D 87 -9.88 24.28 -11.75
C VAL D 87 -10.15 22.78 -11.79
N LEU D 88 -9.67 22.14 -12.83
CA LEU D 88 -9.90 20.71 -13.00
C LEU D 88 -8.59 19.96 -13.01
N ASP D 89 -8.48 19.00 -12.10
CA ASP D 89 -7.29 18.17 -12.03
C ASP D 89 -7.70 16.81 -12.57
N ILE D 90 -7.38 16.54 -13.82
CA ILE D 90 -7.74 15.26 -14.39
C ILE D 90 -7.06 14.23 -13.50
N ASN D 91 -7.43 12.96 -13.65
CA ASN D 91 -6.85 11.90 -12.85
C ASN D 91 -7.42 11.87 -11.46
N GLN D 92 -7.58 13.04 -10.85
CA GLN D 92 -8.17 13.07 -9.52
C GLN D 92 -9.68 12.92 -9.56
N GLY D 93 -10.40 14.00 -9.85
CA GLY D 93 -11.85 13.92 -9.90
C GLY D 93 -12.45 13.35 -11.18
N ALA D 94 -11.71 13.38 -12.28
CA ALA D 94 -12.22 12.89 -13.56
C ALA D 94 -11.78 11.48 -13.92
N TRP D 95 -12.08 11.08 -15.16
CA TRP D 95 -11.73 9.76 -15.68
C TRP D 95 -10.39 9.79 -16.40
N LYS D 96 -9.58 8.76 -16.23
CA LYS D 96 -8.28 8.69 -16.89
C LYS D 96 -8.51 8.78 -18.40
N LEU D 97 -7.66 9.51 -19.09
CA LEU D 97 -7.81 9.69 -20.53
C LEU D 97 -6.92 8.83 -21.42
N GLU D 98 -7.51 8.26 -22.46
CA GLU D 98 -6.75 7.46 -23.42
C GLU D 98 -6.29 8.48 -24.44
N THR D 99 -4.98 8.61 -24.59
CA THR D 99 -4.43 9.59 -25.50
C THR D 99 -4.26 9.14 -26.97
N GLU D 100 -4.01 7.84 -27.17
CA GLU D 100 -3.82 7.30 -28.52
C GLU D 100 -5.12 6.95 -29.23
N ARG D 101 -5.18 7.21 -30.52
CA ARG D 101 -6.38 6.95 -31.30
C ARG D 101 -6.37 5.58 -31.97
N GLY D 102 -7.56 5.00 -32.09
CA GLY D 102 -7.71 3.71 -32.73
C GLY D 102 -7.43 2.49 -31.86
N VAL D 103 -7.22 2.71 -30.57
CA VAL D 103 -6.95 1.61 -29.66
C VAL D 103 -8.28 1.08 -29.15
N ILE D 104 -8.29 -0.15 -28.64
CA ILE D 104 -9.53 -0.68 -28.09
C ILE D 104 -9.48 -0.35 -26.60
N MET D 105 -10.28 0.62 -26.19
CA MET D 105 -10.32 1.08 -24.81
C MET D 105 -10.92 0.08 -23.85
N ASP D 106 -10.23 -1.07 -23.71
CA ASP D 106 -10.68 -2.11 -22.82
C ASP D 106 -9.75 -2.24 -21.61
N GLY D 107 -9.43 -1.11 -21.00
CA GLY D 107 -8.56 -1.18 -19.85
C GLY D 107 -8.59 0.02 -18.91
N ASP D 108 -7.38 0.44 -18.56
CA ASP D 108 -7.10 1.55 -17.67
C ASP D 108 -7.92 2.83 -17.89
N LYS D 109 -8.09 3.22 -19.15
CA LYS D 109 -8.79 4.44 -19.53
C LYS D 109 -10.27 4.29 -19.87
N PRO D 110 -11.13 5.03 -19.16
CA PRO D 110 -12.58 5.00 -19.38
C PRO D 110 -13.02 6.01 -20.44
N GLU D 111 -12.20 7.05 -20.63
CA GLU D 111 -12.51 8.10 -21.59
C GLU D 111 -11.36 8.41 -22.52
N HIS D 112 -11.67 8.87 -23.72
CA HIS D 112 -10.64 9.21 -24.68
C HIS D 112 -10.48 10.71 -24.80
N LEU D 113 -9.22 11.15 -24.95
CA LEU D 113 -8.89 12.57 -25.06
C LEU D 113 -9.71 13.25 -26.16
N LEU D 114 -9.97 12.52 -27.24
CA LEU D 114 -10.74 13.06 -28.36
C LEU D 114 -12.13 13.51 -27.98
N GLU D 115 -12.70 12.97 -26.91
CA GLU D 115 -14.04 13.40 -26.49
C GLU D 115 -13.87 14.42 -25.38
N ALA D 116 -12.92 14.15 -24.49
CA ALA D 116 -12.64 15.01 -23.34
C ALA D 116 -12.41 16.46 -23.71
N ILE D 117 -11.51 16.70 -24.65
CA ILE D 117 -11.21 18.06 -25.07
C ILE D 117 -12.45 18.85 -25.54
N PRO D 118 -13.16 18.35 -26.55
CA PRO D 118 -14.35 19.06 -27.02
C PRO D 118 -15.32 19.35 -25.87
N VAL D 119 -15.55 18.32 -25.06
CA VAL D 119 -16.46 18.43 -23.92
C VAL D 119 -16.07 19.54 -22.96
N MET D 120 -14.80 19.58 -22.57
CA MET D 120 -14.32 20.61 -21.64
C MET D 120 -14.55 21.98 -22.23
N GLY D 121 -14.33 22.10 -23.54
CA GLY D 121 -14.52 23.37 -24.22
C GLY D 121 -15.96 23.86 -24.15
N CYS D 122 -16.89 22.93 -23.98
CA CYS D 122 -18.30 23.28 -23.91
C CYS D 122 -18.71 24.14 -22.73
N TYR D 123 -17.99 24.04 -21.63
CA TYR D 123 -18.39 24.78 -20.43
C TYR D 123 -17.59 26.01 -20.02
N CYS D 124 -16.74 26.52 -20.91
CA CYS D 124 -15.95 27.68 -20.57
C CYS D 124 -15.75 28.61 -21.77
N ASP D 125 -15.03 29.71 -21.54
CA ASP D 125 -14.75 30.67 -22.60
C ASP D 125 -13.27 30.59 -22.98
N ILE D 126 -12.42 30.38 -21.98
CA ILE D 126 -10.99 30.29 -22.19
C ILE D 126 -10.45 29.05 -21.46
N ILE D 127 -9.44 28.40 -22.05
CA ILE D 127 -8.84 27.22 -21.45
C ILE D 127 -7.34 27.34 -21.18
N GLY D 128 -6.94 26.86 -20.01
CA GLY D 128 -5.53 26.87 -19.64
C GLY D 128 -5.15 25.41 -19.42
N VAL D 129 -4.06 24.98 -20.05
CA VAL D 129 -3.64 23.60 -19.90
C VAL D 129 -2.19 23.43 -19.46
N ARG D 130 -1.95 22.41 -18.64
CA ARG D 130 -0.59 22.09 -18.21
C ARG D 130 -0.37 20.64 -18.56
N SER D 131 0.59 20.38 -19.44
CA SER D 131 0.88 19.01 -19.85
C SER D 131 2.36 18.84 -20.10
N PHE D 132 3.07 18.42 -19.05
CA PHE D 132 4.50 18.20 -19.11
C PHE D 132 4.88 17.22 -20.20
N ALA D 133 6.10 17.36 -20.71
CA ALA D 133 6.59 16.45 -21.74
C ALA D 133 6.52 15.05 -21.11
N ARG D 134 6.17 14.05 -21.90
CA ARG D 134 6.07 12.69 -21.38
C ARG D 134 7.37 11.92 -21.49
N PHE D 135 8.31 12.46 -22.25
CA PHE D 135 9.60 11.83 -22.44
C PHE D 135 9.50 10.39 -22.93
N GLU D 136 8.43 10.09 -23.67
CA GLU D 136 8.25 8.76 -24.21
C GLU D 136 8.60 8.74 -25.69
N ASN D 137 8.57 9.92 -26.30
CA ASN D 137 8.87 10.07 -27.73
C ASN D 137 9.09 11.55 -28.03
N ARG D 138 10.33 11.90 -28.40
CA ARG D 138 10.66 13.29 -28.67
C ARG D 138 9.71 13.99 -29.63
N GLU D 139 9.37 13.33 -30.74
CA GLU D 139 8.46 13.92 -31.71
C GLU D 139 7.10 14.28 -31.10
N TYR D 140 6.51 13.33 -30.39
CA TYR D 140 5.22 13.54 -29.76
C TYR D 140 5.28 14.78 -28.87
N ASP D 141 6.36 14.90 -28.10
CA ASP D 141 6.53 16.04 -27.21
C ASP D 141 6.80 17.33 -27.96
N TYR D 142 7.84 17.33 -28.79
CA TYR D 142 8.18 18.54 -29.52
C TYR D 142 7.17 18.99 -30.57
N ASN D 143 6.34 18.08 -31.07
CA ASN D 143 5.33 18.50 -32.03
C ASN D 143 4.17 19.01 -31.19
N GLU D 144 4.33 18.96 -29.88
CA GLU D 144 3.33 19.43 -28.93
C GLU D 144 1.95 18.91 -29.29
N VAL D 145 1.84 17.60 -29.44
CA VAL D 145 0.59 16.96 -29.83
C VAL D 145 -0.60 17.26 -28.92
N ILE D 146 -0.44 17.08 -27.63
CA ILE D 146 -1.54 17.32 -26.70
C ILE D 146 -2.01 18.77 -26.66
N ILE D 147 -1.08 19.68 -26.36
CA ILE D 147 -1.44 21.10 -26.29
C ILE D 147 -2.12 21.55 -27.59
N ASN D 148 -1.71 20.97 -28.71
CA ASN D 148 -2.28 21.30 -30.00
C ASN D 148 -3.67 20.73 -30.20
N GLN D 149 -3.90 19.52 -29.70
CA GLN D 149 -5.21 18.91 -29.81
C GLN D 149 -6.24 19.74 -29.06
N PHE D 150 -5.79 20.42 -28.00
CA PHE D 150 -6.70 21.26 -27.25
C PHE D 150 -7.04 22.45 -28.14
N ILE D 151 -6.00 23.03 -28.75
CA ILE D 151 -6.17 24.17 -29.63
C ILE D 151 -7.13 23.81 -30.77
N GLN D 152 -6.89 22.66 -31.39
CA GLN D 152 -7.71 22.19 -32.50
C GLN D 152 -9.14 21.80 -32.17
N HIS D 153 -9.35 21.09 -31.07
CA HIS D 153 -10.69 20.60 -30.75
C HIS D 153 -11.44 21.17 -29.56
N SER D 154 -10.80 22.01 -28.75
CA SER D 154 -11.50 22.56 -27.59
C SER D 154 -12.57 23.56 -28.00
N GLY D 155 -12.31 24.27 -29.09
CA GLY D 155 -13.26 25.25 -29.57
C GLY D 155 -13.17 26.54 -28.76
N ARG D 156 -12.07 26.69 -28.04
CA ARG D 156 -11.84 27.87 -27.21
C ARG D 156 -10.39 28.32 -27.30
N PRO D 157 -10.11 29.55 -26.86
CA PRO D 157 -8.73 30.03 -26.92
C PRO D 157 -7.97 29.23 -25.87
N VAL D 158 -6.77 28.78 -26.22
CA VAL D 158 -6.00 27.99 -25.27
C VAL D 158 -4.69 28.65 -24.91
N PHE D 159 -4.39 28.72 -23.61
CA PHE D 159 -3.12 29.29 -23.19
C PHE D 159 -2.39 28.21 -22.40
N SER D 160 -1.08 28.17 -22.58
CA SER D 160 -0.22 27.18 -21.94
C SER D 160 0.14 27.47 -20.48
N MET D 161 0.05 26.45 -19.64
CA MET D 161 0.41 26.56 -18.22
C MET D 161 1.65 25.68 -18.09
N GLU D 162 2.31 25.53 -19.23
CA GLU D 162 3.52 24.75 -19.46
C GLU D 162 3.17 23.54 -20.29
N ALA D 163 3.67 23.51 -21.51
CA ALA D 163 3.42 22.40 -22.41
C ALA D 163 4.66 21.53 -22.37
N ALA D 164 4.86 20.75 -23.42
CA ALA D 164 6.01 19.86 -23.47
C ALA D 164 7.31 20.59 -23.74
N THR D 165 7.26 21.68 -24.51
CA THR D 165 8.47 22.42 -24.86
C THR D 165 8.55 23.89 -24.49
N ARG D 166 7.47 24.46 -23.97
CA ARG D 166 7.46 25.88 -23.59
C ARG D 166 6.68 26.15 -22.29
N HIS D 167 6.81 27.38 -21.80
CA HIS D 167 6.12 27.80 -20.59
C HIS D 167 6.09 29.33 -20.64
N PRO D 168 5.43 29.87 -21.67
CA PRO D 168 5.31 31.31 -21.87
C PRO D 168 4.90 32.12 -20.63
N LEU D 169 3.86 31.68 -19.94
CA LEU D 169 3.41 32.39 -18.74
C LEU D 169 4.56 32.67 -17.78
N GLN D 170 5.45 31.69 -17.64
CA GLN D 170 6.59 31.81 -16.74
C GLN D 170 7.61 32.78 -17.30
N SER D 171 8.03 32.53 -18.54
CA SER D 171 9.03 33.37 -19.20
C SER D 171 8.59 34.84 -19.23
N PHE D 172 7.36 35.08 -19.68
CA PHE D 172 6.82 36.43 -19.74
C PHE D 172 7.02 37.11 -18.38
N ALA D 173 6.76 36.36 -17.30
CA ALA D 173 6.93 36.90 -15.94
C ALA D 173 8.41 37.18 -15.67
N ASP D 174 9.28 36.27 -16.09
CA ASP D 174 10.72 36.45 -15.89
C ASP D 174 11.16 37.75 -16.58
N LEU D 175 10.61 37.99 -17.77
CA LEU D 175 10.93 39.19 -18.52
C LEU D 175 10.54 40.38 -17.67
N ILE D 176 9.29 40.36 -17.22
CA ILE D 176 8.76 41.43 -16.39
C ILE D 176 9.64 41.73 -15.19
N THR D 177 10.13 40.69 -14.51
CA THR D 177 10.97 40.93 -13.34
C THR D 177 12.37 41.44 -13.71
N ILE D 178 12.91 41.01 -14.84
CA ILE D 178 14.23 41.46 -15.25
C ILE D 178 14.14 42.94 -15.59
N GLU D 179 13.09 43.32 -16.30
CA GLU D 179 12.86 44.71 -16.65
C GLU D 179 12.72 45.47 -15.34
N GLU D 180 11.91 44.90 -14.47
CA GLU D 180 11.62 45.48 -13.17
C GLU D 180 12.86 45.70 -12.31
N TYR D 181 13.87 44.83 -12.42
CA TYR D 181 15.06 44.96 -11.59
C TYR D 181 16.37 45.38 -12.25
N LYS D 182 16.46 45.29 -13.58
CA LYS D 182 17.71 45.64 -14.26
C LYS D 182 18.26 47.01 -13.92
N LYS D 183 19.59 47.10 -13.85
CA LYS D 183 20.29 48.34 -13.54
C LYS D 183 20.75 49.06 -14.79
N THR D 184 20.68 48.38 -15.93
CA THR D 184 21.07 48.95 -17.21
C THR D 184 20.06 48.52 -18.27
N ALA D 185 20.10 49.17 -19.43
CA ALA D 185 19.16 48.85 -20.49
C ALA D 185 19.28 47.44 -21.05
N ARG D 186 20.50 46.99 -21.25
CA ARG D 186 20.70 45.66 -21.81
C ARG D 186 21.67 44.84 -20.96
N PRO D 187 21.15 44.27 -19.86
CA PRO D 187 21.95 43.46 -18.92
C PRO D 187 22.41 42.12 -19.50
N LYS D 188 23.38 41.51 -18.83
CA LYS D 188 23.89 40.21 -19.24
C LYS D 188 23.07 39.20 -18.46
N VAL D 189 22.26 38.44 -19.18
CA VAL D 189 21.43 37.41 -18.56
C VAL D 189 21.99 36.04 -18.91
N VAL D 190 22.32 35.28 -17.88
CA VAL D 190 22.90 33.95 -18.08
C VAL D 190 22.01 32.84 -17.55
N MET D 191 21.52 31.98 -18.43
CA MET D 191 20.70 30.85 -18.01
C MET D 191 21.66 29.70 -17.77
N THR D 192 21.64 29.14 -16.56
CA THR D 192 22.54 28.05 -16.23
C THR D 192 21.83 26.76 -15.84
N TRP D 193 22.42 25.66 -16.28
CA TRP D 193 21.91 24.33 -15.96
C TRP D 193 22.38 24.07 -14.52
N ALA D 194 21.75 23.11 -13.86
CA ALA D 194 22.12 22.73 -12.50
C ALA D 194 21.73 21.27 -12.31
N PRO D 195 22.44 20.56 -11.43
CA PRO D 195 22.15 19.14 -11.18
C PRO D 195 20.79 18.89 -10.53
N HIS D 196 20.15 17.80 -10.93
CA HIS D 196 18.85 17.44 -10.38
C HIS D 196 18.75 15.90 -10.35
N PRO D 197 18.05 15.35 -9.35
CA PRO D 197 17.90 13.90 -9.22
C PRO D 197 16.94 13.24 -10.19
N ARG D 198 16.03 14.02 -10.77
CA ARG D 198 15.07 13.44 -11.70
C ARG D 198 15.08 14.15 -13.07
N PRO D 199 14.72 13.42 -14.14
CA PRO D 199 14.69 13.97 -15.49
C PRO D 199 13.59 14.98 -15.68
N LEU D 200 13.95 16.26 -15.84
CA LEU D 200 12.96 17.33 -16.01
C LEU D 200 12.83 17.77 -17.46
N PRO D 201 11.65 18.30 -17.84
CA PRO D 201 11.38 18.77 -19.20
C PRO D 201 12.31 19.93 -19.54
N GLN D 202 12.47 20.24 -20.82
CA GLN D 202 13.31 21.37 -21.20
C GLN D 202 12.41 22.56 -21.53
N ALA D 203 11.13 22.45 -21.17
CA ALA D 203 10.15 23.49 -21.43
C ALA D 203 10.54 24.87 -20.89
N VAL D 204 10.98 24.91 -19.64
CA VAL D 204 11.39 26.18 -19.03
C VAL D 204 12.61 26.78 -19.73
N PRO D 205 13.69 25.99 -19.90
CA PRO D 205 14.89 26.50 -20.57
C PRO D 205 14.55 26.96 -21.98
N ASN D 206 13.87 26.10 -22.73
CA ASN D 206 13.47 26.43 -24.09
C ASN D 206 12.75 27.77 -24.10
N SER D 207 11.74 27.86 -23.25
CA SER D 207 10.92 29.06 -23.15
C SER D 207 11.72 30.30 -22.76
N PHE D 208 12.59 30.18 -21.75
CA PHE D 208 13.40 31.31 -21.33
C PHE D 208 14.26 31.81 -22.49
N ALA D 209 14.98 30.87 -23.12
CA ALA D 209 15.84 31.20 -24.26
C ALA D 209 15.01 31.92 -25.31
N GLU D 210 13.88 31.33 -25.66
CA GLU D 210 12.98 31.91 -26.65
C GLU D 210 12.67 33.38 -26.36
N TRP D 211 12.33 33.66 -25.10
CA TRP D 211 12.00 35.03 -24.73
C TRP D 211 13.23 35.92 -24.66
N MET D 212 14.32 35.43 -24.06
CA MET D 212 15.52 36.26 -23.98
C MET D 212 16.02 36.63 -25.37
N ASN D 213 15.92 35.70 -26.32
CA ASN D 213 16.36 35.97 -27.68
C ASN D 213 15.50 37.06 -28.31
N ALA D 214 14.30 37.25 -27.78
CA ALA D 214 13.39 38.26 -28.28
C ALA D 214 13.76 39.65 -27.77
N THR D 215 14.56 39.69 -26.71
CA THR D 215 15.00 40.96 -26.13
C THR D 215 16.33 41.31 -26.78
N ASP D 216 16.95 42.39 -26.31
CA ASP D 216 18.24 42.80 -26.83
C ASP D 216 19.26 42.77 -25.69
N TYR D 217 19.00 41.90 -24.71
CA TYR D 217 19.90 41.73 -23.57
C TYR D 217 21.07 40.90 -24.08
N GLU D 218 22.12 40.80 -23.28
CA GLU D 218 23.27 39.99 -23.67
C GLU D 218 22.93 38.64 -23.07
N PHE D 219 22.39 37.74 -23.90
CA PHE D 219 21.99 36.42 -23.43
C PHE D 219 23.02 35.31 -23.63
N VAL D 220 23.27 34.57 -22.55
CA VAL D 220 24.23 33.47 -22.59
C VAL D 220 23.66 32.23 -21.93
N ILE D 221 23.87 31.08 -22.57
CA ILE D 221 23.38 29.79 -22.06
C ILE D 221 24.58 28.94 -21.66
N THR D 222 24.58 28.41 -20.45
CA THR D 222 25.69 27.58 -20.00
C THR D 222 25.21 26.25 -19.42
N HIS D 223 25.72 25.14 -19.96
CA HIS D 223 25.33 23.82 -19.50
C HIS D 223 26.42 22.80 -19.82
N PRO D 224 26.37 21.63 -19.16
CA PRO D 224 27.39 20.61 -19.41
C PRO D 224 27.28 20.09 -20.84
N GLU D 225 28.33 19.41 -21.29
CA GLU D 225 28.35 18.84 -22.63
C GLU D 225 27.25 17.78 -22.69
N GLY D 226 26.51 17.75 -23.79
CA GLY D 226 25.46 16.78 -23.95
C GLY D 226 24.07 17.34 -23.71
N TYR D 227 23.99 18.42 -22.94
CA TYR D 227 22.70 19.02 -22.63
C TYR D 227 22.27 20.11 -23.60
N GLU D 228 22.71 20.05 -24.84
CA GLU D 228 22.33 21.09 -25.79
C GLU D 228 20.83 21.08 -26.03
N LEU D 229 20.22 22.27 -25.99
CA LEU D 229 18.79 22.42 -26.21
C LEU D 229 18.54 22.49 -27.71
N ASP D 230 17.30 22.28 -28.13
CA ASP D 230 16.99 22.35 -29.55
C ASP D 230 17.39 23.69 -30.14
N PRO D 231 18.02 23.67 -31.32
CA PRO D 231 18.47 24.88 -32.00
C PRO D 231 17.38 25.95 -32.13
N LYS D 232 16.18 25.53 -32.50
CA LYS D 232 15.09 26.48 -32.68
C LYS D 232 14.83 27.31 -31.44
N PHE D 233 15.28 26.83 -30.29
CA PHE D 233 15.10 27.58 -29.05
C PHE D 233 16.38 28.31 -28.70
N VAL D 234 17.50 27.60 -28.82
CA VAL D 234 18.79 28.18 -28.51
C VAL D 234 18.97 29.44 -29.33
N GLY D 235 18.44 29.41 -30.55
CA GLY D 235 18.54 30.56 -31.44
C GLY D 235 20.01 30.86 -31.68
N ASN D 236 20.36 32.13 -31.65
CA ASN D 236 21.74 32.54 -31.85
C ASN D 236 22.33 33.04 -30.54
N ALA D 237 21.91 32.42 -29.45
CA ALA D 237 22.42 32.81 -28.13
C ALA D 237 23.79 32.15 -27.94
N ARG D 238 24.62 32.77 -27.12
CA ARG D 238 25.96 32.26 -26.87
C ARG D 238 25.90 31.09 -25.91
N VAL D 239 26.50 29.97 -26.29
CA VAL D 239 26.50 28.78 -25.44
C VAL D 239 27.90 28.59 -24.88
N GLU D 240 28.02 28.66 -23.56
CA GLU D 240 29.32 28.51 -22.90
C GLU D 240 29.36 27.25 -22.05
N TYR D 241 30.28 26.33 -22.34
CA TYR D 241 30.36 25.09 -21.57
C TYR D 241 31.11 25.25 -20.26
N ASP D 242 31.74 26.40 -20.06
CA ASP D 242 32.44 26.68 -18.82
C ASP D 242 31.54 27.57 -17.97
N GLN D 243 30.89 26.98 -16.97
CA GLN D 243 29.98 27.74 -16.13
C GLN D 243 30.62 29.00 -15.57
N MET D 244 31.76 28.86 -14.91
CA MET D 244 32.44 30.02 -14.32
C MET D 244 32.67 31.14 -15.33
N LYS D 245 32.97 30.77 -16.58
CA LYS D 245 33.20 31.78 -17.62
C LYS D 245 31.92 32.50 -17.97
N ALA D 246 30.84 31.75 -18.08
CA ALA D 246 29.56 32.33 -18.42
C ALA D 246 29.14 33.33 -17.35
N PHE D 247 29.24 32.93 -16.09
CA PHE D 247 28.86 33.78 -14.96
C PHE D 247 29.60 35.10 -14.87
N GLU D 248 30.83 35.16 -15.38
CA GLU D 248 31.61 36.39 -15.31
C GLU D 248 30.86 37.64 -15.69
N GLY D 249 30.77 38.57 -14.74
CA GLY D 249 30.09 39.84 -14.96
C GLY D 249 28.62 39.82 -15.33
N ALA D 250 27.93 38.73 -15.02
CA ALA D 250 26.52 38.63 -15.35
C ALA D 250 25.70 39.53 -14.43
N ASP D 251 24.52 39.93 -14.89
CA ASP D 251 23.64 40.79 -14.11
C ASP D 251 22.45 39.98 -13.60
N PHE D 252 22.18 38.87 -14.27
CA PHE D 252 21.09 37.98 -13.89
C PHE D 252 21.47 36.54 -14.12
N ILE D 253 21.20 35.70 -13.13
CA ILE D 253 21.48 34.28 -13.24
C ILE D 253 20.12 33.57 -13.18
N TYR D 254 19.80 32.83 -14.24
CA TYR D 254 18.55 32.09 -14.33
C TYR D 254 18.91 30.62 -14.32
N ALA D 255 18.88 30.01 -13.14
CA ALA D 255 19.23 28.61 -13.00
C ALA D 255 18.01 27.73 -13.21
N LYS D 256 18.22 26.58 -13.85
CA LYS D 256 17.15 25.63 -14.11
C LYS D 256 17.72 24.34 -14.66
N ASN D 257 17.26 23.21 -14.13
CA ASN D 257 17.73 21.93 -14.64
C ASN D 257 16.83 21.44 -15.74
N TRP D 258 17.36 20.55 -16.57
CA TRP D 258 16.60 19.96 -17.66
C TRP D 258 17.32 18.69 -18.12
N ALA D 259 16.53 17.66 -18.41
CA ALA D 259 17.09 16.39 -18.85
C ALA D 259 17.63 16.57 -20.27
N ALA D 260 18.50 15.68 -20.69
CA ALA D 260 19.08 15.75 -22.02
C ALA D 260 18.02 15.84 -23.12
N TYR D 261 18.47 16.18 -24.33
CA TYR D 261 17.57 16.34 -25.47
C TYR D 261 18.05 15.68 -26.76
N LEU D 262 19.35 15.74 -27.00
CA LEU D 262 19.94 15.18 -28.21
C LEU D 262 20.11 13.68 -28.34
N GLY D 263 20.01 13.22 -29.58
CA GLY D 263 20.19 11.81 -29.88
C GLY D 263 19.56 10.79 -28.96
N ASP D 264 20.35 9.78 -28.59
CA ASP D 264 19.88 8.70 -27.73
C ASP D 264 19.62 9.03 -26.28
N ASN D 265 19.74 10.29 -25.91
CA ASN D 265 19.53 10.67 -24.52
C ASN D 265 18.30 11.50 -24.24
N TYR D 266 17.36 11.56 -25.19
CA TYR D 266 16.18 12.37 -24.96
C TYR D 266 15.57 12.03 -23.61
N GLY D 267 15.37 13.05 -22.78
CA GLY D 267 14.76 12.86 -21.47
C GLY D 267 15.56 12.04 -20.46
N GLN D 268 16.89 12.07 -20.58
CA GLN D 268 17.72 11.32 -19.65
C GLN D 268 18.71 12.16 -18.88
N ILE D 269 19.07 11.67 -17.70
CA ILE D 269 20.04 12.36 -16.85
C ILE D 269 21.44 11.95 -17.25
N LEU D 270 22.19 12.88 -17.85
CA LEU D 270 23.54 12.60 -18.27
C LEU D 270 24.51 12.74 -17.10
N SER D 271 24.18 13.64 -16.18
CA SER D 271 25.03 13.85 -15.01
C SER D 271 24.31 14.57 -13.88
N THR D 272 24.93 14.53 -12.70
CA THR D 272 24.40 15.21 -11.54
C THR D 272 25.60 15.88 -10.90
N ASP D 273 26.51 16.34 -11.75
CA ASP D 273 27.73 17.02 -11.33
C ASP D 273 27.36 18.19 -10.44
N ARG D 274 27.56 18.04 -9.13
CA ARG D 274 27.20 19.10 -8.20
C ARG D 274 28.08 20.35 -8.25
N ASN D 275 29.06 20.37 -9.14
CA ASN D 275 29.92 21.55 -9.26
C ASN D 275 29.14 22.64 -9.97
N TRP D 276 28.00 22.28 -10.55
CA TRP D 276 27.15 23.23 -11.23
C TRP D 276 26.12 23.85 -10.30
N THR D 277 25.97 23.28 -9.10
CA THR D 277 25.01 23.82 -8.15
C THR D 277 25.38 25.28 -7.95
N VAL D 278 24.51 26.18 -8.39
CA VAL D 278 24.76 27.59 -8.24
C VAL D 278 24.98 27.92 -6.78
N GLY D 279 26.25 28.09 -6.42
CA GLY D 279 26.59 28.42 -5.05
C GLY D 279 27.25 29.79 -4.99
N ASP D 280 27.81 30.11 -3.84
CA ASP D 280 28.47 31.38 -3.63
C ASP D 280 29.69 31.55 -4.54
N ARG D 281 30.37 30.45 -4.82
CA ARG D 281 31.54 30.45 -5.68
C ARG D 281 31.29 31.09 -7.03
N GLN D 282 30.24 30.65 -7.72
CA GLN D 282 29.93 31.20 -9.04
C GLN D 282 29.36 32.61 -8.98
N MET D 283 28.52 32.86 -7.99
CA MET D 283 27.91 34.18 -7.86
C MET D 283 28.98 35.26 -7.72
N ALA D 284 30.02 34.95 -6.95
CA ALA D 284 31.11 35.89 -6.71
C ALA D 284 31.67 36.50 -8.00
N VAL D 285 31.77 35.66 -9.03
CA VAL D 285 32.30 36.07 -10.33
C VAL D 285 31.37 36.97 -11.14
N THR D 286 30.11 37.04 -10.75
CA THR D 286 29.15 37.88 -11.46
C THR D 286 29.22 39.31 -10.96
N ASN D 287 28.64 40.22 -11.73
CA ASN D 287 28.60 41.62 -11.38
C ASN D 287 27.52 41.81 -10.31
N ASN D 288 27.68 41.10 -9.19
CA ASN D 288 26.71 41.14 -8.11
C ASN D 288 25.33 40.93 -8.73
N ALA D 289 25.23 39.89 -9.56
CA ALA D 289 24.00 39.57 -10.27
C ALA D 289 22.87 39.09 -9.37
N TYR D 290 21.65 39.20 -9.89
CA TYR D 290 20.46 38.76 -9.19
C TYR D 290 20.31 37.26 -9.47
N PHE D 291 19.69 36.53 -8.55
CA PHE D 291 19.46 35.12 -8.78
C PHE D 291 17.99 34.90 -9.06
N MET D 292 17.70 34.15 -10.11
CA MET D 292 16.32 33.86 -10.48
C MET D 292 16.09 32.36 -10.69
N HIS D 293 14.84 31.95 -10.49
CA HIS D 293 14.43 30.56 -10.68
C HIS D 293 12.91 30.52 -10.68
N CYS D 294 12.35 29.75 -11.60
CA CYS D 294 10.90 29.64 -11.74
C CYS D 294 10.20 28.94 -10.59
N LEU D 295 10.94 28.09 -9.87
CA LEU D 295 10.39 27.33 -8.75
C LEU D 295 9.42 26.28 -9.30
N PRO D 296 9.31 25.11 -8.65
CA PRO D 296 9.96 24.63 -7.42
C PRO D 296 11.47 24.59 -7.58
N VAL D 297 12.18 24.65 -6.45
CA VAL D 297 13.63 24.59 -6.47
C VAL D 297 14.11 23.66 -5.39
N ARG D 298 15.02 22.75 -5.75
CA ARG D 298 15.57 21.85 -4.75
C ARG D 298 16.83 22.51 -4.20
N ARG D 299 16.77 22.93 -2.95
CA ARG D 299 17.90 23.58 -2.29
C ARG D 299 19.11 22.66 -2.20
N ASN D 300 20.29 23.24 -2.40
CA ASN D 300 21.55 22.51 -2.34
C ASN D 300 21.66 21.44 -3.42
N MET D 301 21.01 21.72 -4.54
CA MET D 301 21.01 20.86 -5.72
C MET D 301 21.11 21.84 -6.87
N ILE D 302 20.12 22.71 -6.96
CA ILE D 302 20.09 23.71 -7.99
C ILE D 302 20.84 24.92 -7.48
N VAL D 303 20.54 25.33 -6.25
CA VAL D 303 21.18 26.50 -5.67
C VAL D 303 21.40 26.38 -4.17
N THR D 304 22.45 27.01 -3.68
CA THR D 304 22.80 27.00 -2.25
C THR D 304 21.73 27.64 -1.42
N ASP D 305 21.64 27.23 -0.16
CA ASP D 305 20.67 27.82 0.76
C ASP D 305 21.00 29.31 0.85
N ASP D 306 22.28 29.61 1.04
CA ASP D 306 22.75 31.00 1.15
C ASP D 306 22.46 31.87 -0.05
N VAL D 307 22.68 31.35 -1.26
CA VAL D 307 22.43 32.13 -2.47
C VAL D 307 20.96 32.48 -2.61
N ILE D 308 20.10 31.48 -2.50
CA ILE D 308 18.67 31.69 -2.64
C ILE D 308 18.15 32.60 -1.53
N GLU D 309 18.82 32.57 -0.38
CA GLU D 309 18.40 33.40 0.75
C GLU D 309 19.08 34.76 0.73
N SER D 310 20.09 34.93 -0.12
CA SER D 310 20.80 36.19 -0.22
C SER D 310 19.87 37.29 -0.74
N PRO D 311 20.25 38.55 -0.52
CA PRO D 311 19.41 39.66 -0.98
C PRO D 311 19.40 39.82 -2.49
N GLN D 312 20.33 39.18 -3.18
CA GLN D 312 20.35 39.27 -4.65
C GLN D 312 19.34 38.31 -5.25
N SER D 313 18.76 37.47 -4.40
CA SER D 313 17.78 36.49 -4.85
C SER D 313 16.40 37.14 -4.95
N ILE D 314 15.91 37.27 -6.17
CA ILE D 314 14.60 37.87 -6.42
C ILE D 314 13.58 36.80 -6.80
N VAL D 315 13.83 35.59 -6.33
CA VAL D 315 12.98 34.43 -6.60
C VAL D 315 11.49 34.68 -6.32
N ILE D 316 11.18 35.27 -5.17
CA ILE D 316 9.79 35.55 -4.82
C ILE D 316 9.18 36.66 -5.68
N PRO D 317 9.86 37.82 -5.80
CA PRO D 317 9.35 38.91 -6.61
C PRO D 317 9.01 38.37 -7.99
N GLU D 318 9.87 37.48 -8.46
CA GLU D 318 9.72 36.83 -9.74
C GLU D 318 8.40 36.05 -9.73
N ALA D 319 8.29 35.11 -8.80
CA ALA D 319 7.08 34.31 -8.66
C ALA D 319 5.85 35.19 -8.63
N ALA D 320 5.94 36.28 -7.87
CA ALA D 320 4.83 37.22 -7.73
C ALA D 320 4.36 37.73 -9.09
N ASN D 321 5.31 38.03 -9.97
CA ASN D 321 5.00 38.53 -11.31
C ASN D 321 4.23 37.54 -12.17
N ARG D 322 4.17 36.30 -11.73
CA ARG D 322 3.42 35.29 -12.48
C ARG D 322 1.97 35.73 -12.54
N GLU D 323 1.52 36.47 -11.52
CA GLU D 323 0.14 36.96 -11.45
C GLU D 323 -0.10 37.99 -12.54
N ILE D 324 0.89 38.83 -12.76
CA ILE D 324 0.80 39.87 -13.78
C ILE D 324 0.78 39.28 -15.18
N SER D 325 1.79 38.50 -15.52
CA SER D 325 1.86 37.88 -16.85
C SER D 325 0.55 37.16 -17.17
N ALA D 326 -0.01 36.51 -16.17
CA ALA D 326 -1.26 35.78 -16.35
C ALA D 326 -2.42 36.74 -16.55
N THR D 327 -2.44 37.82 -15.78
CA THR D 327 -3.53 38.79 -15.92
C THR D 327 -3.48 39.48 -17.28
N VAL D 328 -2.27 39.77 -17.76
CA VAL D 328 -2.10 40.41 -19.05
C VAL D 328 -2.58 39.47 -20.16
N VAL D 329 -2.07 38.23 -20.15
CA VAL D 329 -2.46 37.25 -21.15
C VAL D 329 -3.97 36.99 -21.11
N LEU D 330 -4.49 36.78 -19.92
CA LEU D 330 -5.91 36.52 -19.75
C LEU D 330 -6.72 37.71 -20.27
N LYS D 331 -6.23 38.92 -20.00
CA LYS D 331 -6.91 40.12 -20.45
C LYS D 331 -6.97 40.15 -21.97
N ARG D 332 -5.80 40.04 -22.61
CA ARG D 332 -5.72 40.02 -24.07
C ARG D 332 -6.68 39.02 -24.67
N LEU D 333 -6.72 37.81 -24.10
CA LEU D 333 -7.60 36.75 -24.58
C LEU D 333 -9.05 37.18 -24.50
N LEU D 334 -9.43 37.76 -23.36
CA LEU D 334 -10.79 38.23 -23.18
C LEU D 334 -11.13 39.26 -24.25
N GLU D 335 -10.29 40.27 -24.36
CA GLU D 335 -10.48 41.36 -25.33
C GLU D 335 -10.70 40.85 -26.74
N ASN D 336 -10.27 39.63 -27.01
CA ASN D 336 -10.42 39.08 -28.35
C ASN D 336 -11.51 38.02 -28.46
N LEU D 337 -12.24 37.81 -27.37
CA LEU D 337 -13.31 36.83 -27.39
C LEU D 337 -14.41 37.30 -28.34
N PRO D 338 -15.02 36.36 -29.07
CA PRO D 338 -16.10 36.73 -30.00
C PRO D 338 -17.34 37.21 -29.24
N SER E 19 -44.73 23.03 -10.53
CA SER E 19 -44.05 24.36 -10.40
C SER E 19 -43.18 24.46 -9.14
N HIS E 20 -43.48 23.66 -8.12
CA HIS E 20 -42.72 23.67 -6.87
C HIS E 20 -41.76 22.49 -6.67
N MET E 21 -40.55 22.62 -7.21
CA MET E 21 -39.51 21.61 -7.12
C MET E 21 -38.83 21.63 -5.75
N LYS E 22 -38.83 20.48 -5.08
CA LYS E 22 -38.22 20.35 -3.76
C LYS E 22 -36.97 19.47 -3.84
N LYS E 23 -36.84 18.75 -4.95
CA LYS E 23 -35.70 17.88 -5.19
C LYS E 23 -35.67 17.55 -6.67
N PHE E 24 -34.61 16.88 -7.11
CA PHE E 24 -34.53 16.50 -8.50
C PHE E 24 -33.81 15.16 -8.59
N THR E 25 -34.57 14.08 -8.63
CA THR E 25 -33.97 12.76 -8.70
C THR E 25 -34.62 11.89 -9.79
N CYS E 26 -35.91 12.08 -10.02
CA CYS E 26 -36.62 11.31 -11.05
C CYS E 26 -37.38 12.26 -11.99
N VAL E 27 -37.69 11.79 -13.18
CA VAL E 27 -38.39 12.59 -14.18
C VAL E 27 -39.65 13.29 -13.66
N GLN E 28 -40.29 12.73 -12.64
CA GLN E 28 -41.50 13.34 -12.09
C GLN E 28 -41.20 14.76 -11.61
N ASP E 29 -40.07 14.92 -10.94
CA ASP E 29 -39.70 16.22 -10.41
C ASP E 29 -39.69 17.37 -11.41
N ILE E 30 -39.48 17.08 -12.69
CA ILE E 30 -39.43 18.15 -13.68
C ILE E 30 -40.80 18.68 -14.08
N GLY E 31 -41.83 17.87 -13.84
CA GLY E 31 -43.19 18.28 -14.17
C GLY E 31 -43.47 18.14 -15.65
N ASP E 32 -44.21 19.11 -16.20
CA ASP E 32 -44.56 19.10 -17.62
C ASP E 32 -43.33 19.18 -18.51
N LEU E 33 -43.11 18.15 -19.32
CA LEU E 33 -41.95 18.13 -20.21
C LEU E 33 -41.96 19.27 -21.22
N LYS E 34 -43.15 19.60 -21.72
CA LYS E 34 -43.29 20.66 -22.70
C LYS E 34 -42.67 21.98 -22.21
N SER E 35 -43.16 22.46 -21.06
CA SER E 35 -42.66 23.71 -20.51
C SER E 35 -41.22 23.60 -20.02
N ALA E 36 -40.83 22.39 -19.64
CA ALA E 36 -39.46 22.16 -19.19
C ALA E 36 -38.55 22.38 -20.38
N LEU E 37 -38.91 21.80 -21.52
CA LEU E 37 -38.14 21.95 -22.75
C LEU E 37 -38.15 23.40 -23.19
N ALA E 38 -39.25 24.08 -22.90
CA ALA E 38 -39.38 25.49 -23.25
C ALA E 38 -38.27 26.29 -22.57
N GLU E 39 -38.19 26.17 -21.24
CA GLU E 39 -37.16 26.89 -20.49
C GLU E 39 -35.79 26.49 -20.99
N SER E 40 -35.63 25.20 -21.26
CA SER E 40 -34.36 24.68 -21.73
C SER E 40 -33.87 25.50 -22.91
N PHE E 41 -34.67 25.55 -23.97
CA PHE E 41 -34.28 26.30 -25.16
C PHE E 41 -34.24 27.81 -24.92
N GLU E 42 -34.99 28.27 -23.93
CA GLU E 42 -35.00 29.68 -23.60
C GLU E 42 -33.59 30.05 -23.16
N ILE E 43 -33.06 29.23 -22.27
CA ILE E 43 -31.73 29.41 -21.71
C ILE E 43 -30.61 29.12 -22.70
N LYS E 44 -30.84 28.21 -23.64
CA LYS E 44 -29.81 27.91 -24.62
C LYS E 44 -29.58 29.21 -25.39
N LYS E 45 -30.66 29.92 -25.65
CA LYS E 45 -30.64 31.18 -26.39
C LYS E 45 -30.03 32.34 -25.59
N ASP E 46 -30.48 32.49 -24.35
CA ASP E 46 -30.00 33.57 -23.49
C ASP E 46 -29.37 32.98 -22.23
N ARG E 47 -28.16 32.46 -22.36
CA ARG E 47 -27.47 31.81 -21.25
C ARG E 47 -27.47 32.48 -19.87
N PHE E 48 -27.18 33.78 -19.82
CA PHE E 48 -27.14 34.46 -18.53
C PHE E 48 -28.36 35.31 -18.23
N LYS E 49 -29.50 34.94 -18.80
CA LYS E 49 -30.74 35.67 -18.60
C LYS E 49 -31.15 35.74 -17.13
N TYR E 50 -30.83 34.71 -16.35
CA TYR E 50 -31.21 34.70 -14.94
C TYR E 50 -30.01 34.76 -14.00
N VAL E 51 -28.92 35.34 -14.49
CA VAL E 51 -27.69 35.46 -13.72
C VAL E 51 -27.89 36.16 -12.37
N GLU E 52 -29.00 36.86 -12.22
CA GLU E 52 -29.27 37.57 -10.98
C GLU E 52 -30.08 36.76 -9.98
N LEU E 53 -30.77 35.74 -10.47
CA LEU E 53 -31.62 34.91 -9.63
C LEU E 53 -30.92 34.25 -8.44
N GLY E 54 -29.79 33.60 -8.70
CA GLY E 54 -29.08 32.89 -7.66
C GLY E 54 -28.07 33.67 -6.83
N ARG E 55 -28.08 34.99 -6.96
CA ARG E 55 -27.15 35.83 -6.22
C ARG E 55 -27.22 35.49 -4.74
N ASN E 56 -26.05 35.40 -4.11
CA ASN E 56 -25.92 35.08 -2.69
C ASN E 56 -26.58 33.78 -2.27
N LYS E 57 -26.61 32.83 -3.20
CA LYS E 57 -27.15 31.50 -2.95
C LYS E 57 -25.96 30.57 -3.21
N THR E 58 -25.76 29.61 -2.31
CA THR E 58 -24.62 28.71 -2.46
C THR E 58 -24.96 27.25 -2.77
N LEU E 59 -24.34 26.75 -3.83
CA LEU E 59 -24.52 25.36 -4.26
C LEU E 59 -23.35 24.52 -3.79
N LEU E 60 -23.66 23.37 -3.19
CA LEU E 60 -22.61 22.45 -2.72
C LEU E 60 -22.70 21.18 -3.54
N MET E 61 -21.65 20.91 -4.30
CA MET E 61 -21.59 19.71 -5.14
C MET E 61 -20.73 18.67 -4.44
N ILE E 62 -21.33 17.52 -4.11
CA ILE E 62 -20.62 16.44 -3.42
C ILE E 62 -20.40 15.24 -4.33
N PHE E 63 -19.15 14.77 -4.39
CA PHE E 63 -18.82 13.64 -5.23
C PHE E 63 -18.28 12.41 -4.50
N PHE E 64 -18.99 11.30 -4.63
CA PHE E 64 -18.55 10.06 -4.03
C PHE E 64 -17.86 9.25 -5.12
N ASN E 65 -18.00 9.70 -6.36
CA ASN E 65 -17.37 9.03 -7.51
C ASN E 65 -16.76 10.04 -8.48
N SER E 66 -16.04 9.54 -9.47
CA SER E 66 -15.40 10.40 -10.47
C SER E 66 -16.42 11.10 -11.37
N SER E 67 -15.97 12.13 -12.08
CA SER E 67 -16.83 12.89 -12.98
C SER E 67 -16.14 14.01 -13.73
N LEU E 68 -16.46 14.14 -15.01
CA LEU E 68 -15.89 15.19 -15.85
C LEU E 68 -17.05 16.12 -16.22
N ARG E 69 -17.99 15.58 -16.99
CA ARG E 69 -19.16 16.32 -17.43
C ARG E 69 -20.01 16.89 -16.31
N THR E 70 -20.54 16.03 -15.43
CA THR E 70 -21.36 16.51 -14.34
C THR E 70 -20.60 17.53 -13.50
N ARG E 71 -19.34 17.23 -13.22
CA ARG E 71 -18.48 18.11 -12.43
C ARG E 71 -18.37 19.50 -13.05
N LEU E 72 -17.99 19.56 -14.32
CA LEU E 72 -17.83 20.82 -15.03
C LEU E 72 -19.14 21.52 -15.37
N SER E 73 -20.03 20.81 -16.05
CA SER E 73 -21.33 21.37 -16.46
C SER E 73 -22.15 21.95 -15.32
N THR E 74 -22.15 21.30 -14.16
CA THR E 74 -22.95 21.80 -13.05
C THR E 74 -22.42 23.09 -12.45
N GLN E 75 -21.10 23.27 -12.45
CA GLN E 75 -20.52 24.49 -11.90
C GLN E 75 -20.91 25.63 -12.84
N LYS E 76 -20.70 25.42 -14.13
CA LYS E 76 -21.04 26.42 -15.14
C LYS E 76 -22.51 26.82 -14.97
N ALA E 77 -23.39 25.82 -14.87
CA ALA E 77 -24.82 26.06 -14.70
C ALA E 77 -25.06 26.98 -13.52
N ALA E 78 -24.46 26.65 -12.39
CA ALA E 78 -24.62 27.45 -11.18
C ALA E 78 -24.15 28.87 -11.41
N LEU E 79 -23.10 29.01 -12.20
CA LEU E 79 -22.56 30.33 -12.52
C LEU E 79 -23.52 31.13 -13.40
N ASN E 80 -24.19 30.44 -14.32
CA ASN E 80 -25.14 31.11 -15.21
C ASN E 80 -26.21 31.76 -14.35
N LEU E 81 -26.45 31.19 -13.17
CA LEU E 81 -27.47 31.71 -12.26
C LEU E 81 -26.91 32.62 -11.17
N GLY E 82 -25.68 33.09 -11.36
CA GLY E 82 -25.05 33.97 -10.39
C GLY E 82 -24.87 33.38 -9.00
N MET E 83 -24.86 32.05 -8.92
CA MET E 83 -24.68 31.37 -7.65
C MET E 83 -23.24 31.24 -7.21
N ASN E 84 -23.07 30.75 -5.99
CA ASN E 84 -21.75 30.49 -5.42
C ASN E 84 -21.60 28.97 -5.51
N VAL E 85 -20.41 28.50 -5.83
CA VAL E 85 -20.21 27.07 -5.96
C VAL E 85 -19.07 26.51 -5.14
N ILE E 86 -19.36 25.44 -4.41
CA ILE E 86 -18.36 24.78 -3.61
C ILE E 86 -18.39 23.31 -4.02
N VAL E 87 -17.28 22.84 -4.60
CA VAL E 87 -17.20 21.44 -5.02
C VAL E 87 -16.42 20.64 -3.97
N LEU E 88 -17.07 19.62 -3.43
CA LEU E 88 -16.45 18.80 -2.41
C LEU E 88 -16.30 17.36 -2.88
N ASP E 89 -15.07 16.88 -2.87
CA ASP E 89 -14.80 15.51 -3.24
C ASP E 89 -14.47 14.79 -1.95
N ILE E 90 -15.44 14.07 -1.42
CA ILE E 90 -15.21 13.33 -0.19
C ILE E 90 -14.05 12.39 -0.49
N ASN E 91 -13.47 11.80 0.54
CA ASN E 91 -12.36 10.87 0.35
C ASN E 91 -11.07 11.62 0.09
N GLN E 92 -11.13 12.65 -0.75
CA GLN E 92 -9.92 13.40 -1.02
C GLN E 92 -9.61 14.39 0.13
N GLY E 93 -10.27 15.53 0.14
CA GLY E 93 -10.01 16.49 1.20
C GLY E 93 -10.68 16.23 2.53
N ALA E 94 -11.76 15.46 2.53
CA ALA E 94 -12.49 15.18 3.77
C ALA E 94 -12.16 13.84 4.43
N TRP E 95 -12.93 13.51 5.47
CA TRP E 95 -12.75 12.27 6.23
C TRP E 95 -13.63 11.16 5.66
N LYS E 96 -13.10 9.95 5.59
CA LYS E 96 -13.86 8.81 5.09
C LYS E 96 -15.13 8.64 5.91
N LEU E 97 -16.24 8.34 5.25
CA LEU E 97 -17.51 8.22 5.95
C LEU E 97 -17.98 6.81 6.25
N GLU E 98 -18.46 6.61 7.47
CA GLU E 98 -19.01 5.32 7.85
C GLU E 98 -20.48 5.42 7.49
N THR E 99 -20.90 4.53 6.60
CA THR E 99 -22.26 4.55 6.11
C THR E 99 -23.28 3.76 6.96
N GLU E 100 -22.85 2.68 7.61
CA GLU E 100 -23.74 1.86 8.43
C GLU E 100 -23.93 2.39 9.85
N ARG E 101 -25.15 2.29 10.36
CA ARG E 101 -25.45 2.78 11.70
C ARG E 101 -25.31 1.73 12.79
N GLY E 102 -24.91 2.16 13.98
CA GLY E 102 -24.75 1.24 15.10
C GLY E 102 -23.45 0.46 15.15
N VAL E 103 -22.51 0.79 14.26
CA VAL E 103 -21.22 0.10 14.26
C VAL E 103 -20.29 0.82 15.23
N ILE E 104 -19.23 0.16 15.68
CA ILE E 104 -18.28 0.84 16.56
C ILE E 104 -17.22 1.38 15.63
N MET E 105 -17.22 2.70 15.45
CA MET E 105 -16.28 3.34 14.55
C MET E 105 -14.84 3.33 15.04
N ASP E 106 -14.27 2.14 15.11
CA ASP E 106 -12.90 1.98 15.56
C ASP E 106 -11.98 1.54 14.42
N GLY E 107 -12.10 2.19 13.27
CA GLY E 107 -11.25 1.82 12.16
C GLY E 107 -11.07 2.84 11.06
N ASP E 108 -11.21 2.34 9.85
CA ASP E 108 -11.09 3.09 8.62
C ASP E 108 -11.78 4.45 8.59
N LYS E 109 -13.01 4.50 9.09
CA LYS E 109 -13.82 5.71 9.09
C LYS E 109 -13.77 6.62 10.31
N PRO E 110 -13.39 7.89 10.13
CA PRO E 110 -13.30 8.85 11.24
C PRO E 110 -14.62 9.56 11.47
N GLU E 111 -15.46 9.61 10.43
CA GLU E 111 -16.73 10.29 10.53
C GLU E 111 -17.89 9.44 10.02
N HIS E 112 -19.07 9.68 10.56
CA HIS E 112 -20.26 8.94 10.15
C HIS E 112 -21.16 9.77 9.24
N LEU E 113 -21.72 9.11 8.23
CA LEU E 113 -22.60 9.77 7.28
C LEU E 113 -23.73 10.52 7.97
N LEU E 114 -24.20 9.99 9.10
CA LEU E 114 -25.28 10.62 9.85
C LEU E 114 -24.95 12.02 10.36
N GLU E 115 -23.66 12.32 10.53
CA GLU E 115 -23.29 13.65 10.98
C GLU E 115 -22.91 14.47 9.75
N ALA E 116 -22.18 13.83 8.85
CA ALA E 116 -21.72 14.48 7.62
C ALA E 116 -22.81 15.19 6.83
N ILE E 117 -23.89 14.48 6.55
CA ILE E 117 -25.00 15.05 5.78
C ILE E 117 -25.56 16.34 6.41
N PRO E 118 -26.03 16.27 7.66
CA PRO E 118 -26.58 17.48 8.30
C PRO E 118 -25.57 18.64 8.23
N VAL E 119 -24.32 18.32 8.58
CA VAL E 119 -23.26 19.32 8.59
C VAL E 119 -23.09 19.99 7.23
N MET E 120 -23.01 19.20 6.16
CA MET E 120 -22.84 19.77 4.82
C MET E 120 -24.00 20.70 4.51
N GLY E 121 -25.19 20.31 4.92
CA GLY E 121 -26.36 21.12 4.67
C GLY E 121 -26.29 22.49 5.32
N CYS E 122 -25.54 22.58 6.40
CA CYS E 122 -25.40 23.83 7.13
C CYS E 122 -24.75 24.98 6.36
N TYR E 123 -23.91 24.67 5.38
CA TYR E 123 -23.21 25.73 4.67
C TYR E 123 -23.64 26.05 3.25
N CYS E 124 -24.80 25.56 2.83
CA CYS E 124 -25.26 25.85 1.47
C CYS E 124 -26.77 26.00 1.39
N ASP E 125 -27.28 26.28 0.20
CA ASP E 125 -28.71 26.44 -0.02
C ASP E 125 -29.26 25.26 -0.80
N ILE E 126 -28.46 24.75 -1.73
CA ILE E 126 -28.85 23.61 -2.55
C ILE E 126 -27.71 22.60 -2.59
N ILE E 127 -28.05 21.31 -2.62
CA ILE E 127 -27.05 20.25 -2.65
C ILE E 127 -27.15 19.34 -3.87
N GLY E 128 -26.00 19.01 -4.44
CA GLY E 128 -25.94 18.11 -5.57
C GLY E 128 -25.09 16.93 -5.15
N VAL E 129 -25.59 15.71 -5.34
CA VAL E 129 -24.84 14.53 -4.92
C VAL E 129 -24.66 13.51 -6.00
N ARG E 130 -23.50 12.87 -6.00
CA ARG E 130 -23.20 11.80 -6.95
C ARG E 130 -22.80 10.60 -6.11
N SER E 131 -23.57 9.52 -6.20
CA SER E 131 -23.27 8.33 -5.43
C SER E 131 -23.67 7.10 -6.24
N PHE E 132 -22.69 6.58 -6.98
CA PHE E 132 -22.88 5.40 -7.81
C PHE E 132 -23.37 4.21 -6.99
N ALA E 133 -24.10 3.30 -7.64
CA ALA E 133 -24.58 2.09 -6.97
C ALA E 133 -23.33 1.39 -6.46
N ARG E 134 -23.42 0.79 -5.27
CA ARG E 134 -22.27 0.09 -4.69
C ARG E 134 -22.21 -1.38 -5.08
N PHE E 135 -23.29 -1.87 -5.66
CA PHE E 135 -23.36 -3.26 -6.10
C PHE E 135 -23.02 -4.25 -4.98
N GLU E 136 -23.31 -3.86 -3.74
CA GLU E 136 -23.05 -4.73 -2.61
C GLU E 136 -24.34 -5.34 -2.13
N ASN E 137 -25.45 -4.70 -2.47
CA ASN E 137 -26.77 -5.16 -2.06
C ASN E 137 -27.83 -4.44 -2.88
N ARG E 138 -28.53 -5.17 -3.75
CA ARG E 138 -29.54 -4.58 -4.61
C ARG E 138 -30.52 -3.67 -3.88
N GLU E 139 -31.06 -4.14 -2.77
CA GLU E 139 -32.01 -3.34 -2.01
C GLU E 139 -31.43 -1.99 -1.59
N TYR E 140 -30.24 -2.01 -1.00
CA TYR E 140 -29.59 -0.79 -0.55
C TYR E 140 -29.48 0.20 -1.71
N ASP E 141 -29.10 -0.31 -2.87
CA ASP E 141 -28.96 0.54 -4.04
C ASP E 141 -30.30 1.01 -4.58
N TYR E 142 -31.19 0.06 -4.88
CA TYR E 142 -32.48 0.44 -5.43
C TYR E 142 -33.41 1.18 -4.50
N ASN E 143 -33.22 1.05 -3.19
CA ASN E 143 -34.06 1.82 -2.28
C ASN E 143 -33.41 3.20 -2.16
N GLU E 144 -32.30 3.36 -2.89
CA GLU E 144 -31.56 4.62 -2.93
C GLU E 144 -31.35 5.19 -1.53
N VAL E 145 -30.81 4.35 -0.66
CA VAL E 145 -30.57 4.73 0.73
C VAL E 145 -29.75 6.01 0.92
N ILE E 146 -28.59 6.09 0.28
CA ILE E 146 -27.74 7.26 0.45
C ILE E 146 -28.36 8.55 -0.08
N ILE E 147 -28.75 8.57 -1.35
CA ILE E 147 -29.33 9.77 -1.92
C ILE E 147 -30.52 10.23 -1.07
N ASN E 148 -31.24 9.27 -0.49
CA ASN E 148 -32.40 9.60 0.33
C ASN E 148 -32.03 10.16 1.68
N GLN E 149 -30.94 9.66 2.27
CA GLN E 149 -30.49 10.16 3.56
C GLN E 149 -30.11 11.62 3.42
N PHE E 150 -29.64 12.00 2.24
CA PHE E 150 -29.29 13.39 2.00
C PHE E 150 -30.58 14.19 2.00
N ILE E 151 -31.57 13.70 1.26
CA ILE E 151 -32.86 14.35 1.18
C ILE E 151 -33.46 14.51 2.58
N GLN E 152 -33.43 13.43 3.36
CA GLN E 152 -33.97 13.45 4.71
C GLN E 152 -33.24 14.29 5.74
N HIS E 153 -31.91 14.23 5.75
CA HIS E 153 -31.16 14.96 6.77
C HIS E 153 -30.31 16.16 6.38
N SER E 154 -30.18 16.45 5.09
CA SER E 154 -29.35 17.60 4.69
C SER E 154 -30.01 18.91 5.07
N GLY E 155 -31.34 18.94 5.03
CA GLY E 155 -32.08 20.15 5.36
C GLY E 155 -32.07 21.12 4.20
N ARG E 156 -31.73 20.62 3.02
CA ARG E 156 -31.68 21.42 1.81
C ARG E 156 -32.25 20.66 0.62
N PRO E 157 -32.56 21.38 -0.47
CA PRO E 157 -33.09 20.69 -1.65
C PRO E 157 -31.94 19.87 -2.22
N VAL E 158 -32.21 18.64 -2.62
CA VAL E 158 -31.16 17.80 -3.16
C VAL E 158 -31.43 17.39 -4.60
N PHE E 159 -30.43 17.54 -5.45
CA PHE E 159 -30.59 17.10 -6.82
C PHE E 159 -29.51 16.07 -7.11
N SER E 160 -29.88 15.05 -7.89
CA SER E 160 -28.99 13.96 -8.22
C SER E 160 -27.99 14.25 -9.34
N MET E 161 -26.74 13.84 -9.12
CA MET E 161 -25.68 14.00 -10.10
C MET E 161 -25.34 12.57 -10.52
N GLU E 162 -26.35 11.73 -10.34
CA GLU E 162 -26.36 10.30 -10.60
C GLU E 162 -26.36 9.54 -9.29
N ALA E 163 -27.48 8.89 -9.00
CA ALA E 163 -27.62 8.11 -7.80
C ALA E 163 -27.36 6.66 -8.17
N ALA E 164 -27.89 5.75 -7.38
CA ALA E 164 -27.69 4.34 -7.63
C ALA E 164 -28.52 3.81 -8.79
N THR E 165 -29.71 4.38 -8.99
CA THR E 165 -30.59 3.90 -10.05
C THR E 165 -31.05 4.90 -11.11
N ARG E 166 -30.71 6.18 -10.95
CA ARG E 166 -31.11 7.21 -11.91
C ARG E 166 -30.01 8.25 -12.15
N HIS E 167 -30.25 9.09 -13.16
CA HIS E 167 -29.32 10.17 -13.53
C HIS E 167 -30.14 11.19 -14.31
N PRO E 168 -31.17 11.75 -13.67
CA PRO E 168 -32.04 12.75 -14.29
C PRO E 168 -31.34 13.86 -15.06
N LEU E 169 -30.35 14.48 -14.45
CA LEU E 169 -29.62 15.55 -15.12
C LEU E 169 -29.17 15.15 -16.52
N GLN E 170 -28.71 13.92 -16.64
CA GLN E 170 -28.23 13.40 -17.92
C GLN E 170 -29.39 13.16 -18.88
N SER E 171 -30.37 12.40 -18.43
CA SER E 171 -31.53 12.09 -19.26
C SER E 171 -32.23 13.35 -19.75
N PHE E 172 -32.50 14.28 -18.84
CA PHE E 172 -33.15 15.54 -19.20
C PHE E 172 -32.38 16.17 -20.36
N ALA E 173 -31.05 16.11 -20.30
CA ALA E 173 -30.22 16.68 -21.36
C ALA E 173 -30.40 15.88 -22.65
N ASP E 174 -30.45 14.56 -22.52
CA ASP E 174 -30.64 13.71 -23.70
C ASP E 174 -31.96 14.06 -24.37
N LEU E 175 -32.98 14.34 -23.57
CA LEU E 175 -34.29 14.70 -24.09
C LEU E 175 -34.11 15.97 -24.89
N ILE E 176 -33.50 16.97 -24.27
CA ILE E 176 -33.25 18.25 -24.90
C ILE E 176 -32.55 18.11 -26.25
N THR E 177 -31.53 17.25 -26.32
CA THR E 177 -30.82 17.10 -27.59
C THR E 177 -31.63 16.33 -28.64
N ILE E 178 -32.47 15.40 -28.23
CA ILE E 178 -33.29 14.64 -29.18
C ILE E 178 -34.33 15.60 -29.77
N GLU E 179 -34.92 16.42 -28.92
CA GLU E 179 -35.90 17.40 -29.39
C GLU E 179 -35.16 18.34 -30.33
N GLU E 180 -33.97 18.74 -29.90
CA GLU E 180 -33.12 19.64 -30.65
C GLU E 180 -32.72 19.11 -32.03
N TYR E 181 -32.55 17.80 -32.16
CA TYR E 181 -32.14 17.23 -33.44
C TYR E 181 -33.14 16.41 -34.25
N LYS E 182 -34.23 15.96 -33.61
CA LYS E 182 -35.21 15.13 -34.33
C LYS E 182 -35.73 15.73 -35.62
N LYS E 183 -35.95 14.85 -36.61
CA LYS E 183 -36.46 15.24 -37.92
C LYS E 183 -37.97 15.08 -38.03
N THR E 184 -38.57 14.41 -37.04
CA THR E 184 -40.01 14.20 -37.02
C THR E 184 -40.49 14.38 -35.59
N ALA E 185 -41.80 14.48 -35.41
CA ALA E 185 -42.37 14.69 -34.08
C ALA E 185 -42.14 13.54 -33.11
N ARG E 186 -42.30 12.31 -33.58
CA ARG E 186 -42.12 11.16 -32.71
C ARG E 186 -41.16 10.15 -33.32
N PRO E 187 -39.85 10.42 -33.18
CA PRO E 187 -38.79 9.54 -33.72
C PRO E 187 -38.68 8.19 -33.01
N LYS E 188 -37.98 7.27 -33.67
CA LYS E 188 -37.76 5.96 -33.08
C LYS E 188 -36.43 6.08 -32.35
N VAL E 189 -36.49 5.97 -31.03
CA VAL E 189 -35.31 6.04 -30.19
C VAL E 189 -35.01 4.65 -29.63
N VAL E 190 -33.82 4.15 -29.93
CA VAL E 190 -33.41 2.83 -29.49
C VAL E 190 -32.22 2.87 -28.54
N MET E 191 -32.44 2.46 -27.28
CA MET E 191 -31.36 2.39 -26.31
C MET E 191 -30.73 1.00 -26.44
N THR E 192 -29.44 0.95 -26.70
CA THR E 192 -28.77 -0.34 -26.87
C THR E 192 -27.66 -0.59 -25.88
N TRP E 193 -27.57 -1.84 -25.42
CA TRP E 193 -26.53 -2.25 -24.50
C TRP E 193 -25.26 -2.42 -25.37
N ALA E 194 -24.11 -2.43 -24.73
CA ALA E 194 -22.85 -2.60 -25.43
C ALA E 194 -21.87 -3.23 -24.44
N PRO E 195 -20.89 -4.00 -24.95
CA PRO E 195 -19.90 -4.65 -24.09
C PRO E 195 -18.97 -3.69 -23.36
N HIS E 196 -18.63 -4.04 -22.11
CA HIS E 196 -17.75 -3.21 -21.30
C HIS E 196 -16.94 -4.13 -20.40
N PRO E 197 -15.69 -3.77 -20.10
CA PRO E 197 -14.82 -4.58 -19.26
C PRO E 197 -15.10 -4.56 -17.76
N ARG E 198 -15.85 -3.56 -17.30
CA ARG E 198 -16.15 -3.47 -15.88
C ARG E 198 -17.65 -3.35 -15.62
N PRO E 199 -18.10 -3.82 -14.44
CA PRO E 199 -19.52 -3.78 -14.07
C PRO E 199 -20.01 -2.35 -13.81
N LEU E 200 -20.86 -1.83 -14.68
CA LEU E 200 -21.37 -0.47 -14.51
C LEU E 200 -22.79 -0.44 -13.97
N PRO E 201 -23.17 0.66 -13.31
CA PRO E 201 -24.51 0.84 -12.73
C PRO E 201 -25.55 0.85 -13.84
N GLN E 202 -26.82 0.63 -13.49
CA GLN E 202 -27.86 0.67 -14.51
C GLN E 202 -28.60 2.01 -14.39
N ALA E 203 -28.01 2.94 -13.66
CA ALA E 203 -28.57 4.26 -13.44
C ALA E 203 -28.89 5.02 -14.72
N VAL E 204 -27.94 5.03 -15.65
CA VAL E 204 -28.16 5.73 -16.92
C VAL E 204 -29.27 5.08 -17.74
N PRO E 205 -29.21 3.75 -17.96
CA PRO E 205 -30.24 3.06 -18.74
C PRO E 205 -31.59 3.26 -18.09
N ASN E 206 -31.66 2.99 -16.78
CA ASN E 206 -32.91 3.16 -16.03
C ASN E 206 -33.46 4.55 -16.28
N SER E 207 -32.62 5.55 -16.06
CA SER E 207 -33.00 6.94 -16.23
C SER E 207 -33.44 7.28 -17.65
N PHE E 208 -32.69 6.83 -18.65
CA PHE E 208 -33.06 7.10 -20.04
C PHE E 208 -34.44 6.51 -20.34
N ALA E 209 -34.64 5.24 -19.99
CA ALA E 209 -35.91 4.57 -20.21
C ALA E 209 -37.02 5.36 -19.54
N GLU E 210 -36.81 5.71 -18.27
CA GLU E 210 -37.78 6.48 -17.50
C GLU E 210 -38.22 7.74 -18.24
N TRP E 211 -37.26 8.48 -18.77
CA TRP E 211 -37.58 9.71 -19.50
C TRP E 211 -38.18 9.43 -20.88
N MET E 212 -37.62 8.49 -21.62
CA MET E 212 -38.18 8.20 -22.93
C MET E 212 -39.63 7.73 -22.81
N ASN E 213 -39.94 6.97 -21.76
CA ASN E 213 -41.31 6.49 -21.54
C ASN E 213 -42.24 7.66 -21.27
N ALA E 214 -41.68 8.77 -20.81
CA ALA E 214 -42.46 9.96 -20.52
C ALA E 214 -42.80 10.74 -21.80
N THR E 215 -42.08 10.45 -22.87
CA THR E 215 -42.33 11.09 -24.15
C THR E 215 -43.29 10.21 -24.93
N ASP E 216 -43.54 10.59 -26.17
CA ASP E 216 -44.43 9.82 -27.03
C ASP E 216 -43.64 9.35 -28.25
N TYR E 217 -42.33 9.21 -28.06
CA TYR E 217 -41.45 8.74 -29.13
C TYR E 217 -41.67 7.24 -29.22
N GLU E 218 -41.14 6.61 -30.27
CA GLU E 218 -41.25 5.17 -30.39
C GLU E 218 -39.99 4.67 -29.70
N PHE E 219 -40.13 4.25 -28.44
CA PHE E 219 -38.99 3.79 -27.65
C PHE E 219 -38.78 2.28 -27.64
N VAL E 220 -37.54 1.88 -27.92
CA VAL E 220 -37.18 0.47 -27.94
C VAL E 220 -35.89 0.23 -27.17
N ILE E 221 -35.88 -0.84 -26.38
CA ILE E 221 -34.71 -1.21 -25.58
C ILE E 221 -34.17 -2.54 -26.10
N THR E 222 -32.88 -2.59 -26.40
CA THR E 222 -32.29 -3.82 -26.90
C THR E 222 -31.03 -4.20 -26.13
N HIS E 223 -31.01 -5.43 -25.59
CA HIS E 223 -29.87 -5.91 -24.82
C HIS E 223 -29.81 -7.42 -24.83
N PRO E 224 -28.66 -7.99 -24.47
CA PRO E 224 -28.53 -9.44 -24.46
C PRO E 224 -29.46 -10.06 -23.41
N GLU E 225 -29.70 -11.36 -23.54
CA GLU E 225 -30.52 -12.07 -22.59
C GLU E 225 -29.84 -12.01 -21.23
N GLY E 226 -30.62 -11.76 -20.18
CA GLY E 226 -30.05 -11.70 -18.85
C GLY E 226 -29.87 -10.28 -18.34
N TYR E 227 -29.76 -9.33 -19.26
CA TYR E 227 -29.57 -7.94 -18.87
C TYR E 227 -30.86 -7.13 -18.71
N GLU E 228 -31.96 -7.80 -18.38
CA GLU E 228 -33.22 -7.09 -18.22
C GLU E 228 -33.13 -6.07 -17.10
N LEU E 229 -33.60 -4.86 -17.35
CA LEU E 229 -33.60 -3.79 -16.36
C LEU E 229 -34.85 -3.94 -15.51
N ASP E 230 -34.87 -3.30 -14.35
CA ASP E 230 -36.04 -3.38 -13.49
C ASP E 230 -37.30 -2.93 -14.22
N PRO E 231 -38.39 -3.69 -14.06
CA PRO E 231 -39.67 -3.36 -14.71
C PRO E 231 -40.12 -1.92 -14.51
N LYS E 232 -40.01 -1.42 -13.28
CA LYS E 232 -40.45 -0.07 -12.99
C LYS E 232 -39.77 0.97 -13.88
N PHE E 233 -38.64 0.61 -14.47
CA PHE E 233 -37.96 1.54 -15.36
C PHE E 233 -38.27 1.20 -16.80
N VAL E 234 -38.21 -0.09 -17.11
CA VAL E 234 -38.48 -0.57 -18.47
C VAL E 234 -39.85 -0.08 -18.89
N GLY E 235 -40.76 -0.02 -17.92
CA GLY E 235 -42.11 0.43 -18.20
C GLY E 235 -42.72 -0.47 -19.25
N ASN E 236 -43.43 0.12 -20.19
CA ASN E 236 -44.05 -0.65 -21.26
C ASN E 236 -43.31 -0.43 -22.57
N ALA E 237 -42.00 -0.26 -22.47
CA ALA E 237 -41.18 -0.05 -23.65
C ALA E 237 -40.95 -1.41 -24.31
N ARG E 238 -40.72 -1.39 -25.62
CA ARG E 238 -40.49 -2.62 -26.36
C ARG E 238 -39.07 -3.10 -26.13
N VAL E 239 -38.93 -4.36 -25.73
CA VAL E 239 -37.60 -4.93 -25.50
C VAL E 239 -37.29 -5.92 -26.60
N GLU E 240 -36.23 -5.64 -27.36
CA GLU E 240 -35.84 -6.50 -28.47
C GLU E 240 -34.48 -7.15 -28.21
N TYR E 241 -34.43 -8.47 -28.18
CA TYR E 241 -33.17 -9.15 -27.93
C TYR E 241 -32.27 -9.25 -29.16
N ASP E 242 -32.82 -8.90 -30.32
CA ASP E 242 -32.04 -8.93 -31.55
C ASP E 242 -31.62 -7.51 -31.83
N GLN E 243 -30.36 -7.18 -31.56
CA GLN E 243 -29.87 -5.83 -31.78
C GLN E 243 -30.16 -5.31 -33.19
N MET E 244 -29.73 -6.05 -34.20
CA MET E 244 -29.96 -5.63 -35.58
C MET E 244 -31.42 -5.32 -35.87
N LYS E 245 -32.34 -6.07 -35.27
CA LYS E 245 -33.77 -5.84 -35.47
C LYS E 245 -34.22 -4.54 -34.84
N ALA E 246 -33.72 -4.27 -33.64
CA ALA E 246 -34.08 -3.06 -32.93
C ALA E 246 -33.61 -1.85 -33.71
N PHE E 247 -32.36 -1.89 -34.18
CA PHE E 247 -31.78 -0.78 -34.92
C PHE E 247 -32.50 -0.40 -36.22
N GLU E 248 -33.19 -1.37 -36.83
CA GLU E 248 -33.90 -1.12 -38.07
C GLU E 248 -34.73 0.17 -38.08
N GLY E 249 -34.37 1.07 -38.99
CA GLY E 249 -35.08 2.32 -39.14
C GLY E 249 -35.12 3.26 -37.95
N ALA E 250 -34.17 3.13 -37.03
CA ALA E 250 -34.14 3.99 -35.87
C ALA E 250 -33.68 5.39 -36.25
N ASP E 251 -34.07 6.37 -35.45
CA ASP E 251 -33.70 7.76 -35.70
C ASP E 251 -32.63 8.20 -34.70
N PHE E 252 -32.59 7.52 -33.56
CA PHE E 252 -31.61 7.81 -32.53
C PHE E 252 -31.14 6.52 -31.87
N ILE E 253 -29.83 6.41 -31.71
CA ILE E 253 -29.24 5.25 -31.05
C ILE E 253 -28.58 5.76 -29.77
N TYR E 254 -29.05 5.25 -28.64
CA TYR E 254 -28.52 5.63 -27.33
C TYR E 254 -27.82 4.41 -26.76
N ALA E 255 -26.52 4.33 -26.98
CA ALA E 255 -25.75 3.19 -26.49
C ALA E 255 -25.24 3.45 -25.08
N LYS E 256 -25.23 2.38 -24.26
CA LYS E 256 -24.78 2.45 -22.88
C LYS E 256 -24.68 1.06 -22.29
N ASN E 257 -23.57 0.77 -21.61
CA ASN E 257 -23.44 -0.53 -20.99
C ASN E 257 -23.95 -0.49 -19.57
N TRP E 258 -24.30 -1.65 -19.04
CA TRP E 258 -24.76 -1.75 -17.67
C TRP E 258 -24.64 -3.19 -17.22
N ALA E 259 -24.20 -3.39 -15.98
CA ALA E 259 -24.03 -4.73 -15.44
C ALA E 259 -25.42 -5.33 -15.21
N ALA E 260 -25.48 -6.66 -15.12
CA ALA E 260 -26.75 -7.36 -14.90
C ALA E 260 -27.51 -6.80 -13.70
N TYR E 261 -28.78 -7.19 -13.60
CA TYR E 261 -29.65 -6.73 -12.52
C TYR E 261 -30.48 -7.82 -11.85
N LEU E 262 -30.95 -8.77 -12.66
CA LEU E 262 -31.79 -9.86 -12.17
C LEU E 262 -31.15 -10.98 -11.39
N GLY E 263 -31.95 -11.52 -10.48
CA GLY E 263 -31.52 -12.64 -9.66
C GLY E 263 -30.11 -12.64 -9.09
N ASP E 264 -29.43 -13.77 -9.26
CA ASP E 264 -28.08 -13.93 -8.73
C ASP E 264 -26.99 -13.17 -9.45
N ASN E 265 -27.33 -12.34 -10.43
CA ASN E 265 -26.29 -11.61 -11.16
C ASN E 265 -26.27 -10.12 -10.93
N TYR E 266 -26.92 -9.64 -9.88
CA TYR E 266 -26.93 -8.21 -9.62
C TYR E 266 -25.52 -7.66 -9.66
N GLY E 267 -25.32 -6.65 -10.49
CA GLY E 267 -24.02 -6.03 -10.62
C GLY E 267 -22.90 -6.88 -11.21
N GLN E 268 -23.24 -7.84 -12.05
CA GLN E 268 -22.22 -8.69 -12.65
C GLN E 268 -22.18 -8.65 -14.16
N ILE E 269 -21.01 -8.96 -14.71
CA ILE E 269 -20.82 -8.98 -16.15
C ILE E 269 -21.21 -10.34 -16.69
N LEU E 270 -22.32 -10.41 -17.41
CA LEU E 270 -22.77 -11.67 -17.97
C LEU E 270 -22.03 -11.99 -19.26
N SER E 271 -21.62 -10.95 -19.98
CA SER E 271 -20.91 -11.13 -21.23
C SER E 271 -20.20 -9.86 -21.70
N THR E 272 -19.31 -10.04 -22.65
CA THR E 272 -18.60 -8.92 -23.24
C THR E 272 -18.63 -9.18 -24.73
N ASP E 273 -19.75 -9.73 -25.20
CA ASP E 273 -19.98 -10.05 -26.60
C ASP E 273 -19.76 -8.80 -27.44
N ARG E 274 -18.62 -8.74 -28.12
CA ARG E 274 -18.30 -7.56 -28.93
C ARG E 274 -19.14 -7.38 -30.19
N ASN E 275 -20.08 -8.29 -30.43
CA ASN E 275 -20.94 -8.16 -31.60
C ASN E 275 -21.95 -7.07 -31.34
N TRP E 276 -22.04 -6.63 -30.08
CA TRP E 276 -22.95 -5.57 -29.72
C TRP E 276 -22.29 -4.21 -29.80
N THR E 277 -20.97 -4.19 -29.99
CA THR E 277 -20.28 -2.91 -30.09
C THR E 277 -20.92 -2.15 -31.26
N VAL E 278 -21.59 -1.05 -30.95
CA VAL E 278 -22.24 -0.26 -31.99
C VAL E 278 -21.22 0.16 -33.02
N GLY E 279 -21.23 -0.55 -34.15
CA GLY E 279 -20.31 -0.25 -35.23
C GLY E 279 -21.07 0.20 -36.45
N ASP E 280 -20.37 0.27 -37.56
CA ASP E 280 -20.96 0.70 -38.82
C ASP E 280 -22.04 -0.28 -39.30
N ARG E 281 -21.82 -1.55 -39.01
CA ARG E 281 -22.76 -2.60 -39.39
C ARG E 281 -24.19 -2.33 -38.92
N GLN E 282 -24.36 -2.04 -37.64
CA GLN E 282 -25.68 -1.78 -37.09
C GLN E 282 -26.24 -0.44 -37.49
N MET E 283 -25.39 0.57 -37.56
CA MET E 283 -25.84 1.90 -37.94
C MET E 283 -26.48 1.88 -39.33
N ALA E 284 -25.85 1.13 -40.25
CA ALA E 284 -26.32 1.02 -41.62
C ALA E 284 -27.82 0.71 -41.71
N VAL E 285 -28.28 -0.17 -40.83
CA VAL E 285 -29.68 -0.60 -40.78
C VAL E 285 -30.65 0.46 -40.25
N THR E 286 -30.11 1.50 -39.63
CA THR E 286 -30.98 2.55 -39.10
C THR E 286 -31.30 3.56 -40.18
N ASN E 287 -32.30 4.39 -39.92
CA ASN E 287 -32.72 5.45 -40.85
C ASN E 287 -31.70 6.59 -40.72
N ASN E 288 -30.44 6.28 -41.00
CA ASN E 288 -29.37 7.26 -40.89
C ASN E 288 -29.55 7.96 -39.53
N ALA E 289 -29.71 7.16 -38.49
CA ALA E 289 -29.91 7.66 -37.13
C ALA E 289 -28.71 8.35 -36.53
N TYR E 290 -28.98 9.17 -35.52
CA TYR E 290 -27.94 9.89 -34.80
C TYR E 290 -27.39 8.96 -33.73
N PHE E 291 -26.13 9.15 -33.35
CA PHE E 291 -25.56 8.32 -32.31
C PHE E 291 -25.42 9.17 -31.06
N MET E 292 -25.88 8.63 -29.93
CA MET E 292 -25.78 9.34 -28.67
C MET E 292 -25.15 8.48 -27.58
N HIS E 293 -24.53 9.14 -26.61
CA HIS E 293 -23.90 8.48 -25.47
C HIS E 293 -23.61 9.54 -24.41
N CYS E 294 -23.90 9.20 -23.16
CA CYS E 294 -23.70 10.13 -22.05
C CYS E 294 -22.23 10.44 -21.74
N LEU E 295 -21.33 9.54 -22.12
CA LEU E 295 -19.90 9.71 -21.87
C LEU E 295 -19.66 9.56 -20.36
N PRO E 296 -18.50 9.04 -19.95
CA PRO E 296 -17.34 8.56 -20.71
C PRO E 296 -17.72 7.43 -21.65
N VAL E 297 -16.93 7.23 -22.69
CA VAL E 297 -17.18 6.15 -23.64
C VAL E 297 -15.88 5.45 -23.98
N ARG E 298 -15.89 4.13 -23.92
CA ARG E 298 -14.69 3.38 -24.27
C ARG E 298 -14.81 3.05 -25.75
N ARG E 299 -13.94 3.68 -26.55
CA ARG E 299 -13.93 3.45 -27.99
C ARG E 299 -13.61 2.02 -28.33
N ASN E 300 -14.29 1.51 -29.34
CA ASN E 300 -14.08 0.15 -29.81
C ASN E 300 -14.46 -0.90 -28.77
N MET E 301 -15.43 -0.53 -27.94
CA MET E 301 -16.00 -1.39 -26.91
C MET E 301 -17.48 -1.10 -26.97
N ILE E 302 -17.82 0.15 -26.71
CA ILE E 302 -19.19 0.59 -26.76
C ILE E 302 -19.53 0.98 -28.20
N VAL E 303 -18.65 1.74 -28.82
CA VAL E 303 -18.87 2.20 -30.20
C VAL E 303 -17.56 2.34 -30.98
N THR E 304 -17.67 2.11 -32.29
CA THR E 304 -16.54 2.19 -33.20
C THR E 304 -15.96 3.60 -33.25
N ASP E 305 -14.67 3.70 -33.56
CA ASP E 305 -14.03 4.99 -33.68
C ASP E 305 -14.80 5.76 -34.77
N ASP E 306 -15.01 5.10 -35.91
CA ASP E 306 -15.71 5.69 -37.05
C ASP E 306 -17.12 6.18 -36.75
N VAL E 307 -17.89 5.39 -36.01
CA VAL E 307 -19.26 5.79 -35.70
C VAL E 307 -19.29 7.03 -34.82
N ILE E 308 -18.51 7.02 -33.76
CA ILE E 308 -18.50 8.16 -32.84
C ILE E 308 -17.93 9.39 -33.52
N GLU E 309 -17.07 9.18 -34.52
CA GLU E 309 -16.48 10.28 -35.25
C GLU E 309 -17.32 10.69 -36.45
N SER E 310 -18.29 9.86 -36.82
CA SER E 310 -19.14 10.17 -37.97
C SER E 310 -19.95 11.43 -37.68
N PRO E 311 -20.49 12.06 -38.74
CA PRO E 311 -21.29 13.26 -38.56
C PRO E 311 -22.65 13.01 -37.90
N GLN E 312 -23.09 11.75 -37.85
CA GLN E 312 -24.38 11.42 -37.22
C GLN E 312 -24.20 11.37 -35.70
N SER E 313 -22.95 11.43 -35.26
CA SER E 313 -22.65 11.37 -33.84
C SER E 313 -22.82 12.76 -33.22
N ILE E 314 -23.83 12.90 -32.37
CA ILE E 314 -24.09 14.17 -31.70
C ILE E 314 -23.68 14.11 -30.24
N VAL E 315 -22.71 13.25 -29.96
CA VAL E 315 -22.19 13.04 -28.61
C VAL E 315 -21.82 14.34 -27.87
N ILE E 316 -21.10 15.23 -28.54
CA ILE E 316 -20.69 16.49 -27.93
C ILE E 316 -21.88 17.43 -27.71
N PRO E 317 -22.68 17.67 -28.76
CA PRO E 317 -23.83 18.57 -28.63
C PRO E 317 -24.66 18.12 -27.42
N GLU E 318 -24.74 16.81 -27.29
CA GLU E 318 -25.47 16.17 -26.20
C GLU E 318 -24.83 16.60 -24.89
N ALA E 319 -23.54 16.31 -24.75
CA ALA E 319 -22.79 16.67 -23.55
C ALA E 319 -22.99 18.14 -23.22
N ALA E 320 -22.94 18.98 -24.26
CA ALA E 320 -23.10 20.42 -24.10
C ALA E 320 -24.42 20.75 -23.40
N ASN E 321 -25.48 20.05 -23.79
CA ASN E 321 -26.80 20.29 -23.21
C ASN E 321 -26.88 19.97 -21.72
N ARG E 322 -25.86 19.30 -21.20
CA ARG E 322 -25.85 19.00 -19.78
C ARG E 322 -25.86 20.31 -19.00
N GLU E 323 -25.29 21.36 -19.61
CA GLU E 323 -25.23 22.68 -18.97
C GLU E 323 -26.64 23.26 -18.86
N ILE E 324 -27.43 23.04 -19.89
CA ILE E 324 -28.79 23.54 -19.92
C ILE E 324 -29.68 22.83 -18.90
N SER E 325 -29.74 21.51 -18.98
CA SER E 325 -30.56 20.72 -18.05
C SER E 325 -30.25 21.12 -16.60
N ALA E 326 -28.96 21.32 -16.33
CA ALA E 326 -28.50 21.71 -15.00
C ALA E 326 -28.96 23.11 -14.65
N THR E 327 -28.85 24.03 -15.60
CA THR E 327 -29.27 25.41 -15.36
C THR E 327 -30.77 25.48 -15.10
N VAL E 328 -31.53 24.70 -15.86
CA VAL E 328 -32.98 24.68 -15.70
C VAL E 328 -33.35 24.14 -14.32
N VAL E 329 -32.79 22.98 -13.98
CA VAL E 329 -33.07 22.36 -12.69
C VAL E 329 -32.64 23.28 -11.54
N LEU E 330 -31.43 23.79 -11.64
CA LEU E 330 -30.89 24.68 -10.62
C LEU E 330 -31.79 25.91 -10.48
N LYS E 331 -32.26 26.43 -11.61
CA LYS E 331 -33.14 27.59 -11.60
C LYS E 331 -34.42 27.27 -10.85
N ARG E 332 -35.10 26.21 -11.26
CA ARG E 332 -36.34 25.80 -10.62
C ARG E 332 -36.15 25.67 -9.12
N LEU E 333 -35.04 25.05 -8.70
CA LEU E 333 -34.76 24.87 -7.28
C LEU E 333 -34.64 26.19 -6.57
N LEU E 334 -33.93 27.13 -7.19
CA LEU E 334 -33.76 28.46 -6.62
C LEU E 334 -35.13 29.12 -6.45
N GLU E 335 -35.89 29.16 -7.54
CA GLU E 335 -37.22 29.76 -7.54
C GLU E 335 -38.11 29.25 -6.41
N ASN E 336 -37.80 28.06 -5.89
CA ASN E 336 -38.62 27.48 -4.84
C ASN E 336 -37.97 27.54 -3.46
N LEU E 337 -36.82 28.19 -3.37
CA LEU E 337 -36.13 28.30 -2.10
C LEU E 337 -36.96 29.17 -1.17
N PRO E 338 -36.99 28.80 0.13
CA PRO E 338 -37.78 29.59 1.09
C PRO E 338 -37.15 30.98 1.32
N SER F 19 -9.88 45.08 17.86
CA SER F 19 -10.29 45.46 16.49
C SER F 19 -9.08 45.73 15.60
N HIS F 20 -7.92 45.30 16.07
CA HIS F 20 -6.66 45.46 15.34
C HIS F 20 -6.06 44.07 15.15
N MET F 21 -6.87 43.18 14.58
CA MET F 21 -6.48 41.79 14.35
C MET F 21 -5.46 41.64 13.22
N LYS F 22 -4.32 41.05 13.56
CA LYS F 22 -3.25 40.84 12.60
C LYS F 22 -3.11 39.35 12.27
N LYS F 23 -3.72 38.52 13.12
CA LYS F 23 -3.69 37.07 12.95
C LYS F 23 -4.78 36.48 13.83
N PHE F 24 -5.03 35.19 13.70
CA PHE F 24 -6.04 34.53 14.52
C PHE F 24 -5.57 33.12 14.83
N THR F 25 -4.94 32.94 15.97
CA THR F 25 -4.44 31.63 16.37
C THR F 25 -4.80 31.29 17.81
N CYS F 26 -4.85 32.29 18.68
CA CYS F 26 -5.21 32.05 20.08
C CYS F 26 -6.33 32.98 20.51
N VAL F 27 -7.04 32.62 21.57
CA VAL F 27 -8.16 33.41 22.06
C VAL F 27 -7.85 34.90 22.27
N GLN F 28 -6.58 35.23 22.54
CA GLN F 28 -6.20 36.62 22.73
C GLN F 28 -6.55 37.46 21.50
N ASP F 29 -6.27 36.93 20.33
CA ASP F 29 -6.54 37.62 19.08
C ASP F 29 -7.96 38.15 18.91
N ILE F 30 -8.94 37.53 19.55
CA ILE F 30 -10.33 37.95 19.39
C ILE F 30 -10.68 39.19 20.22
N GLY F 31 -9.89 39.45 21.24
CA GLY F 31 -10.13 40.60 22.09
C GLY F 31 -11.26 40.37 23.05
N ASP F 32 -12.07 41.41 23.27
CA ASP F 32 -13.20 41.32 24.19
C ASP F 32 -14.23 40.28 23.74
N LEU F 33 -14.44 39.26 24.57
CA LEU F 33 -15.38 38.20 24.23
C LEU F 33 -16.80 38.73 24.06
N LYS F 34 -17.18 39.66 24.92
CA LYS F 34 -18.53 40.24 24.89
C LYS F 34 -18.89 40.80 23.50
N SER F 35 -18.06 41.72 23.00
CA SER F 35 -18.30 42.33 21.70
C SER F 35 -18.09 41.33 20.57
N ALA F 36 -17.24 40.33 20.80
CA ALA F 36 -16.98 39.31 19.80
C ALA F 36 -18.28 38.52 19.61
N LEU F 37 -18.89 38.13 20.72
CA LEU F 37 -20.14 37.38 20.72
C LEU F 37 -21.24 38.25 20.11
N ALA F 38 -21.14 39.55 20.34
CA ALA F 38 -22.10 40.49 19.81
C ALA F 38 -22.13 40.40 18.28
N GLU F 39 -20.98 40.58 17.65
CA GLU F 39 -20.88 40.49 16.21
C GLU F 39 -21.35 39.13 15.74
N SER F 40 -20.96 38.10 16.50
CA SER F 40 -21.34 36.74 16.15
C SER F 40 -22.85 36.65 15.92
N PHE F 41 -23.62 37.01 16.94
CA PHE F 41 -25.08 36.95 16.82
C PHE F 41 -25.63 37.96 15.84
N GLU F 42 -24.88 39.04 15.62
CA GLU F 42 -25.30 40.06 14.66
C GLU F 42 -25.37 39.39 13.30
N ILE F 43 -24.29 38.68 12.97
CA ILE F 43 -24.16 37.98 11.70
C ILE F 43 -25.06 36.75 11.57
N LYS F 44 -25.36 36.10 12.69
CA LYS F 44 -26.25 34.94 12.63
C LYS F 44 -27.58 35.44 12.11
N LYS F 45 -27.96 36.64 12.59
CA LYS F 45 -29.21 37.27 12.20
C LYS F 45 -29.24 37.78 10.77
N ASP F 46 -28.18 38.49 10.38
CA ASP F 46 -28.09 39.06 9.05
C ASP F 46 -26.83 38.52 8.36
N ARG F 47 -26.90 37.28 7.90
CA ARG F 47 -25.75 36.62 7.26
C ARG F 47 -24.94 37.40 6.21
N PHE F 48 -25.60 38.05 5.27
CA PHE F 48 -24.85 38.77 4.25
C PHE F 48 -24.79 40.28 4.44
N LYS F 49 -24.89 40.72 5.70
CA LYS F 49 -24.84 42.13 6.02
C LYS F 49 -23.56 42.81 5.57
N TYR F 50 -22.45 42.08 5.54
CA TYR F 50 -21.18 42.67 5.13
C TYR F 50 -20.65 42.08 3.85
N VAL F 51 -21.56 41.58 3.02
CA VAL F 51 -21.18 40.95 1.77
C VAL F 51 -20.35 41.86 0.85
N GLU F 52 -20.37 43.16 1.13
CA GLU F 52 -19.61 44.11 0.32
C GLU F 52 -18.21 44.39 0.84
N LEU F 53 -17.99 44.10 2.12
CA LEU F 53 -16.70 44.35 2.75
C LEU F 53 -15.49 43.68 2.10
N GLY F 54 -15.60 42.39 1.82
CA GLY F 54 -14.49 41.67 1.24
C GLY F 54 -14.38 41.66 -0.26
N ARG F 55 -15.16 42.50 -0.94
CA ARG F 55 -15.12 42.56 -2.39
C ARG F 55 -13.67 42.73 -2.87
N ASN F 56 -13.32 41.98 -3.92
CA ASN F 56 -11.98 42.01 -4.50
C ASN F 56 -10.84 41.71 -3.52
N LYS F 57 -11.14 40.90 -2.53
CA LYS F 57 -10.18 40.46 -1.53
C LYS F 57 -10.16 38.94 -1.68
N THR F 58 -8.96 38.36 -1.70
CA THR F 58 -8.84 36.93 -1.89
C THR F 58 -8.30 36.14 -0.70
N LEU F 59 -9.06 35.11 -0.33
CA LEU F 59 -8.69 34.23 0.77
C LEU F 59 -8.09 32.94 0.24
N LEU F 60 -6.95 32.55 0.80
CA LEU F 60 -6.29 31.32 0.40
C LEU F 60 -6.32 30.35 1.56
N MET F 61 -7.03 29.23 1.36
CA MET F 61 -7.15 28.20 2.40
C MET F 61 -6.19 27.07 2.06
N ILE F 62 -5.25 26.81 2.96
CA ILE F 62 -4.26 25.76 2.76
C ILE F 62 -4.46 24.60 3.72
N PHE F 63 -4.52 23.39 3.17
CA PHE F 63 -4.72 22.19 3.98
C PHE F 63 -3.60 21.18 3.96
N PHE F 64 -3.02 20.93 5.13
CA PHE F 64 -1.96 19.94 5.24
C PHE F 64 -2.60 18.64 5.75
N ASN F 65 -3.86 18.74 6.20
CA ASN F 65 -4.62 17.59 6.70
C ASN F 65 -6.04 17.60 6.18
N SER F 66 -6.78 16.51 6.45
CA SER F 66 -8.16 16.40 6.01
C SER F 66 -9.09 17.39 6.73
N SER F 67 -10.27 17.57 6.18
CA SER F 67 -11.26 18.47 6.77
C SER F 67 -12.59 18.53 6.03
N LEU F 68 -13.68 18.57 6.78
CA LEU F 68 -15.02 18.66 6.22
C LEU F 68 -15.58 20.01 6.67
N ARG F 69 -15.78 20.14 7.97
CA ARG F 69 -16.33 21.36 8.54
C ARG F 69 -15.50 22.60 8.25
N THR F 70 -14.24 22.62 8.66
CA THR F 70 -13.39 23.79 8.42
C THR F 70 -13.33 24.10 6.93
N ARG F 71 -13.19 23.06 6.13
CA ARG F 71 -13.12 23.22 4.69
C ARG F 71 -14.36 23.93 4.13
N LEU F 72 -15.53 23.39 4.45
CA LEU F 72 -16.78 23.95 3.98
C LEU F 72 -17.17 25.26 4.63
N SER F 73 -17.24 25.27 5.96
CA SER F 73 -17.64 26.46 6.70
C SER F 73 -16.82 27.71 6.39
N THR F 74 -15.51 27.54 6.19
CA THR F 74 -14.66 28.69 5.91
C THR F 74 -14.88 29.31 4.53
N GLN F 75 -15.20 28.49 3.54
CA GLN F 75 -15.46 29.01 2.21
C GLN F 75 -16.76 29.81 2.28
N LYS F 76 -17.79 29.23 2.89
CA LYS F 76 -19.07 29.90 3.04
C LYS F 76 -18.86 31.25 3.74
N ALA F 77 -18.11 31.23 4.83
CA ALA F 77 -17.84 32.46 5.58
C ALA F 77 -17.24 33.52 4.67
N ALA F 78 -16.23 33.14 3.90
CA ALA F 78 -15.58 34.06 2.98
C ALA F 78 -16.58 34.60 1.98
N LEU F 79 -17.51 33.77 1.55
CA LEU F 79 -18.52 34.18 0.59
C LEU F 79 -19.50 35.18 1.22
N ASN F 80 -19.80 35.00 2.50
CA ASN F 80 -20.71 35.92 3.20
C ASN F 80 -20.12 37.33 3.16
N LEU F 81 -18.79 37.39 3.05
CA LEU F 81 -18.09 38.67 3.02
C LEU F 81 -17.73 39.11 1.60
N GLY F 82 -18.35 38.48 0.61
CA GLY F 82 -18.09 38.85 -0.76
C GLY F 82 -16.66 38.66 -1.23
N MET F 83 -15.92 37.80 -0.53
CA MET F 83 -14.52 37.52 -0.88
C MET F 83 -14.35 36.51 -2.00
N ASN F 84 -13.11 36.34 -2.40
CA ASN F 84 -12.73 35.37 -3.42
C ASN F 84 -12.10 34.24 -2.63
N VAL F 85 -12.34 32.99 -3.03
CA VAL F 85 -11.78 31.89 -2.28
C VAL F 85 -11.01 30.90 -3.13
N ILE F 86 -9.82 30.57 -2.68
CA ILE F 86 -8.98 29.59 -3.36
C ILE F 86 -8.60 28.55 -2.33
N VAL F 87 -9.04 27.32 -2.53
CA VAL F 87 -8.72 26.24 -1.60
C VAL F 87 -7.59 25.40 -2.17
N LEU F 88 -6.51 25.30 -1.43
CA LEU F 88 -5.35 24.55 -1.87
C LEU F 88 -5.07 23.40 -0.94
N ASP F 89 -5.02 22.20 -1.51
CA ASP F 89 -4.70 21.01 -0.75
C ASP F 89 -3.31 20.61 -1.18
N ILE F 90 -2.31 20.95 -0.37
CA ILE F 90 -0.95 20.59 -0.71
C ILE F 90 -0.96 19.08 -0.82
N ASN F 91 0.10 18.51 -1.38
CA ASN F 91 0.20 17.06 -1.49
C ASN F 91 -0.64 16.55 -2.65
N GLN F 92 -1.84 17.08 -2.80
CA GLN F 92 -2.68 16.66 -3.91
C GLN F 92 -2.26 17.33 -5.23
N GLY F 93 -2.70 18.58 -5.43
CA GLY F 93 -2.33 19.28 -6.65
C GLY F 93 -0.95 19.91 -6.69
N ALA F 94 -0.36 20.16 -5.52
CA ALA F 94 0.96 20.81 -5.46
C ALA F 94 2.12 19.85 -5.26
N TRP F 95 3.31 20.41 -5.04
CA TRP F 95 4.54 19.64 -4.83
C TRP F 95 4.78 19.39 -3.34
N LYS F 96 5.25 18.19 -2.99
CA LYS F 96 5.53 17.87 -1.59
C LYS F 96 6.54 18.86 -1.05
N LEU F 97 6.32 19.32 0.18
CA LEU F 97 7.20 20.31 0.78
C LEU F 97 8.25 19.77 1.75
N GLU F 98 9.48 20.27 1.61
CA GLU F 98 10.56 19.90 2.52
C GLU F 98 10.45 20.91 3.64
N THR F 99 10.24 20.43 4.85
CA THR F 99 10.06 21.32 5.99
C THR F 99 11.35 21.73 6.71
N GLU F 100 12.35 20.85 6.71
CA GLU F 100 13.64 21.13 7.38
C GLU F 100 14.61 21.94 6.53
N ARG F 101 15.31 22.88 7.17
CA ARG F 101 16.26 23.72 6.46
C ARG F 101 17.68 23.18 6.44
N GLY F 102 18.38 23.45 5.34
CA GLY F 102 19.76 23.01 5.22
C GLY F 102 19.96 21.59 4.76
N VAL F 103 18.88 20.91 4.37
CA VAL F 103 18.98 19.55 3.89
C VAL F 103 19.26 19.57 2.39
N ILE F 104 19.77 18.47 1.84
CA ILE F 104 20.01 18.45 0.41
C ILE F 104 18.75 17.83 -0.18
N MET F 105 17.94 18.65 -0.82
CA MET F 105 16.69 18.21 -1.40
C MET F 105 16.84 17.29 -2.61
N ASP F 106 17.41 16.11 -2.36
CA ASP F 106 17.61 15.13 -3.42
C ASP F 106 16.71 13.91 -3.24
N GLY F 107 15.43 14.16 -2.97
CA GLY F 107 14.52 13.05 -2.80
C GLY F 107 13.04 13.35 -2.98
N ASP F 108 12.29 12.83 -2.03
CA ASP F 108 10.84 12.95 -1.93
C ASP F 108 10.25 14.34 -2.21
N LYS F 109 10.87 15.37 -1.65
CA LYS F 109 10.40 16.76 -1.78
C LYS F 109 11.01 17.59 -2.91
N PRO F 110 10.15 18.11 -3.82
CA PRO F 110 10.59 18.93 -4.95
C PRO F 110 10.68 20.41 -4.57
N GLU F 111 9.92 20.79 -3.54
CA GLU F 111 9.89 22.18 -3.09
C GLU F 111 10.11 22.32 -1.58
N HIS F 112 10.67 23.46 -1.17
CA HIS F 112 10.91 23.70 0.24
C HIS F 112 9.89 24.69 0.81
N LEU F 113 9.47 24.44 2.04
CA LEU F 113 8.49 25.28 2.72
C LEU F 113 8.91 26.75 2.71
N LEU F 114 10.22 26.99 2.80
CA LEU F 114 10.75 28.34 2.81
C LEU F 114 10.43 29.16 1.57
N GLU F 115 10.17 28.49 0.44
CA GLU F 115 9.82 29.21 -0.78
C GLU F 115 8.30 29.19 -0.90
N ALA F 116 7.71 28.03 -0.62
CA ALA F 116 6.27 27.82 -0.71
C ALA F 116 5.45 28.89 0.02
N ILE F 117 5.78 29.12 1.29
CA ILE F 117 5.04 30.11 2.08
C ILE F 117 5.02 31.52 1.45
N PRO F 118 6.20 32.09 1.19
CA PRO F 118 6.23 33.43 0.59
C PRO F 118 5.43 33.44 -0.72
N VAL F 119 5.64 32.42 -1.55
CA VAL F 119 4.95 32.31 -2.82
C VAL F 119 3.44 32.33 -2.69
N MET F 120 2.91 31.52 -1.77
CA MET F 120 1.48 31.46 -1.57
C MET F 120 0.94 32.83 -1.15
N GLY F 121 1.71 33.52 -0.31
CA GLY F 121 1.31 34.84 0.14
C GLY F 121 1.18 35.84 -0.99
N CYS F 122 1.90 35.59 -2.08
CA CYS F 122 1.87 36.48 -3.23
C CYS F 122 0.52 36.60 -3.92
N TYR F 123 -0.30 35.56 -3.86
CA TYR F 123 -1.56 35.60 -4.58
C TYR F 123 -2.86 35.79 -3.80
N CYS F 124 -2.76 36.20 -2.53
CA CYS F 124 -3.96 36.41 -1.74
C CYS F 124 -3.82 37.58 -0.77
N ASP F 125 -4.88 37.84 -0.01
CA ASP F 125 -4.88 38.92 0.96
C ASP F 125 -4.84 38.35 2.37
N ILE F 126 -5.53 37.23 2.57
CA ILE F 126 -5.58 36.57 3.87
C ILE F 126 -5.32 35.08 3.68
N ILE F 127 -4.64 34.46 4.66
CA ILE F 127 -4.33 33.04 4.58
C ILE F 127 -4.87 32.23 5.75
N GLY F 128 -5.42 31.06 5.42
CA GLY F 128 -5.92 30.16 6.42
C GLY F 128 -5.12 28.87 6.31
N VAL F 129 -4.59 28.38 7.42
CA VAL F 129 -3.80 27.16 7.38
C VAL F 129 -4.25 26.10 8.37
N ARG F 130 -4.15 24.84 7.95
CA ARG F 130 -4.46 23.72 8.81
C ARG F 130 -3.22 22.82 8.80
N SER F 131 -2.62 22.65 9.97
CA SER F 131 -1.43 21.82 10.07
C SER F 131 -1.42 21.12 11.41
N PHE F 132 -1.95 19.89 11.41
CA PHE F 132 -2.03 19.06 12.60
C PHE F 132 -0.66 18.81 13.21
N ALA F 133 -0.64 18.59 14.51
CA ALA F 133 0.61 18.29 15.19
C ALA F 133 1.18 17.06 14.50
N ARG F 134 2.50 16.99 14.34
CA ARG F 134 3.12 15.86 13.66
C ARG F 134 3.50 14.75 14.64
N PHE F 135 3.46 15.08 15.92
CA PHE F 135 3.81 14.11 16.96
C PHE F 135 5.19 13.48 16.75
N GLU F 136 6.11 14.22 16.13
CA GLU F 136 7.45 13.71 15.91
C GLU F 136 8.40 14.35 16.91
N ASN F 137 8.00 15.49 17.44
CA ASN F 137 8.81 16.23 18.40
C ASN F 137 7.93 17.26 19.11
N ARG F 138 7.72 17.08 20.40
CA ARG F 138 6.87 18.00 21.15
C ARG F 138 7.21 19.48 20.96
N GLU F 139 8.50 19.81 21.04
CA GLU F 139 8.92 21.20 20.87
C GLU F 139 8.49 21.77 19.53
N TYR F 140 8.79 21.04 18.45
CA TYR F 140 8.43 21.49 17.12
C TYR F 140 6.93 21.79 17.05
N ASP F 141 6.12 20.91 17.64
CA ASP F 141 4.69 21.09 17.63
C ASP F 141 4.26 22.23 18.54
N TYR F 142 4.64 22.17 19.80
CA TYR F 142 4.22 23.21 20.72
C TYR F 142 4.81 24.61 20.48
N ASN F 143 5.93 24.69 19.79
CA ASN F 143 6.48 25.99 19.48
C ASN F 143 5.77 26.45 18.23
N GLU F 144 4.87 25.61 17.74
CA GLU F 144 4.09 25.90 16.55
C GLU F 144 4.94 26.45 15.42
N VAL F 145 6.01 25.72 15.11
CA VAL F 145 6.93 26.11 14.06
C VAL F 145 6.32 26.41 12.69
N ILE F 146 5.51 25.50 12.17
CA ILE F 146 4.91 25.69 10.85
C ILE F 146 3.94 26.87 10.79
N ILE F 147 2.93 26.86 11.65
CA ILE F 147 1.95 27.93 11.66
C ILE F 147 2.66 29.29 11.81
N ASN F 148 3.76 29.31 12.55
CA ASN F 148 4.51 30.54 12.75
C ASN F 148 5.32 30.95 11.53
N GLN F 149 5.84 29.98 10.80
CA GLN F 149 6.59 30.30 9.60
C GLN F 149 5.68 30.95 8.58
N PHE F 150 4.39 30.60 8.63
CA PHE F 150 3.45 31.21 7.71
C PHE F 150 3.29 32.66 8.15
N ILE F 151 3.10 32.86 9.43
CA ILE F 151 2.94 34.19 9.99
C ILE F 151 4.15 35.05 9.63
N GLN F 152 5.34 34.50 9.83
CA GLN F 152 6.58 35.20 9.55
C GLN F 152 6.90 35.47 8.08
N HIS F 153 6.69 34.49 7.21
CA HIS F 153 7.05 34.66 5.81
C HIS F 153 5.96 34.75 4.75
N SER F 154 4.70 34.57 5.12
CA SER F 154 3.65 34.64 4.10
C SER F 154 3.43 36.08 3.63
N GLY F 155 3.61 37.03 4.55
CA GLY F 155 3.43 38.42 4.20
C GLY F 155 1.96 38.79 4.20
N ARG F 156 1.14 37.95 4.83
CA ARG F 156 -0.29 38.16 4.91
C ARG F 156 -0.80 37.77 6.29
N PRO F 157 -2.02 38.24 6.63
CA PRO F 157 -2.58 37.89 7.93
C PRO F 157 -2.87 36.39 7.89
N VAL F 158 -2.54 35.67 8.96
CA VAL F 158 -2.77 34.24 8.98
C VAL F 158 -3.73 33.84 10.08
N PHE F 159 -4.71 33.02 9.74
CA PHE F 159 -5.63 32.53 10.75
C PHE F 159 -5.54 31.01 10.74
N SER F 160 -5.65 30.43 11.92
CA SER F 160 -5.55 28.99 12.10
C SER F 160 -6.82 28.20 11.79
N MET F 161 -6.65 27.10 11.05
CA MET F 161 -7.76 26.20 10.72
C MET F 161 -7.46 24.91 11.49
N GLU F 162 -6.70 25.11 12.57
CA GLU F 162 -6.20 24.12 13.52
C GLU F 162 -4.72 23.94 13.30
N ALA F 163 -3.95 24.36 14.30
CA ALA F 163 -2.51 24.24 14.25
C ALA F 163 -2.15 23.02 15.07
N ALA F 164 -0.91 22.98 15.56
CA ALA F 164 -0.47 21.84 16.35
C ALA F 164 -1.04 21.83 17.75
N THR F 165 -1.26 23.02 18.33
CA THR F 165 -1.77 23.08 19.71
C THR F 165 -3.09 23.82 19.96
N ARG F 166 -3.65 24.44 18.93
CA ARG F 166 -4.90 25.19 19.07
C ARG F 166 -5.83 25.04 17.88
N HIS F 167 -7.06 25.53 18.05
CA HIS F 167 -8.06 25.48 16.99
C HIS F 167 -9.09 26.55 17.36
N PRO F 168 -8.66 27.82 17.41
CA PRO F 168 -9.51 28.96 17.75
C PRO F 168 -10.84 29.01 17.01
N LEU F 169 -10.81 28.86 15.69
CA LEU F 169 -12.05 28.90 14.92
C LEU F 169 -13.12 27.98 15.52
N GLN F 170 -12.69 26.78 15.93
CA GLN F 170 -13.61 25.81 16.52
C GLN F 170 -14.09 26.27 17.89
N SER F 171 -13.14 26.56 18.77
CA SER F 171 -13.48 26.99 20.13
C SER F 171 -14.40 28.20 20.13
N PHE F 172 -14.05 29.22 19.35
CA PHE F 172 -14.86 30.44 19.25
C PHE F 172 -16.30 30.03 18.95
N ALA F 173 -16.48 29.08 18.04
CA ALA F 173 -17.81 28.59 17.68
C ALA F 173 -18.46 27.88 18.86
N ASP F 174 -17.68 27.08 19.59
CA ASP F 174 -18.22 26.38 20.75
C ASP F 174 -18.74 27.40 21.75
N LEU F 175 -18.00 28.50 21.90
CA LEU F 175 -18.38 29.57 22.83
C LEU F 175 -19.73 30.10 22.39
N ILE F 176 -19.81 30.47 21.12
CA ILE F 176 -21.03 30.99 20.53
C ILE F 176 -22.22 30.07 20.79
N THR F 177 -22.05 28.75 20.64
CA THR F 177 -23.17 27.84 20.85
C THR F 177 -23.53 27.67 22.32
N ILE F 178 -22.54 27.74 23.21
CA ILE F 178 -22.84 27.61 24.62
C ILE F 178 -23.62 28.83 25.07
N GLU F 179 -23.21 30.00 24.59
CA GLU F 179 -23.91 31.24 24.92
C GLU F 179 -25.31 31.11 24.36
N GLU F 180 -25.36 30.65 23.12
CA GLU F 180 -26.61 30.46 22.40
C GLU F 180 -27.58 29.51 23.09
N TYR F 181 -27.08 28.48 23.78
CA TYR F 181 -27.96 27.50 24.45
C TYR F 181 -28.04 27.50 25.97
N LYS F 182 -27.08 28.13 26.65
CA LYS F 182 -27.09 28.12 28.11
C LYS F 182 -28.38 28.57 28.75
N LYS F 183 -28.74 27.93 29.86
CA LYS F 183 -29.96 28.25 30.62
C LYS F 183 -29.68 29.19 31.78
N THR F 184 -28.40 29.39 32.08
CA THR F 184 -28.01 30.29 33.16
C THR F 184 -26.79 31.09 32.70
N ALA F 185 -26.46 32.14 33.44
CA ALA F 185 -25.33 32.99 33.08
C ALA F 185 -23.98 32.30 33.11
N ARG F 186 -23.74 31.48 34.12
CA ARG F 186 -22.45 30.81 34.24
C ARG F 186 -22.64 29.31 34.44
N PRO F 187 -22.92 28.59 33.35
CA PRO F 187 -23.12 27.13 33.38
C PRO F 187 -21.88 26.33 33.73
N LYS F 188 -22.10 25.06 34.08
CA LYS F 188 -20.98 24.17 34.40
C LYS F 188 -20.66 23.47 33.08
N VAL F 189 -19.48 23.75 32.55
CA VAL F 189 -19.03 23.15 31.30
C VAL F 189 -17.93 22.15 31.62
N VAL F 190 -18.16 20.90 31.24
CA VAL F 190 -17.19 19.84 31.49
C VAL F 190 -16.61 19.23 30.21
N MET F 191 -15.30 19.40 30.02
CA MET F 191 -14.64 18.82 28.86
C MET F 191 -14.18 17.45 29.30
N THR F 192 -14.60 16.42 28.57
CA THR F 192 -14.23 15.06 28.90
C THR F 192 -13.47 14.33 27.81
N TRP F 193 -12.47 13.56 28.23
CA TRP F 193 -11.67 12.75 27.33
C TRP F 193 -12.57 11.55 26.98
N ALA F 194 -12.23 10.84 25.90
CA ALA F 194 -12.98 9.67 25.48
C ALA F 194 -12.00 8.78 24.72
N PRO F 195 -12.24 7.47 24.72
CA PRO F 195 -11.36 6.52 24.02
C PRO F 195 -11.38 6.67 22.49
N HIS F 196 -10.21 6.47 21.88
CA HIS F 196 -10.09 6.58 20.42
C HIS F 196 -9.01 5.60 19.97
N PRO F 197 -9.19 5.01 18.77
CA PRO F 197 -8.22 4.05 18.24
C PRO F 197 -6.92 4.63 17.72
N ARG F 198 -6.91 5.92 17.42
CA ARG F 198 -5.70 6.54 16.88
C ARG F 198 -5.24 7.75 17.71
N PRO F 199 -3.92 8.02 17.73
CA PRO F 199 -3.38 9.16 18.49
C PRO F 199 -3.78 10.51 17.88
N LEU F 200 -4.62 11.26 18.59
CA LEU F 200 -5.07 12.55 18.10
C LEU F 200 -4.36 13.72 18.78
N PRO F 201 -4.26 14.86 18.09
CA PRO F 201 -3.62 16.07 18.62
C PRO F 201 -4.38 16.57 19.84
N GLN F 202 -3.74 17.39 20.66
CA GLN F 202 -4.44 17.94 21.81
C GLN F 202 -4.89 19.38 21.50
N ALA F 203 -4.82 19.74 20.23
CA ALA F 203 -5.19 21.07 19.76
C ALA F 203 -6.59 21.49 20.17
N VAL F 204 -7.57 20.61 19.95
CA VAL F 204 -8.94 20.93 20.32
C VAL F 204 -9.11 21.10 21.83
N PRO F 205 -8.64 20.13 22.64
CA PRO F 205 -8.77 20.24 24.10
C PRO F 205 -8.07 21.49 24.60
N ASN F 206 -6.82 21.68 24.15
CA ASN F 206 -6.04 22.85 24.55
C ASN F 206 -6.84 24.10 24.26
N SER F 207 -7.30 24.22 23.02
CA SER F 207 -8.08 25.37 22.57
C SER F 207 -9.36 25.58 23.36
N PHE F 208 -10.12 24.51 23.60
CA PHE F 208 -11.36 24.62 24.35
C PHE F 208 -11.07 25.16 25.75
N ALA F 209 -10.11 24.53 26.44
CA ALA F 209 -9.74 24.94 27.78
C ALA F 209 -9.36 26.42 27.75
N GLU F 210 -8.51 26.79 26.80
CA GLU F 210 -8.06 28.17 26.66
C GLU F 210 -9.24 29.13 26.61
N TRP F 211 -10.23 28.82 25.79
CA TRP F 211 -11.39 29.68 25.68
C TRP F 211 -12.29 29.62 26.89
N MET F 212 -12.55 28.43 27.41
CA MET F 212 -13.41 28.33 28.59
C MET F 212 -12.81 29.09 29.76
N ASN F 213 -11.48 29.06 29.89
CA ASN F 213 -10.83 29.76 30.99
C ASN F 213 -11.01 31.26 30.84
N ALA F 214 -11.28 31.69 29.60
CA ALA F 214 -11.49 33.11 29.31
C ALA F 214 -12.89 33.56 29.71
N THR F 215 -13.79 32.60 29.91
CA THR F 215 -15.15 32.92 30.31
C THR F 215 -15.19 32.85 31.83
N ASP F 216 -16.38 32.98 32.39
CA ASP F 216 -16.55 32.91 33.82
C ASP F 216 -17.49 31.75 34.15
N TYR F 217 -17.51 30.76 33.25
CA TYR F 217 -18.33 29.57 33.42
C TYR F 217 -17.63 28.72 34.47
N GLU F 218 -18.30 27.68 34.98
CA GLU F 218 -17.66 26.79 35.92
C GLU F 218 -17.06 25.72 35.03
N PHE F 219 -15.76 25.84 34.74
CA PHE F 219 -15.08 24.91 33.85
C PHE F 219 -14.35 23.75 34.54
N VAL F 220 -14.62 22.54 34.08
CA VAL F 220 -14.00 21.34 34.64
C VAL F 220 -13.46 20.45 33.54
N ILE F 221 -12.26 19.92 33.74
CA ILE F 221 -11.62 19.02 32.78
C ILE F 221 -11.49 17.64 33.42
N THR F 222 -11.94 16.61 32.71
CA THR F 222 -11.86 15.26 33.25
C THR F 222 -11.26 14.28 32.24
N HIS F 223 -10.20 13.60 32.67
CA HIS F 223 -9.52 12.65 31.80
C HIS F 223 -8.78 11.59 32.62
N PRO F 224 -8.40 10.48 31.98
CA PRO F 224 -7.68 9.43 32.71
C PRO F 224 -6.32 9.92 33.17
N GLU F 225 -5.73 9.22 34.13
CA GLU F 225 -4.41 9.56 34.63
C GLU F 225 -3.42 9.43 33.47
N GLY F 226 -2.51 10.39 33.36
CA GLY F 226 -1.52 10.34 32.30
C GLY F 226 -1.83 11.28 31.14
N TYR F 227 -3.10 11.61 30.98
CA TYR F 227 -3.51 12.49 29.90
C TYR F 227 -3.57 13.97 30.25
N GLU F 228 -2.74 14.40 31.20
CA GLU F 228 -2.74 15.80 31.58
C GLU F 228 -2.31 16.68 30.41
N LEU F 229 -3.06 17.75 30.16
CA LEU F 229 -2.74 18.69 29.09
C LEU F 229 -1.72 19.69 29.61
N ASP F 230 -1.06 20.40 28.70
CA ASP F 230 -0.05 21.38 29.12
C ASP F 230 -0.67 22.40 30.08
N PRO F 231 0.04 22.73 31.17
CA PRO F 231 -0.43 23.70 32.16
C PRO F 231 -0.89 25.03 31.56
N LYS F 232 -0.12 25.55 30.61
CA LYS F 232 -0.47 26.82 29.99
C LYS F 232 -1.87 26.82 29.38
N PHE F 233 -2.40 25.63 29.10
CA PHE F 233 -3.74 25.55 28.54
C PHE F 233 -4.72 25.20 29.64
N VAL F 234 -4.35 24.23 30.48
CA VAL F 234 -5.20 23.81 31.56
C VAL F 234 -5.56 25.02 32.39
N GLY F 235 -4.60 25.93 32.53
CA GLY F 235 -4.84 27.12 33.31
C GLY F 235 -5.15 26.72 34.73
N ASN F 236 -6.13 27.39 35.33
CA ASN F 236 -6.52 27.08 36.70
C ASN F 236 -7.88 26.39 36.70
N ALA F 237 -8.13 25.59 35.67
CA ALA F 237 -9.38 24.87 35.56
C ALA F 237 -9.29 23.66 36.47
N ARG F 238 -10.44 23.20 36.97
CA ARG F 238 -10.50 22.05 37.85
C ARG F 238 -10.32 20.75 37.06
N VAL F 239 -9.37 19.93 37.47
CA VAL F 239 -9.14 18.66 36.79
C VAL F 239 -9.64 17.52 37.66
N GLU F 240 -10.63 16.78 37.16
CA GLU F 240 -11.22 15.66 37.90
C GLU F 240 -10.93 14.33 37.21
N TYR F 241 -10.24 13.43 37.91
CA TYR F 241 -9.91 12.15 37.32
C TYR F 241 -11.06 11.15 37.35
N ASP F 242 -12.12 11.49 38.08
CA ASP F 242 -13.30 10.62 38.16
C ASP F 242 -14.34 11.20 37.22
N GLN F 243 -14.49 10.58 36.05
CA GLN F 243 -15.44 11.08 35.07
C GLN F 243 -16.84 11.29 35.65
N MET F 244 -17.38 10.27 36.28
CA MET F 244 -18.72 10.38 36.85
C MET F 244 -18.86 11.57 37.81
N LYS F 245 -17.81 11.86 38.57
CA LYS F 245 -17.84 13.00 39.49
C LYS F 245 -17.87 14.32 38.74
N ALA F 246 -17.07 14.42 37.69
CA ALA F 246 -17.01 15.63 36.92
C ALA F 246 -18.38 15.92 36.30
N PHE F 247 -18.98 14.88 35.69
CA PHE F 247 -20.28 15.02 35.04
C PHE F 247 -21.42 15.50 35.93
N GLU F 248 -21.33 15.21 37.23
CA GLU F 248 -22.38 15.60 38.17
C GLU F 248 -22.86 17.04 38.01
N GLY F 249 -24.15 17.17 37.70
CA GLY F 249 -24.77 18.47 37.55
C GLY F 249 -24.23 19.39 36.47
N ALA F 250 -23.55 18.83 35.47
CA ALA F 250 -23.00 19.65 34.40
C ALA F 250 -24.12 20.16 33.49
N ASP F 251 -23.87 21.27 32.81
CA ASP F 251 -24.85 21.84 31.90
C ASP F 251 -24.42 21.61 30.45
N PHE F 252 -23.13 21.39 30.27
CA PHE F 252 -22.57 21.12 28.96
C PHE F 252 -21.46 20.10 29.03
N ILE F 253 -21.51 19.13 28.13
CA ILE F 253 -20.47 18.11 28.07
C ILE F 253 -19.76 18.28 26.73
N TYR F 254 -18.46 18.52 26.80
CA TYR F 254 -17.66 18.70 25.60
C TYR F 254 -16.70 17.53 25.55
N ALA F 255 -17.07 16.50 24.80
CA ALA F 255 -16.22 15.31 24.69
C ALA F 255 -15.24 15.43 23.54
N LYS F 256 -14.02 14.95 23.76
CA LYS F 256 -12.99 14.98 22.75
C LYS F 256 -11.79 14.13 23.18
N ASN F 257 -11.28 13.32 22.27
CA ASN F 257 -10.13 12.49 22.59
C ASN F 257 -8.86 13.22 22.23
N TRP F 258 -7.77 12.83 22.87
CA TRP F 258 -6.46 13.41 22.59
C TRP F 258 -5.39 12.47 23.10
N ALA F 259 -4.32 12.33 22.32
CA ALA F 259 -3.23 11.46 22.70
C ALA F 259 -2.48 12.09 23.87
N ALA F 260 -1.71 11.28 24.60
CA ALA F 260 -0.96 11.78 25.75
C ALA F 260 -0.07 12.95 25.38
N TYR F 261 0.43 13.65 26.40
CA TYR F 261 1.26 14.83 26.22
C TYR F 261 2.53 14.86 27.09
N LEU F 262 2.42 14.41 28.33
CA LEU F 262 3.54 14.41 29.26
C LEU F 262 4.64 13.40 29.10
N GLY F 263 5.84 13.81 29.50
CA GLY F 263 7.01 12.95 29.46
C GLY F 263 7.21 12.06 28.24
N ASP F 264 7.50 10.79 28.50
CA ASP F 264 7.79 9.84 27.44
C ASP F 264 6.59 9.40 26.61
N ASN F 265 5.42 9.97 26.84
CA ASN F 265 4.25 9.55 26.10
C ASN F 265 3.70 10.56 25.11
N TYR F 266 4.48 11.58 24.79
CA TYR F 266 3.97 12.57 23.85
C TYR F 266 3.39 11.90 22.60
N GLY F 267 2.14 12.23 22.30
CA GLY F 267 1.49 11.69 21.12
C GLY F 267 1.22 10.20 21.12
N GLN F 268 1.07 9.62 22.31
CA GLN F 268 0.80 8.19 22.40
C GLN F 268 -0.50 7.81 23.08
N ILE F 269 -1.04 6.66 22.70
CA ILE F 269 -2.29 6.18 23.28
C ILE F 269 -1.98 5.43 24.56
N LEU F 270 -2.37 5.99 25.69
CA LEU F 270 -2.12 5.36 26.98
C LEU F 270 -3.20 4.36 27.29
N SER F 271 -4.41 4.60 26.78
CA SER F 271 -5.52 3.69 26.99
C SER F 271 -6.68 3.89 26.03
N THR F 272 -7.56 2.90 25.97
CA THR F 272 -8.74 2.98 25.14
C THR F 272 -9.87 2.49 26.02
N ASP F 273 -9.77 2.81 27.31
CA ASP F 273 -10.76 2.43 28.29
C ASP F 273 -12.14 2.90 27.83
N ARG F 274 -12.97 1.97 27.37
CA ARG F 274 -14.28 2.33 26.88
C ARG F 274 -15.29 2.75 27.95
N ASN F 275 -14.88 2.75 29.22
CA ASN F 275 -15.79 3.18 30.28
C ASN F 275 -15.93 4.69 30.22
N TRP F 276 -15.07 5.33 29.44
CA TRP F 276 -15.11 6.77 29.29
C TRP F 276 -15.99 7.17 28.12
N THR F 277 -16.38 6.21 27.29
CA THR F 277 -17.24 6.54 26.15
C THR F 277 -18.47 7.23 26.72
N VAL F 278 -18.66 8.50 26.38
CA VAL F 278 -19.81 9.24 26.88
C VAL F 278 -21.07 8.55 26.44
N GLY F 279 -21.67 7.85 27.40
CA GLY F 279 -22.90 7.13 27.14
C GLY F 279 -24.03 7.67 27.99
N ASP F 280 -25.14 6.97 27.99
CA ASP F 280 -26.31 7.38 28.75
C ASP F 280 -26.02 7.39 30.27
N ARG F 281 -25.18 6.46 30.70
CA ARG F 281 -24.80 6.33 32.10
C ARG F 281 -24.28 7.64 32.70
N GLN F 282 -23.32 8.25 32.03
CA GLN F 282 -22.73 9.50 32.52
C GLN F 282 -23.66 10.69 32.33
N MET F 283 -24.37 10.74 31.22
CA MET F 283 -25.27 11.84 30.96
C MET F 283 -26.33 11.95 32.06
N ALA F 284 -26.85 10.81 32.49
CA ALA F 284 -27.86 10.77 33.54
C ALA F 284 -27.48 11.61 34.77
N VAL F 285 -26.22 11.55 35.16
CA VAL F 285 -25.72 12.27 36.31
C VAL F 285 -25.62 13.79 36.12
N THR F 286 -25.71 14.25 34.87
CA THR F 286 -25.62 15.69 34.61
C THR F 286 -26.98 16.33 34.79
N ASN F 287 -26.99 17.66 34.86
CA ASN F 287 -28.22 18.42 35.00
C ASN F 287 -28.88 18.50 33.62
N ASN F 288 -29.18 17.32 33.06
CA ASN F 288 -29.77 17.23 31.73
C ASN F 288 -28.94 18.13 30.81
N ALA F 289 -27.63 17.94 30.87
CA ALA F 289 -26.69 18.74 30.09
C ALA F 289 -26.75 18.48 28.60
N TYR F 290 -26.25 19.45 27.83
CA TYR F 290 -26.21 19.35 26.38
C TYR F 290 -24.94 18.59 26.04
N PHE F 291 -24.95 17.91 24.89
CA PHE F 291 -23.76 17.19 24.47
C PHE F 291 -23.14 17.93 23.30
N MET F 292 -21.83 18.17 23.37
CA MET F 292 -21.12 18.87 22.31
C MET F 292 -19.88 18.11 21.85
N HIS F 293 -19.51 18.34 20.59
CA HIS F 293 -18.33 17.72 20.01
C HIS F 293 -18.02 18.44 18.69
N CYS F 294 -16.74 18.73 18.48
CA CYS F 294 -16.31 19.44 17.28
C CYS F 294 -16.48 18.67 15.98
N LEU F 295 -16.51 17.34 16.07
CA LEU F 295 -16.64 16.50 14.88
C LEU F 295 -15.34 16.59 14.08
N PRO F 296 -14.95 15.51 13.38
CA PRO F 296 -15.56 14.19 13.25
C PRO F 296 -15.72 13.50 14.59
N VAL F 297 -16.64 12.55 14.66
CA VAL F 297 -16.86 11.80 15.89
C VAL F 297 -17.03 10.34 15.57
N ARG F 298 -16.31 9.48 16.29
CA ARG F 298 -16.46 8.05 16.07
C ARG F 298 -17.54 7.57 17.04
N ARG F 299 -18.69 7.17 16.49
CA ARG F 299 -19.79 6.69 17.30
C ARG F 299 -19.44 5.43 18.05
N ASN F 300 -19.92 5.35 19.29
CA ASN F 300 -19.68 4.19 20.15
C ASN F 300 -18.20 4.02 20.51
N MET F 301 -17.51 5.15 20.54
CA MET F 301 -16.11 5.21 20.90
C MET F 301 -16.02 6.44 21.77
N ILE F 302 -16.39 7.57 21.18
CA ILE F 302 -16.38 8.83 21.88
C ILE F 302 -17.72 8.99 22.58
N VAL F 303 -18.79 8.74 21.84
CA VAL F 303 -20.13 8.88 22.40
C VAL F 303 -21.11 7.84 21.81
N THR F 304 -22.08 7.46 22.63
CA THR F 304 -23.12 6.49 22.26
C THR F 304 -23.96 6.99 21.09
N ASP F 305 -24.50 6.07 20.32
CA ASP F 305 -25.38 6.44 19.21
C ASP F 305 -26.54 7.24 19.81
N ASP F 306 -27.13 6.70 20.88
CA ASP F 306 -28.26 7.31 21.56
C ASP F 306 -28.00 8.70 22.09
N VAL F 307 -26.84 8.91 22.71
CA VAL F 307 -26.51 10.23 23.27
C VAL F 307 -26.37 11.27 22.18
N ILE F 308 -25.60 10.97 21.15
CA ILE F 308 -25.40 11.91 20.06
C ILE F 308 -26.71 12.16 19.32
N GLU F 309 -27.61 11.18 19.33
CA GLU F 309 -28.88 11.33 18.64
C GLU F 309 -29.96 11.92 19.56
N SER F 310 -29.67 11.98 20.85
CA SER F 310 -30.64 12.51 21.80
C SER F 310 -30.89 13.98 21.51
N PRO F 311 -31.99 14.53 22.01
CA PRO F 311 -32.29 15.94 21.78
C PRO F 311 -31.36 16.90 22.54
N GLN F 312 -30.61 16.40 23.52
CA GLN F 312 -29.68 17.25 24.27
C GLN F 312 -28.40 17.44 23.48
N SER F 313 -28.29 16.70 22.38
CA SER F 313 -27.11 16.78 21.52
C SER F 313 -27.25 17.95 20.54
N ILE F 314 -26.41 18.97 20.74
CA ILE F 314 -26.43 20.15 19.89
C ILE F 314 -25.23 20.15 18.95
N VAL F 315 -24.75 18.94 18.65
CA VAL F 315 -23.60 18.76 17.78
C VAL F 315 -23.69 19.50 16.44
N ILE F 316 -24.84 19.43 15.78
CA ILE F 316 -25.01 20.12 14.50
C ILE F 316 -25.10 21.64 14.66
N PRO F 317 -25.95 22.13 15.57
CA PRO F 317 -26.07 23.59 15.78
C PRO F 317 -24.67 24.15 16.01
N GLU F 318 -23.89 23.38 16.75
CA GLU F 318 -22.52 23.74 17.07
C GLU F 318 -21.74 23.86 15.76
N ALA F 319 -21.72 22.78 14.99
CA ALA F 319 -21.01 22.76 13.71
C ALA F 319 -21.44 23.94 12.85
N ALA F 320 -22.74 24.22 12.85
CA ALA F 320 -23.29 25.32 12.07
C ALA F 320 -22.62 26.65 12.44
N ASN F 321 -22.41 26.87 13.73
CA ASN F 321 -21.79 28.10 14.24
C ASN F 321 -20.36 28.30 13.74
N ARG F 322 -19.76 27.25 13.18
CA ARG F 322 -18.41 27.38 12.67
C ARG F 322 -18.42 28.41 11.55
N GLU F 323 -19.55 28.56 10.88
CA GLU F 323 -19.68 29.53 9.79
C GLU F 323 -19.61 30.94 10.36
N ILE F 324 -20.24 31.13 11.52
CA ILE F 324 -20.26 32.43 12.17
C ILE F 324 -18.88 32.83 12.68
N SER F 325 -18.28 31.99 13.52
CA SER F 325 -16.95 32.28 14.05
C SER F 325 -15.99 32.64 12.92
N ALA F 326 -16.10 31.93 11.81
CA ALA F 326 -15.24 32.16 10.65
C ALA F 326 -15.57 33.49 9.99
N THR F 327 -16.85 33.79 9.87
CA THR F 327 -17.25 35.06 9.25
C THR F 327 -16.81 36.25 10.12
N VAL F 328 -16.92 36.11 11.43
CA VAL F 328 -16.51 37.18 12.33
C VAL F 328 -14.99 37.39 12.23
N VAL F 329 -14.23 36.31 12.34
CA VAL F 329 -12.76 36.39 12.24
C VAL F 329 -12.34 36.96 10.89
N LEU F 330 -12.91 36.40 9.84
CA LEU F 330 -12.58 36.85 8.50
C LEU F 330 -12.91 38.33 8.33
N LYS F 331 -14.03 38.75 8.93
CA LYS F 331 -14.44 40.16 8.84
C LYS F 331 -13.41 41.03 9.53
N ARG F 332 -13.10 40.72 10.78
CA ARG F 332 -12.12 41.49 11.55
C ARG F 332 -10.82 41.61 10.78
N LEU F 333 -10.37 40.52 10.19
CA LEU F 333 -9.12 40.53 9.43
C LEU F 333 -9.21 41.48 8.24
N LEU F 334 -10.33 41.44 7.53
CA LEU F 334 -10.53 42.32 6.40
C LEU F 334 -10.46 43.77 6.87
N GLU F 335 -11.26 44.09 7.89
CA GLU F 335 -11.32 45.43 8.45
C GLU F 335 -9.96 45.99 8.80
N ASN F 336 -8.99 45.11 9.00
CA ASN F 336 -7.66 45.56 9.38
C ASN F 336 -6.64 45.45 8.24
N LEU F 337 -7.10 45.09 7.05
CA LEU F 337 -6.20 44.96 5.92
C LEU F 337 -5.69 46.34 5.55
N PRO F 338 -4.40 46.43 5.16
CA PRO F 338 -3.84 47.73 4.78
C PRO F 338 -4.47 48.24 3.48
S SO4 G . 18.47 -42.38 9.61
O1 SO4 G . 19.62 -43.16 9.10
O2 SO4 G . 18.83 -40.94 9.69
O3 SO4 G . 17.33 -42.55 8.70
O4 SO4 G . 18.12 -42.88 10.96
CA SN0 H . 25.83 -8.26 -0.76
C SN0 H . 27.12 -7.58 -0.30
O SN0 H . 27.54 -7.83 0.85
OXT SN0 H . 27.69 -6.79 -1.10
CB SN0 H . 26.13 -9.61 -1.39
CG SN0 H . 26.76 -10.61 -0.46
CD SN0 H . 26.90 -11.95 -1.17
N1 SN0 H . 25.18 -7.51 -1.84
C1 SN0 H . 23.92 -7.07 -1.81
O1 SN0 H . 23.33 -6.83 -0.75
C2 SN0 H . 23.30 -6.89 -3.18
C3 SN0 H . 22.13 -5.93 -3.24
C4 SN0 H . 21.87 -5.42 -4.66
OD1 SN0 H . 22.49 -5.86 -5.67
OD2 SN0 H . 20.99 -4.54 -4.75
N CP I . 27.43 -14.94 -1.91
C CP I . 26.29 -15.07 -1.23
O CP I . 26.24 -15.22 -0.01
O4P CP I . 25.13 -15.01 -2.03
P CP I . 23.73 -14.87 -1.25
O1P CP I . 23.62 -13.46 -0.53
O2P CP I . 23.58 -16.02 -0.13
O3P CP I . 22.61 -14.95 -2.41
CA SN0 J . 1.64 -12.54 22.69
C SN0 J . 0.64 -12.49 23.86
O SN0 J . -0.27 -13.35 23.88
OXT SN0 J . 0.78 -11.59 24.71
CB SN0 J . 2.38 -13.88 22.71
CG SN0 J . 3.14 -14.14 23.98
CD SN0 J . 3.99 -15.41 23.87
N1 SN0 J . 2.52 -11.38 22.59
C1 SN0 J . 2.36 -10.36 21.74
O1 SN0 J . 1.44 -10.33 20.92
C2 SN0 J . 3.40 -9.28 21.87
C3 SN0 J . 3.19 -8.05 20.99
C4 SN0 J . 4.17 -6.96 21.38
OD1 SN0 J . 5.07 -7.13 22.23
OD2 SN0 J . 4.02 -5.87 20.80
N CP K . 6.52 -17.51 24.69
C CP K . 6.28 -17.72 23.40
O CP K . 5.50 -18.58 22.99
O4P CP K . 7.04 -16.84 22.59
P CP K . 6.92 -16.91 20.98
O1P CP K . 5.64 -16.04 20.62
O2P CP K . 6.66 -18.39 20.39
O3P CP K . 8.31 -16.25 20.46
CA SN0 L . -4.32 -20.85 -9.32
C SN0 L . -4.66 -21.14 -10.78
O SN0 L . -3.76 -21.62 -11.52
OXT SN0 L . -5.83 -20.88 -11.17
CB SN0 L . -3.72 -22.11 -8.68
CG SN0 L . -4.68 -23.26 -8.61
CD SN0 L . -3.94 -24.53 -8.26
N1 SN0 L . -5.40 -20.30 -8.50
C1 SN0 L . -5.28 -19.03 -8.09
O1 SN0 L . -4.23 -18.40 -8.23
C2 SN0 L . -6.54 -18.46 -7.46
C3 SN0 L . -6.34 -17.05 -6.89
C4 SN0 L . -7.57 -16.47 -6.26
OD1 SN0 L . -8.61 -17.13 -6.05
OD2 SN0 L . -7.50 -15.26 -5.96
N CP M . -4.06 -27.17 -5.68
C CP M . -2.90 -26.56 -5.91
O CP M . -1.94 -27.12 -6.43
O4P CP M . -2.86 -25.17 -5.52
P CP M . -2.00 -24.79 -4.22
O1P CP M . -1.64 -23.25 -4.36
O2P CP M . -0.70 -25.70 -4.24
O3P CP M . -2.89 -25.04 -2.87
S SO4 N . -21.21 41.66 -8.53
O1 SO4 N . -21.36 40.80 -7.35
O2 SO4 N . -22.08 41.16 -9.62
O3 SO4 N . -21.62 43.05 -8.19
O4 SO4 N . -19.81 41.65 -8.98
CA SN0 O . 8.97 21.43 -13.99
C SN0 O . 9.86 21.61 -15.21
O SN0 O . 9.33 21.63 -16.35
OXT SN0 O . 11.09 21.71 -15.03
CB SN0 O . 7.98 22.59 -13.88
CG SN0 O . 8.60 23.90 -13.42
CD SN0 O . 7.61 25.03 -13.52
N1 SN0 O . 9.64 21.04 -12.74
C1 SN0 O . 9.54 19.81 -12.21
O1 SN0 O . 8.87 18.92 -12.74
C2 SN0 O . 10.33 19.62 -10.93
C3 SN0 O . 9.78 18.52 -10.02
C4 SN0 O . 10.84 17.97 -9.11
OD1 SN0 O . 11.58 18.74 -8.46
OD2 SN0 O . 10.95 16.74 -9.05
N CP P . 6.65 27.68 -12.38
C CP P . 5.57 27.00 -12.02
O CP P . 4.68 26.70 -12.83
O4P CP P . 5.54 26.66 -10.64
P CP P . 4.43 25.55 -10.34
O1P CP P . 4.87 24.25 -11.19
O2P CP P . 2.99 26.00 -10.87
O3P CP P . 4.49 25.34 -8.74
CA SN0 Q . -20.80 5.71 -15.36
C SN0 Q . -22.15 5.01 -15.20
O SN0 Q . -22.87 5.34 -14.25
OXT SN0 Q . -22.48 4.13 -16.04
CB SN0 Q . -20.98 6.98 -16.20
CG SN0 Q . -22.13 7.86 -15.74
CD SN0 Q . -22.37 9.02 -16.69
N1 SN0 Q . -19.75 4.91 -16.00
C1 SN0 Q . -18.57 4.57 -15.48
O1 SN0 Q . -18.39 4.53 -14.25
C2 SN0 Q . -17.50 4.24 -16.52
C3 SN0 Q . -16.36 3.45 -15.93
C4 SN0 Q . -15.31 2.99 -16.91
OD1 SN0 Q . -15.57 2.96 -18.14
OD2 SN0 Q . -14.21 2.64 -16.45
N CP R . -22.51 11.71 -18.15
C CP R . -21.81 12.08 -17.09
O CP R . -22.34 12.41 -16.02
O4P CP R . -20.40 12.05 -17.39
P CP R . -19.43 12.30 -16.12
O1P CP R . -19.38 10.99 -15.15
O2P CP R . -19.97 13.55 -15.25
O3P CP R . -18.00 12.46 -16.88
CA SN0 S . -8.41 16.04 14.72
C SN0 S . -8.18 16.37 16.20
O SN0 S . -7.44 17.33 16.51
OXT SN0 S . -8.75 15.66 17.05
CB SN0 S . -9.24 17.13 14.05
CG SN0 S . -10.57 17.39 14.73
CD SN0 S . -11.36 18.46 14.00
N1 SN0 S . -9.19 14.80 14.52
C1 SN0 S . -8.78 13.77 13.78
O1 SN0 S . -7.72 13.80 13.13
C2 SN0 S . -9.72 12.57 13.82
C3 SN0 S . -9.13 11.35 13.10
C4 SN0 S . -9.92 10.07 13.29
OD1 SN0 S . -10.90 10.06 14.06
OD2 SN0 S . -9.54 9.06 12.66
N CP T . -14.09 20.73 13.55
C CP T . -13.31 20.47 12.51
O CP T . -12.27 21.11 12.28
O4P CP T . -13.79 19.39 11.73
P CP T . -13.12 19.25 10.28
O1P CP T . -11.80 18.33 10.37
O2P CP T . -12.67 20.65 9.72
O3P CP T . -14.19 18.57 9.27
#